data_8BHR
#
_entry.id   8BHR
#
_cell.length_a   1.00
_cell.length_b   1.00
_cell.length_c   1.00
_cell.angle_alpha   90.00
_cell.angle_beta   90.00
_cell.angle_gamma   90.00
#
_symmetry.space_group_name_H-M   'P 1'
#
loop_
_entity.id
_entity.type
_entity.pdbx_description
1 polymer 'Gamma-aminobutyric acid receptor subunit alpha-5'
2 non-polymer 2-acetamido-2-deoxy-beta-D-glucopyranose
3 non-polymer 6-[[5-methyl-3-(6-methylpyridin-3-yl)-1,2-oxazol-4-yl]methoxy]-~{N}-[(2~{S})-1-oxidanylpentan-2-yl]pyridine-3-carboxamide
#
_entity_poly.entity_id   1
_entity_poly.type   'polypeptide(L)'
_entity_poly.pdbx_seq_one_letter_code
;QMPTSSVKDETNDNITIFTRILDGLLDGYDNRLRPGLGERITQVRTDMYVNSFGPVSDTEMEYTIDIFFAQTWKDERLRF
KGPMQRLPLNNLLASKIWTPDTFFHNGKKSFAHWMTTPNRMLRIWNDGRVLYTLRLTISAECPMDLEDFPMDEQNCPLKF
GSYAYPNSEVVYVWTNGSTKSVVVAEDGSRLNQYHLMGQTVGTENISTSTGEYTIMTAHFHLKRKIGYFVIQTYLPCIMT
VILSQVSFWLNRESVAARTVFGVTTVLTMTTLSISARNSLPKVAYATAMDWFIAVCYAFVFSALLEFAFVNYITKSQPAR
AAKIDKMSRIVFPILFGTFNLVYWATYLNGTTETSQVAPA
;
_entity_poly.pdbx_strand_id   A,B,C,D,E
#
# COMPACT_ATOMS: atom_id res chain seq x y z
N ASN A 14 -19.91 -51.93 -9.68
CA ASN A 14 -18.68 -52.36 -9.01
C ASN A 14 -18.18 -51.28 -8.07
N ILE A 15 -18.33 -50.01 -8.48
CA ILE A 15 -17.86 -48.91 -7.67
C ILE A 15 -18.62 -48.80 -6.36
N THR A 16 -19.83 -49.35 -6.28
CA THR A 16 -20.64 -49.21 -5.07
C THR A 16 -19.96 -49.82 -3.85
N ILE A 17 -19.02 -50.75 -4.05
CA ILE A 17 -18.34 -51.35 -2.91
C ILE A 17 -17.59 -50.29 -2.11
N PHE A 18 -16.92 -49.37 -2.82
CA PHE A 18 -16.17 -48.33 -2.13
C PHE A 18 -17.09 -47.44 -1.30
N THR A 19 -18.28 -47.16 -1.80
CA THR A 19 -19.21 -46.31 -1.07
C THR A 19 -19.58 -46.92 0.27
N ARG A 20 -19.82 -48.23 0.30
CA ARG A 20 -20.17 -48.89 1.55
C ARG A 20 -19.03 -48.81 2.57
N ILE A 21 -17.79 -48.93 2.09
CA ILE A 21 -16.64 -48.91 3.00
C ILE A 21 -16.58 -47.57 3.72
N LEU A 22 -16.78 -46.46 3.00
CA LEU A 22 -16.68 -45.15 3.62
C LEU A 22 -17.71 -44.98 4.72
N ASP A 23 -18.95 -45.42 4.47
CA ASP A 23 -19.99 -45.28 5.48
C ASP A 23 -19.66 -46.09 6.73
N GLY A 24 -19.11 -47.29 6.55
CA GLY A 24 -18.77 -48.11 7.69
C GLY A 24 -17.76 -47.44 8.61
N LEU A 25 -16.72 -46.83 8.03
CA LEU A 25 -15.72 -46.16 8.84
C LEU A 25 -16.31 -45.02 9.63
N LEU A 26 -17.17 -44.21 9.00
CA LEU A 26 -17.77 -43.08 9.67
C LEU A 26 -18.72 -43.50 10.78
N ASP A 27 -19.25 -44.71 10.73
CA ASP A 27 -20.17 -45.16 11.77
C ASP A 27 -19.46 -45.22 13.11
N GLY A 28 -20.08 -44.63 14.12
CA GLY A 28 -19.48 -44.62 15.45
C GLY A 28 -18.13 -43.95 15.50
N TYR A 29 -17.96 -42.86 14.74
CA TYR A 29 -16.71 -42.13 14.68
C TYR A 29 -16.89 -40.77 15.30
N ASP A 30 -16.05 -40.45 16.30
CA ASP A 30 -16.10 -39.18 16.99
C ASP A 30 -14.85 -38.39 16.59
N ASN A 31 -15.05 -37.34 15.79
CA ASN A 31 -13.94 -36.52 15.32
C ASN A 31 -13.33 -35.66 16.41
N ARG A 32 -13.98 -35.57 17.57
CA ARG A 32 -13.49 -34.74 18.66
C ARG A 32 -12.52 -35.48 19.58
N LEU A 33 -12.30 -36.77 19.37
CA LEU A 33 -11.44 -37.58 20.21
C LEU A 33 -10.30 -38.15 19.36
N ARG A 34 -9.07 -37.95 19.83
CA ARG A 34 -7.92 -38.46 19.11
C ARG A 34 -7.84 -39.98 19.23
N PRO A 35 -7.21 -40.65 18.28
CA PRO A 35 -7.06 -42.10 18.38
C PRO A 35 -6.21 -42.49 19.58
N GLY A 36 -6.55 -43.64 20.16
CA GLY A 36 -5.80 -44.13 21.31
C GLY A 36 -5.85 -43.20 22.50
N LEU A 37 -7.02 -42.62 22.78
CA LEU A 37 -7.15 -41.73 23.92
C LEU A 37 -7.11 -42.52 25.21
N GLY A 38 -6.30 -42.04 26.16
CA GLY A 38 -6.18 -42.70 27.45
C GLY A 38 -5.58 -44.09 27.39
N GLU A 39 -4.93 -44.44 26.28
CA GLU A 39 -4.32 -45.75 26.13
C GLU A 39 -2.85 -45.69 25.75
N ARG A 40 -2.45 -44.71 24.96
CA ARG A 40 -1.06 -44.58 24.51
C ARG A 40 -0.83 -43.13 24.11
N ILE A 41 0.30 -42.89 23.44
CA ILE A 41 0.68 -41.55 23.00
C ILE A 41 0.70 -41.54 21.47
N THR A 42 -0.03 -40.61 20.88
CA THR A 42 -0.07 -40.48 19.44
C THR A 42 1.26 -39.95 18.91
N GLN A 43 1.67 -40.45 17.76
CA GLN A 43 2.93 -40.05 17.12
C GLN A 43 2.63 -39.54 15.73
N VAL A 44 3.21 -38.39 15.38
CA VAL A 44 2.96 -37.72 14.11
C VAL A 44 4.29 -37.51 13.41
N ARG A 45 4.34 -37.84 12.12
CA ARG A 45 5.53 -37.65 11.30
C ARG A 45 5.28 -36.53 10.30
N THR A 46 6.19 -35.55 10.29
CA THR A 46 6.03 -34.34 9.50
C THR A 46 7.13 -34.26 8.45
N ASP A 47 6.74 -33.96 7.22
CA ASP A 47 7.68 -33.70 6.13
C ASP A 47 7.23 -32.45 5.38
N MET A 48 8.20 -31.72 4.86
CA MET A 48 7.96 -30.42 4.25
C MET A 48 8.65 -30.33 2.90
N TYR A 49 8.04 -29.56 1.99
CA TYR A 49 8.63 -29.26 0.69
C TYR A 49 8.38 -27.78 0.40
N VAL A 50 9.45 -27.03 0.17
CA VAL A 50 9.35 -25.60 -0.06
C VAL A 50 9.23 -25.37 -1.57
N ASN A 51 8.02 -25.03 -2.02
CA ASN A 51 7.80 -24.75 -3.43
C ASN A 51 8.58 -23.52 -3.87
N SER A 52 8.59 -22.48 -3.06
CA SER A 52 9.31 -21.26 -3.38
C SER A 52 9.54 -20.46 -2.11
N PHE A 53 10.73 -19.89 -1.99
CA PHE A 53 11.08 -19.05 -0.84
C PHE A 53 10.78 -17.60 -1.20
N GLY A 54 9.91 -16.97 -0.41
CA GLY A 54 9.44 -15.65 -0.72
C GLY A 54 10.45 -14.58 -0.40
N PRO A 55 10.11 -13.34 -0.74
CA PRO A 55 11.01 -12.22 -0.48
C PRO A 55 11.19 -11.99 1.01
N VAL A 56 12.36 -11.47 1.36
CA VAL A 56 12.71 -11.15 2.74
C VAL A 56 12.68 -9.63 2.87
N SER A 57 11.83 -9.13 3.77
CA SER A 57 11.68 -7.70 4.00
C SER A 57 12.44 -7.33 5.26
N ASP A 58 13.59 -6.68 5.10
CA ASP A 58 14.39 -6.27 6.25
C ASP A 58 13.65 -5.25 7.09
N THR A 59 12.95 -4.32 6.45
CA THR A 59 12.23 -3.29 7.20
C THR A 59 11.19 -3.90 8.13
N GLU A 60 10.42 -4.86 7.63
CA GLU A 60 9.38 -5.50 8.42
C GLU A 60 9.86 -6.77 9.13
N MET A 61 11.10 -7.18 8.90
CA MET A 61 11.68 -8.35 9.57
C MET A 61 10.79 -9.58 9.37
N GLU A 62 10.30 -9.77 8.15
CA GLU A 62 9.45 -10.90 7.83
C GLU A 62 9.89 -11.51 6.51
N TYR A 63 9.62 -12.80 6.35
CA TYR A 63 9.92 -13.52 5.12
C TYR A 63 8.74 -14.41 4.76
N THR A 64 8.36 -14.40 3.49
CA THR A 64 7.27 -15.22 2.99
C THR A 64 7.80 -16.54 2.45
N ILE A 65 6.98 -17.57 2.55
CA ILE A 65 7.36 -18.91 2.10
C ILE A 65 6.11 -19.69 1.76
N ASP A 66 6.20 -20.54 0.74
CA ASP A 66 5.12 -21.43 0.34
C ASP A 66 5.61 -22.86 0.42
N ILE A 67 4.82 -23.72 1.08
CA ILE A 67 5.22 -25.09 1.35
C ILE A 67 4.05 -26.03 1.15
N PHE A 68 4.38 -27.31 1.00
CA PHE A 68 3.41 -28.40 0.96
C PHE A 68 3.57 -29.18 2.26
N PHE A 69 2.86 -28.74 3.30
CA PHE A 69 2.98 -29.37 4.61
C PHE A 69 2.27 -30.71 4.61
N ALA A 70 2.95 -31.74 5.10
CA ALA A 70 2.41 -33.09 5.15
C ALA A 70 2.55 -33.65 6.55
N GLN A 71 1.52 -34.35 7.01
CA GLN A 71 1.49 -34.95 8.33
C GLN A 71 0.98 -36.38 8.21
N THR A 72 1.67 -37.30 8.90
CA THR A 72 1.31 -38.71 8.91
C THR A 72 1.14 -39.17 10.35
N TRP A 73 0.10 -39.97 10.60
CA TRP A 73 -0.17 -40.50 11.92
C TRP A 73 -0.86 -41.84 11.76
N LYS A 74 -1.40 -42.35 12.87
CA LYS A 74 -2.05 -43.66 12.91
C LYS A 74 -3.43 -43.53 13.52
N ASP A 75 -4.38 -44.28 12.97
CA ASP A 75 -5.76 -44.28 13.48
C ASP A 75 -6.32 -45.67 13.28
N GLU A 76 -6.56 -46.38 14.39
CA GLU A 76 -7.05 -47.75 14.29
C GLU A 76 -8.50 -47.80 13.85
N ARG A 77 -9.27 -46.74 14.12
CA ARG A 77 -10.69 -46.73 13.78
C ARG A 77 -10.94 -46.73 12.28
N LEU A 78 -9.94 -46.45 11.46
CA LEU A 78 -10.10 -46.35 10.02
C LEU A 78 -9.72 -47.64 9.29
N ARG A 79 -9.46 -48.72 10.02
CA ARG A 79 -9.12 -49.98 9.38
C ARG A 79 -10.24 -50.44 8.47
N PHE A 80 -9.86 -50.95 7.30
CA PHE A 80 -10.84 -51.42 6.32
C PHE A 80 -10.22 -52.54 5.51
N LYS A 81 -11.08 -53.34 4.87
CA LYS A 81 -10.66 -54.44 4.02
C LYS A 81 -11.32 -54.28 2.65
N GLY A 82 -10.50 -54.38 1.61
CA GLY A 82 -10.99 -54.24 0.26
C GLY A 82 -9.94 -54.57 -0.78
N PRO A 83 -10.34 -54.64 -2.05
CA PRO A 83 -9.37 -54.98 -3.10
C PRO A 83 -8.23 -54.00 -3.22
N MET A 84 -8.48 -52.71 -2.97
CA MET A 84 -7.48 -51.67 -3.14
C MET A 84 -6.86 -51.32 -1.80
N GLN A 85 -5.53 -51.23 -1.77
CA GLN A 85 -4.81 -50.90 -0.55
C GLN A 85 -4.75 -49.40 -0.28
N ARG A 86 -5.16 -48.57 -1.24
CA ARG A 86 -5.11 -47.12 -1.09
C ARG A 86 -6.44 -46.53 -1.54
N LEU A 87 -6.82 -45.43 -0.89
CA LEU A 87 -8.08 -44.74 -1.15
C LEU A 87 -7.81 -43.25 -1.34
N PRO A 88 -7.38 -42.84 -2.53
CA PRO A 88 -7.23 -41.40 -2.79
C PRO A 88 -8.55 -40.68 -2.62
N LEU A 89 -8.48 -39.49 -2.04
CA LEU A 89 -9.68 -38.72 -1.73
C LEU A 89 -9.33 -37.23 -1.80
N ASN A 90 -10.22 -36.39 -1.29
CA ASN A 90 -10.08 -34.94 -1.36
C ASN A 90 -10.46 -34.36 0.00
N ASN A 91 -10.62 -33.04 0.04
CA ASN A 91 -10.93 -32.33 1.28
C ASN A 91 -12.31 -32.66 1.82
N LEU A 92 -13.17 -33.31 1.04
CA LEU A 92 -14.55 -33.56 1.48
C LEU A 92 -14.56 -34.40 2.75
N LEU A 93 -13.74 -35.44 2.82
CA LEU A 93 -13.71 -36.32 3.98
C LEU A 93 -12.82 -35.80 5.09
N ALA A 94 -12.01 -34.78 4.84
CA ALA A 94 -11.08 -34.30 5.86
C ALA A 94 -11.83 -33.75 7.06
N SER A 95 -12.91 -33.01 6.84
CA SER A 95 -13.66 -32.41 7.93
C SER A 95 -14.42 -33.43 8.77
N LYS A 96 -14.55 -34.67 8.32
CA LYS A 96 -15.33 -35.68 9.01
C LYS A 96 -14.49 -36.56 9.92
N ILE A 97 -13.19 -36.29 10.06
CA ILE A 97 -12.31 -37.09 10.89
C ILE A 97 -11.46 -36.16 11.76
N TRP A 98 -10.57 -36.76 12.53
CA TRP A 98 -9.72 -36.02 13.45
C TRP A 98 -8.39 -35.70 12.79
N THR A 99 -7.96 -34.45 12.91
CA THR A 99 -6.68 -34.00 12.41
C THR A 99 -5.98 -33.17 13.48
N PRO A 100 -4.65 -33.17 13.49
CA PRO A 100 -3.92 -32.41 14.51
C PRO A 100 -4.12 -30.91 14.35
N ASP A 101 -4.09 -30.21 15.48
CA ASP A 101 -4.24 -28.75 15.50
C ASP A 101 -2.89 -28.06 15.42
N THR A 102 -2.12 -28.40 14.39
CA THR A 102 -0.80 -27.81 14.22
C THR A 102 -0.91 -26.33 13.86
N PHE A 103 0.05 -25.56 14.37
CA PHE A 103 0.10 -24.12 14.09
C PHE A 103 1.55 -23.65 14.19
N PHE A 104 1.80 -22.47 13.64
CA PHE A 104 3.13 -21.87 13.62
C PHE A 104 3.21 -20.78 14.67
N HIS A 105 4.14 -20.94 15.61
CA HIS A 105 4.26 -20.00 16.72
C HIS A 105 4.65 -18.61 16.22
N ASN A 106 5.58 -18.54 15.26
CA ASN A 106 6.11 -17.27 14.77
C ASN A 106 5.39 -16.79 13.52
N GLY A 107 4.33 -17.46 13.08
CA GLY A 107 3.61 -17.05 11.90
C GLY A 107 2.69 -15.87 12.16
N LYS A 108 3.06 -14.70 11.67
CA LYS A 108 2.24 -13.51 11.88
C LYS A 108 0.89 -13.64 11.18
N LYS A 109 0.88 -14.14 9.95
CA LYS A 109 -0.36 -14.25 9.19
C LYS A 109 -0.17 -15.34 8.14
N SER A 110 -0.90 -16.44 8.28
CA SER A 110 -0.84 -17.56 7.37
C SER A 110 -2.19 -17.73 6.69
N PHE A 111 -2.18 -17.84 5.37
CA PHE A 111 -3.38 -18.05 4.58
C PHE A 111 -3.17 -19.22 3.64
N ALA A 112 -4.26 -19.94 3.37
CA ALA A 112 -4.23 -21.10 2.51
C ALA A 112 -4.67 -20.73 1.10
N HIS A 113 -4.62 -21.72 0.20
CA HIS A 113 -4.98 -21.54 -1.19
C HIS A 113 -6.25 -22.34 -1.47
N TRP A 114 -7.19 -21.71 -2.18
CA TRP A 114 -8.51 -22.29 -2.39
C TRP A 114 -8.79 -22.66 -3.84
N MET A 115 -8.63 -21.73 -4.78
CA MET A 115 -8.96 -22.02 -6.16
C MET A 115 -7.89 -22.91 -6.79
N THR A 116 -8.31 -23.77 -7.73
CA THR A 116 -9.69 -23.97 -8.17
C THR A 116 -10.47 -24.79 -7.14
N THR A 117 -9.77 -25.73 -6.51
CA THR A 117 -10.34 -26.58 -5.49
C THR A 117 -9.42 -26.57 -4.28
N PRO A 118 -9.95 -26.61 -3.05
CA PRO A 118 -9.08 -26.59 -1.87
C PRO A 118 -7.93 -27.57 -1.96
N ASN A 119 -6.71 -27.05 -1.87
CA ASN A 119 -5.50 -27.84 -2.08
C ASN A 119 -5.25 -28.72 -0.84
N ARG A 120 -5.92 -29.86 -0.82
CA ARG A 120 -5.78 -30.82 0.27
C ARG A 120 -5.95 -32.23 -0.28
N MET A 121 -5.31 -33.19 0.39
CA MET A 121 -5.41 -34.59 0.02
C MET A 121 -5.56 -35.42 1.29
N LEU A 122 -6.19 -36.58 1.14
CA LEU A 122 -6.41 -37.48 2.27
C LEU A 122 -6.32 -38.91 1.75
N ARG A 123 -5.31 -39.64 2.19
CA ARG A 123 -5.10 -41.03 1.79
C ARG A 123 -5.12 -41.93 3.01
N ILE A 124 -5.78 -43.08 2.86
CA ILE A 124 -5.97 -44.02 3.95
C ILE A 124 -5.60 -45.42 3.47
N TRP A 125 -4.89 -46.15 4.32
CA TRP A 125 -4.49 -47.52 4.05
C TRP A 125 -5.23 -48.47 4.98
N ASN A 126 -5.09 -49.78 4.71
CA ASN A 126 -5.78 -50.78 5.50
C ASN A 126 -5.34 -50.75 6.96
N ASP A 127 -4.04 -50.59 7.20
CA ASP A 127 -3.52 -50.58 8.56
C ASP A 127 -4.00 -49.37 9.36
N GLY A 128 -4.57 -48.37 8.71
CA GLY A 128 -5.02 -47.17 9.38
C GLY A 128 -4.12 -45.97 9.21
N ARG A 129 -2.95 -46.15 8.60
CA ARG A 129 -2.05 -45.02 8.37
C ARG A 129 -2.74 -43.97 7.50
N VAL A 130 -2.53 -42.70 7.87
CA VAL A 130 -3.19 -41.57 7.21
C VAL A 130 -2.13 -40.60 6.74
N LEU A 131 -2.30 -40.09 5.52
CA LEU A 131 -1.41 -39.09 4.94
C LEU A 131 -2.23 -37.85 4.61
N TYR A 132 -2.05 -36.80 5.38
CA TYR A 132 -2.76 -35.53 5.19
C TYR A 132 -1.75 -34.47 4.80
N THR A 133 -2.01 -33.80 3.68
CA THR A 133 -1.12 -32.78 3.16
C THR A 133 -1.90 -31.50 2.91
N LEU A 134 -1.20 -30.37 3.01
CA LEU A 134 -1.82 -29.07 2.91
C LEU A 134 -0.82 -28.07 2.34
N ARG A 135 -1.33 -27.10 1.60
CA ARG A 135 -0.52 -26.05 1.00
C ARG A 135 -0.77 -24.75 1.76
N LEU A 136 0.31 -24.07 2.13
CA LEU A 136 0.22 -22.89 2.99
C LEU A 136 1.21 -21.83 2.53
N THR A 137 0.91 -20.59 2.91
CA THR A 137 1.82 -19.47 2.75
C THR A 137 1.98 -18.81 4.11
N ILE A 138 3.22 -18.69 4.56
CA ILE A 138 3.52 -18.25 5.92
C ILE A 138 4.29 -16.95 5.84
N SER A 139 3.75 -15.90 6.47
CA SER A 139 4.45 -14.62 6.62
C SER A 139 5.04 -14.57 8.02
N ALA A 140 6.14 -15.30 8.20
CA ALA A 140 6.79 -15.39 9.49
C ALA A 140 7.69 -14.17 9.73
N GLU A 141 8.28 -14.11 10.91
CA GLU A 141 9.17 -13.02 11.30
C GLU A 141 10.58 -13.54 11.50
N CYS A 142 11.56 -12.80 10.99
CA CYS A 142 12.98 -13.19 11.04
C CYS A 142 13.77 -12.07 11.71
N PRO A 143 13.99 -12.13 13.02
CA PRO A 143 14.84 -11.13 13.67
C PRO A 143 16.26 -11.18 13.12
N MET A 144 16.87 -10.00 13.03
CA MET A 144 18.21 -9.88 12.45
C MET A 144 19.02 -8.89 13.26
N ASP A 145 20.34 -9.03 13.19
CA ASP A 145 21.30 -8.14 13.83
C ASP A 145 22.17 -7.54 12.74
N LEU A 146 21.84 -6.31 12.33
CA LEU A 146 22.54 -5.64 11.24
C LEU A 146 23.78 -4.92 11.73
N GLU A 147 24.66 -5.65 12.42
CA GLU A 147 25.91 -5.07 12.90
C GLU A 147 27.01 -5.10 11.85
N ASP A 148 27.04 -6.13 11.00
CA ASP A 148 28.01 -6.24 9.92
C ASP A 148 27.37 -5.99 8.56
N PHE A 149 26.25 -5.26 8.53
CA PHE A 149 25.56 -5.01 7.27
C PHE A 149 26.50 -4.25 6.33
N PRO A 150 26.51 -4.59 5.03
CA PRO A 150 25.74 -5.63 4.35
C PRO A 150 26.36 -7.02 4.45
N MET A 151 27.57 -7.17 4.98
CA MET A 151 28.20 -8.48 5.12
C MET A 151 27.64 -9.16 6.38
N ASP A 152 26.40 -9.60 6.26
CA ASP A 152 25.67 -10.21 7.37
C ASP A 152 25.11 -11.55 6.94
N GLU A 153 25.13 -12.51 7.86
CA GLU A 153 24.53 -13.83 7.67
C GLU A 153 23.35 -13.97 8.61
N GLN A 154 22.20 -14.36 8.08
CA GLN A 154 20.96 -14.42 8.83
C GLN A 154 20.48 -15.86 8.93
N ASN A 155 19.80 -16.16 10.03
CA ASN A 155 19.27 -17.49 10.33
C ASN A 155 17.78 -17.33 10.60
N CYS A 156 16.97 -17.39 9.55
CA CYS A 156 15.53 -17.22 9.70
C CYS A 156 14.89 -18.55 10.07
N PRO A 157 14.24 -18.65 11.25
CA PRO A 157 13.69 -19.94 11.66
C PRO A 157 12.25 -20.15 11.22
N LEU A 158 11.70 -21.32 11.54
CA LEU A 158 10.30 -21.63 11.27
C LEU A 158 9.86 -22.65 12.31
N LYS A 159 9.09 -22.20 13.29
CA LYS A 159 8.66 -23.03 14.41
C LYS A 159 7.18 -23.36 14.30
N PHE A 160 6.85 -24.63 14.57
CA PHE A 160 5.46 -25.05 14.58
C PHE A 160 5.29 -26.19 15.57
N GLY A 161 4.05 -26.39 15.99
CA GLY A 161 3.74 -27.43 16.95
C GLY A 161 2.27 -27.42 17.28
N SER A 162 1.90 -28.30 18.20
CA SER A 162 0.51 -28.42 18.61
C SER A 162 0.10 -27.24 19.48
N TYR A 163 -1.20 -26.98 19.51
CA TYR A 163 -1.78 -25.88 20.29
C TYR A 163 -2.43 -26.36 21.57
N ALA A 164 -3.23 -27.43 21.49
CA ALA A 164 -3.99 -27.91 22.64
C ALA A 164 -3.54 -29.25 23.17
N TYR A 165 -2.76 -30.01 22.41
CA TYR A 165 -2.34 -31.34 22.83
C TYR A 165 -0.94 -31.28 23.40
N PRO A 166 -0.75 -31.53 24.70
CA PRO A 166 0.61 -31.45 25.28
C PRO A 166 1.56 -32.49 24.73
N ASN A 167 2.80 -32.47 25.22
CA ASN A 167 3.80 -33.43 24.78
C ASN A 167 3.50 -34.84 25.24
N SER A 168 2.61 -35.01 26.21
CA SER A 168 2.27 -36.34 26.72
C SER A 168 1.23 -37.05 25.87
N GLU A 169 0.66 -36.39 24.88
CA GLU A 169 -0.36 -36.98 24.01
C GLU A 169 0.05 -37.01 22.55
N VAL A 170 0.66 -35.94 22.05
CA VAL A 170 1.06 -35.83 20.65
C VAL A 170 2.53 -35.45 20.59
N VAL A 171 3.29 -36.15 19.77
CA VAL A 171 4.72 -35.91 19.60
C VAL A 171 5.01 -35.78 18.12
N TYR A 172 5.78 -34.76 17.75
CA TYR A 172 6.16 -34.51 16.36
C TYR A 172 7.61 -34.93 16.15
N VAL A 173 7.84 -35.77 15.15
CA VAL A 173 9.18 -36.25 14.82
C VAL A 173 9.35 -36.23 13.31
N TRP A 174 10.48 -35.72 12.85
CA TRP A 174 10.77 -35.71 11.42
C TRP A 174 10.93 -37.13 10.89
N THR A 175 10.46 -37.35 9.66
CA THR A 175 10.53 -38.65 9.03
C THR A 175 11.84 -38.81 8.28
N ASN A 176 12.44 -39.99 8.39
CA ASN A 176 13.70 -40.29 7.70
C ASN A 176 14.75 -39.27 8.16
N GLY A 177 15.74 -39.00 7.32
CA GLY A 177 16.80 -38.08 7.67
C GLY A 177 16.40 -36.63 7.48
N SER A 178 17.33 -35.74 7.84
CA SER A 178 17.06 -34.31 7.74
C SER A 178 16.88 -33.89 6.29
N THR A 179 17.71 -34.44 5.39
CA THR A 179 17.63 -34.03 3.99
C THR A 179 16.27 -34.40 3.39
N LYS A 180 15.78 -35.60 3.68
CA LYS A 180 14.48 -36.01 3.16
C LYS A 180 13.34 -35.24 3.83
N SER A 181 13.52 -34.87 5.10
CA SER A 181 12.46 -34.19 5.83
C SER A 181 12.12 -32.84 5.21
N VAL A 182 13.14 -32.08 4.84
CA VAL A 182 12.96 -30.75 4.24
C VAL A 182 13.60 -30.74 2.87
N VAL A 183 12.84 -30.33 1.87
CA VAL A 183 13.29 -30.27 0.48
C VAL A 183 12.98 -28.88 -0.06
N VAL A 184 13.95 -28.30 -0.76
CA VAL A 184 13.82 -26.98 -1.35
C VAL A 184 14.02 -27.10 -2.85
N ALA A 185 13.07 -26.56 -3.62
CA ALA A 185 13.17 -26.60 -5.06
C ALA A 185 14.30 -25.69 -5.54
N GLU A 186 14.96 -26.13 -6.63
CA GLU A 186 16.08 -25.36 -7.16
C GLU A 186 15.63 -23.98 -7.63
N ASP A 187 14.50 -23.92 -8.33
CA ASP A 187 14.02 -22.64 -8.85
C ASP A 187 13.46 -21.76 -7.73
N GLY A 188 12.91 -22.36 -6.68
CA GLY A 188 12.35 -21.58 -5.60
C GLY A 188 13.39 -20.75 -4.87
N SER A 189 14.56 -21.33 -4.62
CA SER A 189 15.62 -20.64 -3.88
C SER A 189 16.31 -19.62 -4.77
N ARG A 190 15.56 -18.59 -5.15
CA ARG A 190 16.05 -17.50 -5.97
C ARG A 190 15.58 -16.19 -5.36
N LEU A 191 16.46 -15.52 -4.64
CA LEU A 191 16.18 -14.23 -4.02
C LEU A 191 17.04 -13.16 -4.66
N ASN A 192 16.49 -11.96 -4.76
CA ASN A 192 17.20 -10.87 -5.44
C ASN A 192 18.44 -10.43 -4.66
N GLN A 193 18.42 -10.54 -3.33
CA GLN A 193 19.50 -10.00 -2.51
C GLN A 193 19.90 -10.96 -1.39
N TYR A 194 19.78 -12.26 -1.62
CA TYR A 194 20.19 -13.25 -0.64
C TYR A 194 20.55 -14.55 -1.33
N HIS A 195 21.35 -15.36 -0.63
CA HIS A 195 21.73 -16.70 -1.08
C HIS A 195 21.24 -17.70 -0.05
N LEU A 196 20.61 -18.76 -0.51
CA LEU A 196 20.12 -19.84 0.36
C LEU A 196 21.23 -20.88 0.49
N MET A 197 22.11 -20.66 1.47
CA MET A 197 23.27 -21.54 1.63
C MET A 197 22.85 -22.96 1.99
N GLY A 198 21.88 -23.12 2.87
CA GLY A 198 21.45 -24.44 3.27
C GLY A 198 20.31 -24.37 4.26
N GLN A 199 19.93 -25.56 4.75
CA GLN A 199 18.82 -25.70 5.67
C GLN A 199 19.24 -26.60 6.84
N THR A 200 18.54 -26.44 7.96
CA THR A 200 18.78 -27.26 9.14
C THR A 200 17.46 -27.45 9.87
N VAL A 201 17.42 -28.48 10.71
CA VAL A 201 16.23 -28.82 11.49
C VAL A 201 16.63 -29.05 12.94
N GLY A 202 15.63 -29.03 13.81
CA GLY A 202 15.87 -29.22 15.23
C GLY A 202 14.58 -29.45 15.97
N THR A 203 14.73 -29.76 17.25
CA THR A 203 13.59 -30.04 18.12
C THR A 203 13.92 -29.58 19.53
N GLU A 204 12.87 -29.39 20.33
CA GLU A 204 13.03 -28.98 21.72
C GLU A 204 11.67 -29.05 22.39
N ASN A 205 11.69 -28.93 23.72
CA ASN A 205 10.48 -28.92 24.53
C ASN A 205 10.36 -27.59 25.26
N ILE A 206 9.12 -27.17 25.51
CA ILE A 206 8.84 -25.96 26.26
C ILE A 206 7.76 -26.27 27.30
N SER A 207 7.96 -25.74 28.50
CA SER A 207 7.03 -25.95 29.61
C SER A 207 6.25 -24.66 29.85
N THR A 208 4.94 -24.77 29.94
CA THR A 208 4.08 -23.62 30.15
C THR A 208 3.02 -23.99 31.18
N SER A 209 2.07 -23.09 31.40
CA SER A 209 1.01 -23.33 32.39
C SER A 209 0.17 -24.53 31.98
N THR A 210 -0.18 -24.63 30.70
CA THR A 210 -1.03 -25.73 30.25
C THR A 210 -0.30 -27.07 30.24
N GLY A 211 1.02 -27.06 30.20
CA GLY A 211 1.82 -28.27 30.21
C GLY A 211 2.96 -28.17 29.22
N GLU A 212 3.68 -29.28 29.07
CA GLU A 212 4.82 -29.33 28.17
C GLU A 212 4.35 -29.55 26.73
N TYR A 213 5.09 -28.98 25.79
CA TYR A 213 4.81 -29.13 24.38
C TYR A 213 6.11 -29.41 23.63
N THR A 214 5.97 -30.06 22.47
CA THR A 214 7.09 -30.36 21.61
C THR A 214 7.13 -29.35 20.48
N ILE A 215 8.31 -28.80 20.21
CA ILE A 215 8.49 -27.75 19.21
C ILE A 215 9.45 -28.26 18.14
N MET A 216 9.03 -28.16 16.88
CA MET A 216 9.84 -28.53 15.73
C MET A 216 10.34 -27.26 15.07
N THR A 217 11.66 -27.12 14.94
CA THR A 217 12.29 -25.90 14.46
C THR A 217 13.11 -26.21 13.21
N ALA A 218 12.96 -25.35 12.20
CA ALA A 218 13.73 -25.44 10.97
C ALA A 218 14.33 -24.07 10.69
N HIS A 219 15.63 -24.03 10.41
CA HIS A 219 16.35 -22.80 10.16
C HIS A 219 16.85 -22.77 8.73
N PHE A 220 16.79 -21.59 8.12
CA PHE A 220 17.31 -21.36 6.78
C PHE A 220 18.45 -20.37 6.85
N HIS A 221 19.62 -20.76 6.31
CA HIS A 221 20.80 -19.93 6.33
C HIS A 221 20.77 -18.99 5.13
N LEU A 222 20.88 -17.69 5.39
CA LEU A 222 20.88 -16.67 4.36
C LEU A 222 22.18 -15.90 4.39
N LYS A 223 22.81 -15.76 3.22
CA LYS A 223 24.05 -15.01 3.08
C LYS A 223 23.79 -13.90 2.06
N ARG A 224 23.82 -12.65 2.52
CA ARG A 224 23.52 -11.54 1.64
C ARG A 224 24.55 -11.45 0.51
N LYS A 225 24.07 -11.22 -0.69
CA LYS A 225 24.93 -11.09 -1.87
C LYS A 225 25.20 -9.61 -2.10
N ILE A 226 26.48 -9.25 -2.11
CA ILE A 226 26.86 -7.86 -2.31
C ILE A 226 26.94 -7.55 -3.79
N GLY A 227 26.80 -6.27 -4.12
CA GLY A 227 26.87 -5.83 -5.50
C GLY A 227 25.85 -4.76 -5.82
N TYR A 228 24.69 -4.80 -5.16
CA TYR A 228 23.73 -3.71 -5.31
C TYR A 228 24.19 -2.48 -4.55
N PHE A 229 24.71 -2.66 -3.34
CA PHE A 229 25.18 -1.53 -2.55
C PHE A 229 26.47 -0.96 -3.11
N VAL A 230 27.30 -1.79 -3.75
CA VAL A 230 28.52 -1.30 -4.37
C VAL A 230 28.19 -0.30 -5.47
N ILE A 231 27.20 -0.62 -6.31
CA ILE A 231 26.80 0.28 -7.38
C ILE A 231 25.95 1.44 -6.89
N GLN A 232 25.43 1.36 -5.68
CA GLN A 232 24.51 2.36 -5.16
C GLN A 232 25.13 3.32 -4.16
N THR A 233 25.94 2.82 -3.23
CA THR A 233 26.47 3.63 -2.14
C THR A 233 27.98 3.74 -2.15
N TYR A 234 28.69 2.62 -2.30
CA TYR A 234 30.15 2.65 -2.16
C TYR A 234 30.79 3.45 -3.27
N LEU A 235 30.45 3.16 -4.53
CA LEU A 235 31.10 3.84 -5.64
C LEU A 235 30.89 5.35 -5.61
N PRO A 236 29.67 5.87 -5.45
CA PRO A 236 29.52 7.33 -5.38
C PRO A 236 30.38 7.96 -4.30
N CYS A 237 30.50 7.32 -3.14
CA CYS A 237 31.37 7.84 -2.10
C CYS A 237 32.84 7.81 -2.54
N ILE A 238 33.25 6.72 -3.18
CA ILE A 238 34.64 6.61 -3.61
C ILE A 238 34.97 7.67 -4.65
N MET A 239 34.10 7.84 -5.64
CA MET A 239 34.35 8.84 -6.68
C MET A 239 34.26 10.25 -6.13
N THR A 240 33.40 10.48 -5.14
CA THR A 240 33.31 11.81 -4.54
C THR A 240 34.62 12.22 -3.89
N VAL A 241 35.27 11.28 -3.20
CA VAL A 241 36.55 11.58 -2.56
C VAL A 241 37.59 11.95 -3.61
N ILE A 242 37.63 11.21 -4.72
CA ILE A 242 38.60 11.51 -5.77
C ILE A 242 38.37 12.91 -6.33
N LEU A 243 37.10 13.31 -6.44
CA LEU A 243 36.79 14.64 -6.95
C LEU A 243 37.39 15.73 -6.06
N SER A 244 37.30 15.54 -4.74
CA SER A 244 37.81 16.55 -3.83
C SER A 244 39.31 16.72 -3.97
N GLN A 245 40.03 15.62 -4.14
CA GLN A 245 41.49 15.69 -4.21
C GLN A 245 41.97 16.50 -5.42
N VAL A 246 41.14 16.66 -6.44
CA VAL A 246 41.54 17.44 -7.61
C VAL A 246 41.80 18.88 -7.22
N SER A 247 41.14 19.37 -6.17
CA SER A 247 41.35 20.76 -5.74
C SER A 247 42.80 21.01 -5.36
N PHE A 248 43.51 19.98 -4.88
CA PHE A 248 44.90 20.17 -4.47
C PHE A 248 45.77 20.57 -5.66
N TRP A 249 45.56 19.95 -6.81
CA TRP A 249 46.37 20.24 -7.99
C TRP A 249 46.13 21.65 -8.52
N LEU A 250 45.05 22.31 -8.13
CA LEU A 250 44.79 23.67 -8.57
C LEU A 250 45.66 24.66 -7.82
N ASN A 251 45.77 25.86 -8.38
CA ASN A 251 46.59 26.91 -7.79
C ASN A 251 45.91 27.52 -6.58
N ARG A 252 46.74 28.02 -5.66
CA ARG A 252 46.21 28.61 -4.43
C ARG A 252 45.42 29.88 -4.72
N GLU A 253 45.92 30.72 -5.64
CA GLU A 253 45.26 31.99 -5.89
C GLU A 253 43.84 31.83 -6.41
N SER A 254 43.51 30.67 -6.98
CA SER A 254 42.15 30.40 -7.46
C SER A 254 41.29 29.97 -6.26
N VAL A 255 41.01 30.95 -5.41
CA VAL A 255 40.26 30.68 -4.18
C VAL A 255 38.87 30.17 -4.49
N ALA A 256 38.19 30.82 -5.44
CA ALA A 256 36.81 30.43 -5.75
C ALA A 256 36.76 29.01 -6.29
N ALA A 257 37.68 28.65 -7.18
CA ALA A 257 37.64 27.32 -7.80
C ALA A 257 37.76 26.22 -6.75
N ARG A 258 38.77 26.31 -5.89
CA ARG A 258 38.96 25.27 -4.88
C ARG A 258 37.81 25.25 -3.88
N THR A 259 37.18 26.40 -3.64
CA THR A 259 36.06 26.44 -2.71
C THR A 259 34.89 25.60 -3.21
N VAL A 260 34.61 25.67 -4.51
CA VAL A 260 33.47 24.94 -5.06
C VAL A 260 33.65 23.45 -4.86
N PHE A 261 34.85 22.93 -5.13
CA PHE A 261 35.09 21.50 -4.97
C PHE A 261 34.78 21.04 -3.55
N GLY A 262 35.30 21.76 -2.56
CA GLY A 262 35.11 21.34 -1.18
C GLY A 262 33.66 21.42 -0.73
N VAL A 263 32.98 22.52 -1.06
CA VAL A 263 31.62 22.72 -0.58
C VAL A 263 30.67 21.72 -1.23
N THR A 264 30.74 21.57 -2.55
CA THR A 264 29.82 20.69 -3.25
C THR A 264 30.00 19.25 -2.81
N THR A 265 31.25 18.80 -2.66
CA THR A 265 31.50 17.42 -2.27
C THR A 265 30.96 17.11 -0.89
N VAL A 266 31.13 18.03 0.06
CA VAL A 266 30.65 17.80 1.42
C VAL A 266 29.14 17.62 1.42
N LEU A 267 28.43 18.49 0.70
CA LEU A 267 26.98 18.36 0.62
C LEU A 267 26.58 17.06 -0.06
N THR A 268 27.32 16.66 -1.11
CA THR A 268 26.99 15.43 -1.80
C THR A 268 27.09 14.23 -0.87
N MET A 269 28.12 14.18 -0.04
CA MET A 269 28.25 13.08 0.91
C MET A 269 27.09 13.07 1.90
N THR A 270 26.66 14.26 2.33
CA THR A 270 25.58 14.34 3.33
C THR A 270 24.30 13.73 2.79
N THR A 271 23.94 14.05 1.54
CA THR A 271 22.69 13.55 0.98
C THR A 271 22.75 12.05 0.73
N LEU A 272 23.94 11.52 0.40
CA LEU A 272 24.07 10.08 0.18
C LEU A 272 23.75 9.31 1.45
N SER A 273 24.22 9.81 2.59
CA SER A 273 23.92 9.14 3.86
C SER A 273 22.42 9.12 4.12
N ILE A 274 21.72 10.22 3.87
CA ILE A 274 20.29 10.27 4.10
C ILE A 274 19.57 9.31 3.16
N SER A 275 19.88 9.38 1.87
CA SER A 275 19.21 8.53 0.90
C SER A 275 19.54 7.06 1.13
N ALA A 276 20.79 6.75 1.48
CA ALA A 276 21.19 5.36 1.65
C ALA A 276 20.39 4.67 2.74
N ARG A 277 20.16 5.36 3.86
CA ARG A 277 19.48 4.75 4.99
C ARG A 277 17.96 4.78 4.87
N ASN A 278 17.41 5.45 3.85
CA ASN A 278 15.96 5.46 3.69
C ASN A 278 15.44 4.05 3.44
N SER A 279 16.13 3.28 2.59
CA SER A 279 15.74 1.89 2.36
C SER A 279 16.10 0.98 3.53
N LEU A 280 17.22 1.26 4.19
CA LEU A 280 17.65 0.44 5.30
C LEU A 280 16.67 0.58 6.47
N PRO A 281 16.46 -0.48 7.25
CA PRO A 281 15.56 -0.37 8.40
C PRO A 281 16.07 0.65 9.41
N LYS A 282 15.13 1.28 10.11
CA LYS A 282 15.45 2.29 11.11
C LYS A 282 15.99 1.59 12.36
N VAL A 283 17.30 1.36 12.38
CA VAL A 283 17.98 0.71 13.48
C VAL A 283 18.82 1.74 14.22
N ALA A 284 18.72 1.73 15.54
CA ALA A 284 19.41 2.72 16.37
C ALA A 284 20.81 2.26 16.76
N TYR A 285 21.61 1.89 15.77
CA TYR A 285 23.02 1.61 16.00
C TYR A 285 23.75 1.72 14.66
N ALA A 286 25.08 1.85 14.74
CA ALA A 286 25.90 2.08 13.57
C ALA A 286 26.21 0.77 12.86
N THR A 287 26.17 0.82 11.53
CA THR A 287 26.52 -0.32 10.69
C THR A 287 27.89 -0.11 10.07
N ALA A 288 28.38 -1.16 9.39
CA ALA A 288 29.66 -1.06 8.71
C ALA A 288 29.61 0.00 7.61
N MET A 289 28.49 0.07 6.89
CA MET A 289 28.37 1.07 5.83
C MET A 289 28.45 2.48 6.41
N ASP A 290 27.85 2.70 7.58
CA ASP A 290 27.88 4.03 8.18
C ASP A 290 29.31 4.46 8.50
N TRP A 291 30.12 3.55 9.04
CA TRP A 291 31.51 3.88 9.33
C TRP A 291 32.27 4.23 8.06
N PHE A 292 32.02 3.49 6.97
CA PHE A 292 32.67 3.80 5.71
C PHE A 292 32.29 5.19 5.22
N ILE A 293 31.01 5.54 5.33
CA ILE A 293 30.56 6.86 4.92
C ILE A 293 31.23 7.94 5.78
N ALA A 294 31.28 7.71 7.10
CA ALA A 294 31.87 8.71 7.99
C ALA A 294 33.33 8.97 7.65
N VAL A 295 34.08 7.91 7.39
CA VAL A 295 35.50 8.08 7.04
C VAL A 295 35.62 8.88 5.75
N CYS A 296 34.82 8.54 4.74
CA CYS A 296 34.85 9.32 3.51
C CYS A 296 34.43 10.76 3.74
N TYR A 297 33.52 10.99 4.68
CA TYR A 297 33.12 12.36 5.00
C TYR A 297 34.28 13.15 5.57
N ALA A 298 35.13 12.50 6.38
CA ALA A 298 36.27 13.19 6.97
C ALA A 298 37.25 13.65 5.90
N PHE A 299 37.51 12.80 4.90
CA PHE A 299 38.48 13.15 3.87
C PHE A 299 38.07 14.43 3.15
N VAL A 300 36.84 14.48 2.65
CA VAL A 300 36.38 15.67 1.94
C VAL A 300 36.38 16.88 2.87
N PHE A 301 35.91 16.69 4.10
CA PHE A 301 35.92 17.79 5.06
C PHE A 301 37.36 18.21 5.40
N SER A 302 38.25 17.23 5.57
CA SER A 302 39.63 17.54 5.89
C SER A 302 40.30 18.33 4.77
N ALA A 303 40.03 17.95 3.52
CA ALA A 303 40.61 18.66 2.40
C ALA A 303 40.20 20.13 2.40
N LEU A 304 38.92 20.40 2.72
CA LEU A 304 38.47 21.78 2.81
C LEU A 304 39.20 22.53 3.90
N LEU A 305 39.43 21.89 5.04
CA LEU A 305 40.18 22.53 6.12
C LEU A 305 41.61 22.85 5.68
N GLU A 306 42.23 21.95 4.93
CA GLU A 306 43.59 22.18 4.46
C GLU A 306 43.66 23.44 3.61
N PHE A 307 42.69 23.62 2.70
CA PHE A 307 42.69 24.82 1.87
C PHE A 307 42.54 26.08 2.72
N ALA A 308 41.65 26.05 3.70
CA ALA A 308 41.46 27.22 4.56
C ALA A 308 42.74 27.55 5.32
N PHE A 309 43.41 26.53 5.86
CA PHE A 309 44.67 26.78 6.56
C PHE A 309 45.72 27.34 5.63
N VAL A 310 45.81 26.80 4.40
CA VAL A 310 46.79 27.28 3.45
C VAL A 310 46.50 28.74 3.08
N ASN A 311 45.24 29.04 2.79
CA ASN A 311 44.88 30.39 2.40
C ASN A 311 45.03 31.38 3.55
N TYR A 312 45.11 30.90 4.79
CA TYR A 312 45.25 31.77 5.95
C TYR A 312 46.69 32.15 6.24
N ILE A 313 47.66 31.50 5.59
CA ILE A 313 49.07 31.78 5.84
C ILE A 313 49.80 31.98 4.52
N THR A 314 49.05 32.14 3.43
CA THR A 314 49.67 32.30 2.12
C THR A 314 50.40 33.63 1.98
N LYS A 315 50.22 34.56 2.91
CA LYS A 315 50.87 35.86 2.85
C LYS A 315 52.11 35.93 3.74
N SER A 316 51.97 35.56 5.02
CA SER A 316 53.09 35.70 5.94
C SER A 316 54.23 34.76 5.59
N GLN A 317 53.93 33.48 5.39
CA GLN A 317 54.95 32.45 5.11
C GLN A 317 54.50 31.62 3.92
N PRO A 318 54.61 32.17 2.70
CA PRO A 318 54.24 31.38 1.52
C PRO A 318 55.04 30.11 1.36
N ALA A 319 56.26 30.07 1.89
CA ALA A 319 57.12 28.91 1.67
C ALA A 319 56.50 27.64 2.24
N ARG A 320 55.95 27.71 3.45
CA ARG A 320 55.37 26.53 4.07
C ARG A 320 54.08 26.12 3.37
N ALA A 321 53.33 27.08 2.83
CA ALA A 321 52.08 26.74 2.16
C ALA A 321 52.31 25.83 0.96
N ALA A 322 53.34 26.12 0.17
CA ALA A 322 53.61 25.31 -1.01
C ALA A 322 53.94 23.87 -0.63
N LYS A 323 54.74 23.69 0.43
CA LYS A 323 55.09 22.34 0.86
C LYS A 323 53.87 21.56 1.28
N ILE A 324 52.95 22.20 2.02
CA ILE A 324 51.75 21.51 2.48
C ILE A 324 50.91 21.07 1.29
N ASP A 325 50.72 21.96 0.31
CA ASP A 325 49.89 21.62 -0.85
C ASP A 325 50.50 20.47 -1.63
N LYS A 326 51.82 20.50 -1.85
CA LYS A 326 52.46 19.42 -2.58
C LYS A 326 52.35 18.10 -1.82
N MET A 327 52.54 18.14 -0.50
CA MET A 327 52.48 16.92 0.29
C MET A 327 51.08 16.32 0.27
N SER A 328 50.05 17.17 0.33
CA SER A 328 48.68 16.67 0.37
C SER A 328 48.33 15.85 -0.86
N ARG A 329 48.93 16.16 -2.00
CA ARG A 329 48.63 15.43 -3.23
C ARG A 329 49.01 13.96 -3.12
N ILE A 330 49.91 13.61 -2.21
CA ILE A 330 50.40 12.25 -2.07
C ILE A 330 49.84 11.57 -0.83
N VAL A 331 49.75 12.30 0.29
CA VAL A 331 49.34 11.68 1.55
C VAL A 331 47.91 11.18 1.47
N PHE A 332 47.00 12.04 1.02
CA PHE A 332 45.58 11.70 1.07
C PHE A 332 45.24 10.48 0.22
N PRO A 333 45.67 10.37 -1.04
CA PRO A 333 45.34 9.16 -1.80
C PRO A 333 45.84 7.88 -1.15
N ILE A 334 47.03 7.93 -0.53
CA ILE A 334 47.59 6.73 0.08
C ILE A 334 46.72 6.28 1.25
N LEU A 335 46.31 7.21 2.09
CA LEU A 335 45.49 6.85 3.25
C LEU A 335 44.16 6.25 2.82
N PHE A 336 43.51 6.83 1.81
CA PHE A 336 42.24 6.31 1.34
C PHE A 336 42.40 4.90 0.78
N GLY A 337 43.46 4.66 0.01
CA GLY A 337 43.68 3.33 -0.51
C GLY A 337 43.97 2.32 0.58
N THR A 338 44.78 2.71 1.57
CA THR A 338 45.08 1.81 2.68
C THR A 338 43.82 1.48 3.47
N PHE A 339 42.96 2.47 3.70
CA PHE A 339 41.75 2.24 4.49
C PHE A 339 40.85 1.20 3.83
N ASN A 340 40.70 1.27 2.51
CA ASN A 340 39.82 0.33 1.82
C ASN A 340 40.29 -1.11 2.02
N LEU A 341 41.59 -1.34 1.92
CA LEU A 341 42.11 -2.70 2.10
C LEU A 341 41.77 -3.23 3.48
N VAL A 342 41.95 -2.42 4.51
CA VAL A 342 41.64 -2.84 5.88
C VAL A 342 40.15 -3.10 6.02
N TYR A 343 39.33 -2.18 5.51
CA TYR A 343 37.88 -2.30 5.68
C TYR A 343 37.35 -3.54 4.99
N TRP A 344 37.67 -3.72 3.71
CA TRP A 344 37.14 -4.87 2.97
C TRP A 344 37.71 -6.17 3.51
N ALA A 345 39.00 -6.20 3.84
CA ALA A 345 39.61 -7.40 4.37
C ALA A 345 38.99 -7.79 5.70
N THR A 346 38.69 -6.80 6.54
CA THR A 346 38.16 -7.09 7.88
C THR A 346 36.82 -7.81 7.79
N TYR A 347 35.93 -7.35 6.91
CA TYR A 347 34.58 -7.91 6.83
C TYR A 347 34.47 -9.05 5.83
N LEU A 348 35.38 -9.15 4.87
CA LEU A 348 35.36 -10.23 3.89
C LEU A 348 36.26 -11.40 4.28
N ASN A 349 36.90 -11.34 5.46
CA ASN A 349 37.78 -12.41 5.89
C ASN A 349 37.96 -12.39 7.41
N ASN B 14 -45.03 -29.00 -17.91
CA ASN B 14 -44.08 -29.60 -18.84
C ASN B 14 -42.66 -29.53 -18.30
N ILE B 15 -42.34 -28.44 -17.60
CA ILE B 15 -41.01 -28.26 -17.05
C ILE B 15 -40.69 -29.30 -15.98
N THR B 16 -41.71 -29.89 -15.36
CA THR B 16 -41.48 -30.84 -14.27
C THR B 16 -40.66 -32.04 -14.72
N ILE B 17 -40.65 -32.35 -16.02
CA ILE B 17 -39.88 -33.49 -16.50
C ILE B 17 -38.40 -33.29 -16.20
N PHE B 18 -37.88 -32.07 -16.40
CA PHE B 18 -36.48 -31.81 -16.14
C PHE B 18 -36.14 -32.01 -14.67
N THR B 19 -37.05 -31.62 -13.77
CA THR B 19 -36.80 -31.77 -12.35
C THR B 19 -36.59 -33.24 -11.98
N ARG B 20 -37.40 -34.13 -12.53
CA ARG B 20 -37.25 -35.56 -12.23
C ARG B 20 -35.91 -36.08 -12.70
N ILE B 21 -35.44 -35.62 -13.86
CA ILE B 21 -34.18 -36.11 -14.40
C ILE B 21 -33.04 -35.80 -13.45
N LEU B 22 -33.00 -34.57 -12.91
CA LEU B 22 -31.91 -34.18 -12.03
C LEU B 22 -31.86 -35.06 -10.79
N ASP B 23 -33.03 -35.34 -10.19
CA ASP B 23 -33.05 -36.17 -9.00
C ASP B 23 -32.55 -37.58 -9.29
N GLY B 24 -32.92 -38.12 -10.45
CA GLY B 24 -32.47 -39.46 -10.79
C GLY B 24 -30.96 -39.58 -10.86
N LEU B 25 -30.31 -38.58 -11.48
CA LEU B 25 -28.85 -38.62 -11.59
C LEU B 25 -28.20 -38.57 -10.22
N LEU B 26 -28.70 -37.70 -9.33
CA LEU B 26 -28.12 -37.57 -8.01
C LEU B 26 -28.31 -38.83 -7.17
N ASP B 27 -29.31 -39.65 -7.48
CA ASP B 27 -29.55 -40.86 -6.70
C ASP B 27 -28.34 -41.80 -6.82
N GLY B 28 -27.87 -42.28 -5.68
CA GLY B 28 -26.73 -43.19 -5.67
C GLY B 28 -25.49 -42.58 -6.29
N TYR B 29 -25.26 -41.30 -6.06
CA TYR B 29 -24.11 -40.58 -6.60
C TYR B 29 -23.16 -40.21 -5.47
N ASP B 30 -21.90 -40.62 -5.59
CA ASP B 30 -20.88 -40.34 -4.60
C ASP B 30 -19.89 -39.35 -5.21
N ASN B 31 -19.95 -38.10 -4.74
CA ASN B 31 -19.09 -37.05 -5.27
C ASN B 31 -17.63 -37.24 -4.87
N ARG B 32 -17.34 -38.14 -3.94
CA ARG B 32 -15.97 -38.36 -3.47
C ARG B 32 -15.21 -39.37 -4.32
N LEU B 33 -15.87 -40.01 -5.28
CA LEU B 33 -15.24 -41.03 -6.11
C LEU B 33 -15.28 -40.59 -7.58
N ARG B 34 -14.13 -40.62 -8.23
CA ARG B 34 -14.05 -40.24 -9.62
C ARG B 34 -14.71 -41.28 -10.51
N PRO B 35 -15.19 -40.90 -11.69
CA PRO B 35 -15.78 -41.88 -12.59
C PRO B 35 -14.76 -42.90 -13.05
N GLY B 36 -15.24 -44.13 -13.26
CA GLY B 36 -14.36 -45.19 -13.71
C GLY B 36 -13.23 -45.51 -12.75
N LEU B 37 -13.53 -45.52 -11.45
CA LEU B 37 -12.52 -45.83 -10.46
C LEU B 37 -12.15 -47.31 -10.51
N GLY B 38 -10.85 -47.59 -10.53
CA GLY B 38 -10.39 -48.96 -10.57
C GLY B 38 -10.75 -49.71 -11.83
N GLU B 39 -11.13 -49.01 -12.88
CA GLU B 39 -11.52 -49.64 -14.14
C GLU B 39 -10.75 -49.09 -15.34
N ARG B 40 -10.44 -47.80 -15.34
CA ARG B 40 -9.74 -47.18 -16.45
C ARG B 40 -9.07 -45.91 -15.95
N ILE B 41 -8.59 -45.08 -16.87
CA ILE B 41 -7.91 -43.83 -16.55
C ILE B 41 -8.75 -42.68 -17.06
N THR B 42 -9.08 -41.75 -16.17
CA THR B 42 -9.86 -40.58 -16.57
C THR B 42 -9.02 -39.65 -17.43
N GLN B 43 -9.67 -39.04 -18.42
CA GLN B 43 -9.03 -38.11 -19.34
C GLN B 43 -9.75 -36.77 -19.28
N VAL B 44 -8.97 -35.69 -19.19
CA VAL B 44 -9.52 -34.34 -19.04
C VAL B 44 -8.95 -33.47 -20.15
N ARG B 45 -9.81 -32.71 -20.80
CA ARG B 45 -9.42 -31.80 -21.86
C ARG B 45 -9.56 -30.36 -21.36
N THR B 46 -8.48 -29.59 -21.50
CA THR B 46 -8.42 -28.24 -20.95
C THR B 46 -8.25 -27.24 -22.08
N ASP B 47 -9.05 -26.18 -22.03
CA ASP B 47 -8.93 -25.05 -22.95
C ASP B 47 -9.01 -23.76 -22.14
N MET B 48 -8.30 -22.74 -22.64
CA MET B 48 -8.14 -21.49 -21.92
C MET B 48 -8.41 -20.31 -22.84
N TYR B 49 -8.92 -19.23 -22.25
CA TYR B 49 -9.12 -17.96 -22.94
C TYR B 49 -8.69 -16.84 -22.02
N VAL B 50 -7.75 -16.02 -22.47
CA VAL B 50 -7.21 -14.94 -21.65
C VAL B 50 -8.02 -13.68 -21.93
N ASN B 51 -8.87 -13.31 -20.97
CA ASN B 51 -9.67 -12.10 -21.13
C ASN B 51 -8.79 -10.86 -21.16
N SER B 52 -7.78 -10.81 -20.29
CA SER B 52 -6.88 -9.67 -20.25
C SER B 52 -5.60 -10.08 -19.54
N PHE B 53 -4.47 -9.63 -20.07
CA PHE B 53 -3.16 -9.91 -19.47
C PHE B 53 -2.81 -8.75 -18.54
N GLY B 54 -2.60 -9.07 -17.27
CA GLY B 54 -2.41 -8.06 -16.26
C GLY B 54 -1.01 -7.47 -16.30
N PRO B 55 -0.80 -6.46 -15.47
CA PRO B 55 0.51 -5.81 -15.41
C PRO B 55 1.59 -6.76 -14.92
N VAL B 56 2.82 -6.51 -15.38
CA VAL B 56 3.98 -7.29 -15.00
C VAL B 56 4.83 -6.42 -14.07
N SER B 57 5.04 -6.91 -12.84
CA SER B 57 5.81 -6.19 -11.83
C SER B 57 7.22 -6.79 -11.78
N ASP B 58 8.19 -6.07 -12.32
CA ASP B 58 9.56 -6.56 -12.31
C ASP B 58 10.10 -6.65 -10.89
N THR B 59 9.75 -5.68 -10.04
CA THR B 59 10.25 -5.69 -8.67
C THR B 59 9.80 -6.94 -7.92
N GLU B 60 8.52 -7.29 -8.06
CA GLU B 60 7.97 -8.46 -7.39
C GLU B 60 8.02 -9.72 -8.23
N MET B 61 8.49 -9.63 -9.48
CA MET B 61 8.63 -10.79 -10.36
C MET B 61 7.32 -11.57 -10.45
N GLU B 62 6.21 -10.84 -10.59
CA GLU B 62 4.90 -11.46 -10.72
C GLU B 62 4.12 -10.78 -11.84
N TYR B 63 3.19 -11.54 -12.41
CA TYR B 63 2.32 -11.02 -13.46
C TYR B 63 0.90 -11.51 -13.20
N THR B 64 -0.06 -10.60 -13.34
CA THR B 64 -1.47 -10.91 -13.14
C THR B 64 -2.10 -11.27 -14.48
N ILE B 65 -3.12 -12.14 -14.41
CA ILE B 65 -3.81 -12.59 -15.63
C ILE B 65 -5.21 -13.02 -15.23
N ASP B 66 -6.16 -12.79 -16.14
CA ASP B 66 -7.55 -13.21 -15.96
C ASP B 66 -7.93 -14.11 -17.12
N ILE B 67 -8.50 -15.29 -16.80
CA ILE B 67 -8.79 -16.31 -17.79
C ILE B 67 -10.15 -16.93 -17.51
N PHE B 68 -10.67 -17.60 -18.54
CA PHE B 68 -11.89 -18.40 -18.45
C PHE B 68 -11.46 -19.86 -18.57
N PHE B 69 -11.08 -20.47 -17.45
CA PHE B 69 -10.59 -21.83 -17.46
C PHE B 69 -11.74 -22.81 -17.69
N ALA B 70 -11.55 -23.73 -18.63
CA ALA B 70 -12.56 -24.72 -18.98
C ALA B 70 -11.96 -26.11 -18.94
N GLN B 71 -12.73 -27.06 -18.40
CA GLN B 71 -12.32 -28.44 -18.29
C GLN B 71 -13.44 -29.35 -18.76
N THR B 72 -13.08 -30.35 -19.56
CA THR B 72 -14.03 -31.31 -20.09
C THR B 72 -13.56 -32.72 -19.75
N TRP B 73 -14.50 -33.57 -19.34
CA TRP B 73 -14.19 -34.95 -19.01
C TRP B 73 -15.43 -35.80 -19.31
N LYS B 74 -15.40 -37.03 -18.81
CA LYS B 74 -16.46 -38.00 -19.06
C LYS B 74 -16.94 -38.59 -17.75
N ASP B 75 -18.26 -38.80 -17.65
CA ASP B 75 -18.85 -39.39 -16.45
C ASP B 75 -20.04 -40.23 -16.88
N GLU B 76 -19.93 -41.55 -16.75
CA GLU B 76 -21.00 -42.43 -17.18
C GLU B 76 -22.22 -42.34 -16.27
N ARG B 77 -22.02 -41.99 -15.00
CA ARG B 77 -23.11 -41.94 -14.04
C ARG B 77 -24.13 -40.84 -14.35
N LEU B 78 -23.80 -39.90 -15.22
CA LEU B 78 -24.67 -38.77 -15.52
C LEU B 78 -25.51 -38.99 -16.78
N ARG B 79 -25.48 -40.19 -17.35
CA ARG B 79 -26.27 -40.47 -18.53
C ARG B 79 -27.75 -40.24 -18.26
N PHE B 80 -28.43 -39.63 -19.22
CA PHE B 80 -29.85 -39.35 -19.09
C PHE B 80 -30.50 -39.35 -20.47
N LYS B 81 -31.81 -39.52 -20.48
CA LYS B 81 -32.60 -39.52 -21.71
C LYS B 81 -33.71 -38.49 -21.58
N GLY B 82 -33.84 -37.64 -22.61
CA GLY B 82 -34.84 -36.60 -22.61
C GLY B 82 -34.92 -35.88 -23.93
N PRO B 83 -35.94 -35.03 -24.09
CA PRO B 83 -36.09 -34.31 -25.37
C PRO B 83 -34.92 -33.42 -25.70
N MET B 84 -34.27 -32.81 -24.69
CA MET B 84 -33.19 -31.87 -24.91
C MET B 84 -31.84 -32.57 -24.73
N GLN B 85 -30.93 -32.33 -25.67
CA GLN B 85 -29.60 -32.92 -25.61
C GLN B 85 -28.64 -32.15 -24.72
N ARG B 86 -29.02 -30.97 -24.25
CA ARG B 86 -28.17 -30.13 -23.41
C ARG B 86 -28.97 -29.63 -22.22
N LEU B 87 -28.28 -29.47 -21.09
CA LEU B 87 -28.88 -29.02 -19.84
C LEU B 87 -28.06 -27.89 -19.26
N PRO B 88 -28.23 -26.66 -19.75
CA PRO B 88 -27.55 -25.52 -19.14
C PRO B 88 -27.92 -25.39 -17.66
N LEU B 89 -26.94 -25.07 -16.84
CA LEU B 89 -27.13 -24.98 -15.40
C LEU B 89 -26.19 -23.91 -14.84
N ASN B 90 -26.04 -23.90 -13.52
CA ASN B 90 -25.24 -22.90 -12.83
C ASN B 90 -24.41 -23.60 -11.76
N ASN B 91 -23.82 -22.81 -10.86
CA ASN B 91 -22.95 -23.35 -9.82
C ASN B 91 -23.70 -24.17 -8.79
N LEU B 92 -25.03 -24.13 -8.77
CA LEU B 92 -25.79 -24.83 -7.73
C LEU B 92 -25.52 -26.32 -7.78
N LEU B 93 -25.48 -26.92 -8.97
CA LEU B 93 -25.26 -28.34 -9.11
C LEU B 93 -23.79 -28.73 -9.11
N ALA B 94 -22.88 -27.75 -9.22
CA ALA B 94 -21.46 -28.07 -9.30
C ALA B 94 -20.97 -28.74 -8.03
N SER B 95 -21.43 -28.27 -6.86
CA SER B 95 -20.97 -28.81 -5.59
C SER B 95 -21.50 -30.21 -5.33
N LYS B 96 -22.48 -30.68 -6.09
CA LYS B 96 -23.11 -31.97 -5.84
C LYS B 96 -22.51 -33.10 -6.66
N ILE B 97 -21.46 -32.83 -7.45
CA ILE B 97 -20.83 -33.84 -8.29
C ILE B 97 -19.32 -33.76 -8.11
N TRP B 98 -18.62 -34.60 -8.86
CA TRP B 98 -17.16 -34.69 -8.77
C TRP B 98 -16.52 -33.78 -9.81
N THR B 99 -15.53 -33.00 -9.37
CA THR B 99 -14.76 -32.14 -10.25
C THR B 99 -13.28 -32.31 -9.94
N PRO B 100 -12.41 -32.12 -10.94
CA PRO B 100 -10.98 -32.30 -10.70
C PRO B 100 -10.43 -31.24 -9.75
N ASP B 101 -9.40 -31.63 -9.00
CA ASP B 101 -8.74 -30.74 -8.06
C ASP B 101 -7.55 -30.03 -8.70
N THR B 102 -7.82 -29.35 -9.81
CA THR B 102 -6.77 -28.65 -10.52
C THR B 102 -6.27 -27.46 -9.72
N PHE B 103 -4.97 -27.19 -9.83
CA PHE B 103 -4.36 -26.06 -9.15
C PHE B 103 -3.13 -25.61 -9.92
N PHE B 104 -2.67 -24.40 -9.62
CA PHE B 104 -1.53 -23.80 -10.29
C PHE B 104 -0.31 -23.88 -9.39
N HIS B 105 0.73 -24.55 -9.86
CA HIS B 105 1.92 -24.76 -9.04
C HIS B 105 2.61 -23.44 -8.71
N ASN B 106 2.69 -22.53 -9.68
CA ASN B 106 3.41 -21.27 -9.53
C ASN B 106 2.49 -20.12 -9.13
N GLY B 107 1.22 -20.39 -8.87
CA GLY B 107 0.30 -19.35 -8.48
C GLY B 107 0.45 -18.93 -7.02
N LYS B 108 1.02 -17.75 -6.80
CA LYS B 108 1.22 -17.27 -5.44
C LYS B 108 -0.10 -17.03 -4.73
N LYS B 109 -1.07 -16.44 -5.42
CA LYS B 109 -2.36 -16.12 -4.81
C LYS B 109 -3.39 -15.99 -5.92
N SER B 110 -4.34 -16.92 -5.94
CA SER B 110 -5.41 -16.94 -6.94
C SER B 110 -6.75 -16.74 -6.24
N PHE B 111 -7.54 -15.81 -6.76
CA PHE B 111 -8.87 -15.53 -6.23
C PHE B 111 -9.87 -15.55 -7.38
N ALA B 112 -11.09 -15.96 -7.06
CA ALA B 112 -12.16 -16.06 -8.04
C ALA B 112 -13.05 -14.82 -7.97
N HIS B 113 -14.04 -14.78 -8.87
CA HIS B 113 -14.96 -13.67 -8.96
C HIS B 113 -16.35 -14.16 -8.55
N TRP B 114 -17.04 -13.37 -7.72
CA TRP B 114 -18.31 -13.78 -7.13
C TRP B 114 -19.49 -12.97 -7.62
N MET B 115 -19.45 -11.64 -7.51
CA MET B 115 -20.60 -10.83 -7.90
C MET B 115 -20.72 -10.76 -9.42
N THR B 116 -21.95 -10.68 -9.90
CA THR B 116 -23.21 -10.68 -9.14
C THR B 116 -23.55 -12.09 -8.67
N THR B 117 -23.22 -13.07 -9.51
CA THR B 117 -23.44 -14.47 -9.24
C THR B 117 -22.16 -15.24 -9.53
N PRO B 118 -21.83 -16.27 -8.74
CA PRO B 118 -20.58 -17.01 -8.98
C PRO B 118 -20.40 -17.39 -10.43
N ASN B 119 -19.30 -16.95 -11.03
CA ASN B 119 -19.05 -17.12 -12.46
C ASN B 119 -18.64 -18.56 -12.73
N ARG B 120 -19.64 -19.42 -12.87
CA ARG B 120 -19.43 -20.82 -13.16
C ARG B 120 -20.57 -21.34 -14.01
N MET B 121 -20.27 -22.37 -14.82
CA MET B 121 -21.27 -23.00 -15.66
C MET B 121 -21.07 -24.51 -15.61
N LEU B 122 -22.16 -25.24 -15.84
CA LEU B 122 -22.13 -26.70 -15.82
C LEU B 122 -23.11 -27.20 -16.87
N ARG B 123 -22.58 -27.87 -17.90
CA ARG B 123 -23.39 -28.40 -18.99
C ARG B 123 -23.17 -29.91 -19.08
N ILE B 124 -24.26 -30.63 -19.28
CA ILE B 124 -24.26 -32.09 -19.32
C ILE B 124 -25.01 -32.56 -20.55
N TRP B 125 -24.45 -33.56 -21.22
CA TRP B 125 -25.06 -34.17 -22.40
C TRP B 125 -25.49 -35.60 -22.07
N ASN B 126 -26.22 -36.21 -23.01
CA ASN B 126 -26.74 -37.55 -22.80
C ASN B 126 -25.61 -38.56 -22.63
N ASP B 127 -24.55 -38.44 -23.43
CA ASP B 127 -23.44 -39.38 -23.36
C ASP B 127 -22.68 -39.28 -22.04
N GLY B 128 -22.90 -38.24 -21.26
CA GLY B 128 -22.19 -38.04 -20.01
C GLY B 128 -21.09 -37.01 -20.06
N ARG B 129 -20.77 -36.49 -21.25
CA ARG B 129 -19.74 -35.45 -21.35
C ARG B 129 -20.14 -34.24 -20.52
N VAL B 130 -19.15 -33.67 -19.84
CA VAL B 130 -19.36 -32.55 -18.92
C VAL B 130 -18.45 -31.41 -19.31
N LEU B 131 -18.99 -30.19 -19.30
CA LEU B 131 -18.22 -28.99 -19.59
C LEU B 131 -18.31 -28.07 -18.39
N TYR B 132 -17.21 -27.94 -17.65
CA TYR B 132 -17.13 -27.10 -16.47
C TYR B 132 -16.15 -25.97 -16.75
N THR B 133 -16.61 -24.73 -16.56
CA THR B 133 -15.80 -23.56 -16.82
C THR B 133 -15.79 -22.66 -15.58
N LEU B 134 -14.70 -21.91 -15.43
CA LEU B 134 -14.49 -21.09 -14.25
C LEU B 134 -13.65 -19.88 -14.63
N ARG B 135 -13.90 -18.78 -13.94
CA ARG B 135 -13.18 -17.54 -14.14
C ARG B 135 -12.24 -17.30 -12.95
N LEU B 136 -10.98 -16.99 -13.26
CA LEU B 136 -9.96 -16.90 -12.23
C LEU B 136 -9.04 -15.72 -12.52
N THR B 137 -8.37 -15.26 -11.47
CA THR B 137 -7.30 -14.28 -11.56
C THR B 137 -6.08 -14.86 -10.86
N ILE B 138 -4.96 -14.94 -11.57
CA ILE B 138 -3.78 -15.63 -11.09
C ILE B 138 -2.65 -14.61 -10.95
N SER B 139 -2.10 -14.50 -9.74
CA SER B 139 -0.92 -13.68 -9.48
C SER B 139 0.29 -14.62 -9.43
N ALA B 140 0.72 -15.06 -10.60
CA ALA B 140 1.83 -15.99 -10.72
C ALA B 140 3.15 -15.25 -10.61
N GLU B 141 4.25 -16.01 -10.63
CA GLU B 141 5.59 -15.47 -10.55
C GLU B 141 6.35 -15.74 -11.85
N CYS B 142 7.07 -14.74 -12.32
CA CYS B 142 7.82 -14.80 -13.59
C CYS B 142 9.28 -14.47 -13.33
N PRO B 143 10.14 -15.47 -13.09
CA PRO B 143 11.56 -15.18 -12.94
C PRO B 143 12.14 -14.58 -14.22
N MET B 144 13.09 -13.67 -14.05
CA MET B 144 13.68 -12.95 -15.16
C MET B 144 15.18 -12.81 -14.93
N ASP B 145 15.90 -12.65 -16.04
CA ASP B 145 17.35 -12.42 -16.03
C ASP B 145 17.60 -11.08 -16.70
N LEU B 146 17.78 -10.03 -15.90
CA LEU B 146 17.96 -8.67 -16.40
C LEU B 146 19.41 -8.40 -16.76
N GLU B 147 19.99 -9.24 -17.60
CA GLU B 147 21.36 -9.05 -18.05
C GLU B 147 21.46 -8.10 -19.23
N ASP B 148 20.47 -8.13 -20.14
CA ASP B 148 20.42 -7.23 -21.28
C ASP B 148 19.37 -6.14 -21.12
N PHE B 149 19.01 -5.83 -19.88
CA PHE B 149 17.99 -4.83 -19.63
C PHE B 149 18.44 -3.48 -20.21
N PRO B 150 17.55 -2.73 -20.85
CA PRO B 150 16.12 -2.99 -21.10
C PRO B 150 15.86 -3.86 -22.32
N MET B 151 16.86 -4.17 -23.14
CA MET B 151 16.67 -5.03 -24.31
C MET B 151 16.67 -6.49 -23.87
N ASP B 152 15.58 -6.87 -23.22
CA ASP B 152 15.42 -8.20 -22.65
C ASP B 152 14.13 -8.83 -23.14
N GLU B 153 14.18 -10.14 -23.39
CA GLU B 153 13.00 -10.92 -23.75
C GLU B 153 12.71 -11.90 -22.63
N GLN B 154 11.46 -11.92 -22.18
CA GLN B 154 11.06 -12.72 -21.03
C GLN B 154 10.07 -13.79 -21.45
N ASN B 155 10.10 -14.92 -20.75
CA ASN B 155 9.24 -16.07 -21.01
C ASN B 155 8.52 -16.39 -19.70
N CYS B 156 7.38 -15.77 -19.48
CA CYS B 156 6.62 -15.98 -18.25
C CYS B 156 5.73 -17.22 -18.40
N PRO B 157 5.94 -18.27 -17.59
CA PRO B 157 5.15 -19.49 -17.77
C PRO B 157 3.86 -19.50 -16.96
N LEU B 158 3.09 -20.58 -17.10
CA LEU B 158 1.88 -20.80 -16.32
C LEU B 158 1.66 -22.30 -16.23
N LYS B 159 1.95 -22.87 -15.06
CA LYS B 159 1.89 -24.30 -14.85
C LYS B 159 0.70 -24.65 -13.96
N PHE B 160 -0.01 -25.72 -14.34
CA PHE B 160 -1.12 -26.20 -13.54
C PHE B 160 -1.25 -27.71 -13.72
N GLY B 161 -1.91 -28.34 -12.76
CA GLY B 161 -2.10 -29.78 -12.81
C GLY B 161 -2.85 -30.25 -11.59
N SER B 162 -3.02 -31.56 -11.50
CA SER B 162 -3.75 -32.15 -10.39
C SER B 162 -2.91 -32.11 -9.12
N TYR B 163 -3.60 -32.17 -7.98
CA TYR B 163 -2.96 -32.13 -6.67
C TYR B 163 -2.91 -33.51 -6.02
N ALA B 164 -4.00 -34.25 -6.06
CA ALA B 164 -4.10 -35.54 -5.37
C ALA B 164 -4.19 -36.73 -6.31
N TYR B 165 -4.51 -36.53 -7.58
CA TYR B 165 -4.69 -37.63 -8.51
C TYR B 165 -3.43 -37.81 -9.34
N PRO B 166 -2.70 -38.93 -9.20
CA PRO B 166 -1.46 -39.10 -9.97
C PRO B 166 -1.70 -39.20 -11.46
N ASN B 167 -0.61 -39.37 -12.22
CA ASN B 167 -0.71 -39.50 -13.67
C ASN B 167 -1.37 -40.80 -14.09
N SER B 168 -1.48 -41.78 -13.19
CA SER B 168 -2.08 -43.06 -13.52
C SER B 168 -3.61 -43.03 -13.44
N GLU B 169 -4.20 -41.95 -12.96
CA GLU B 169 -5.65 -41.83 -12.83
C GLU B 169 -6.23 -40.69 -13.63
N VAL B 170 -5.57 -39.54 -13.65
CA VAL B 170 -6.06 -38.35 -14.36
C VAL B 170 -4.94 -37.84 -15.25
N VAL B 171 -5.28 -37.55 -16.51
CA VAL B 171 -4.33 -37.05 -17.49
C VAL B 171 -4.93 -35.80 -18.13
N TYR B 172 -4.12 -34.75 -18.25
CA TYR B 172 -4.53 -33.50 -18.86
C TYR B 172 -3.93 -33.39 -20.25
N VAL B 173 -4.78 -33.15 -21.24
CA VAL B 173 -4.35 -33.00 -22.63
C VAL B 173 -5.09 -31.83 -23.24
N TRP B 174 -4.37 -30.98 -23.97
CA TRP B 174 -4.98 -29.84 -24.64
C TRP B 174 -5.91 -30.34 -25.75
N THR B 175 -7.02 -29.62 -25.94
CA THR B 175 -8.00 -29.98 -26.95
C THR B 175 -7.67 -29.30 -28.27
N ASN B 176 -7.82 -30.05 -29.36
CA ASN B 176 -7.57 -29.54 -30.70
C ASN B 176 -6.10 -29.07 -30.76
N GLY B 177 -5.80 -28.11 -31.63
CA GLY B 177 -4.45 -27.62 -31.79
C GLY B 177 -4.07 -26.61 -30.72
N SER B 178 -2.81 -26.19 -30.78
CA SER B 178 -2.30 -25.22 -29.81
C SER B 178 -3.02 -23.90 -29.92
N THR B 179 -3.29 -23.43 -31.15
CA THR B 179 -3.93 -22.13 -31.32
C THR B 179 -5.32 -22.12 -30.71
N LYS B 180 -6.10 -23.19 -30.93
CA LYS B 180 -7.43 -23.25 -30.35
C LYS B 180 -7.38 -23.45 -28.84
N SER B 181 -6.36 -24.14 -28.35
CA SER B 181 -6.28 -24.41 -26.92
C SER B 181 -6.16 -23.13 -26.10
N VAL B 182 -5.32 -22.20 -26.56
CA VAL B 182 -5.09 -20.94 -25.86
C VAL B 182 -5.46 -19.80 -26.80
N VAL B 183 -6.30 -18.89 -26.32
CA VAL B 183 -6.77 -17.74 -27.09
C VAL B 183 -6.56 -16.49 -26.24
N VAL B 184 -6.03 -15.45 -26.88
CA VAL B 184 -5.77 -14.17 -26.22
C VAL B 184 -6.55 -13.09 -26.94
N ALA B 185 -7.32 -12.31 -26.18
CA ALA B 185 -8.09 -11.24 -26.75
C ALA B 185 -7.18 -10.12 -27.24
N GLU B 186 -7.60 -9.49 -28.35
CA GLU B 186 -6.78 -8.43 -28.94
C GLU B 186 -6.63 -7.25 -27.97
N ASP B 187 -7.72 -6.86 -27.32
CA ASP B 187 -7.65 -5.72 -26.40
C ASP B 187 -6.93 -6.09 -25.11
N GLY B 188 -7.00 -7.35 -24.69
CA GLY B 188 -6.34 -7.74 -23.45
C GLY B 188 -4.83 -7.61 -23.51
N SER B 189 -4.24 -7.99 -24.64
CA SER B 189 -2.79 -7.95 -24.81
C SER B 189 -2.32 -6.51 -25.05
N ARG B 190 -2.50 -5.69 -24.01
CA ARG B 190 -2.08 -4.29 -24.03
C ARG B 190 -1.36 -3.98 -22.72
N LEU B 191 -0.04 -3.97 -22.77
CA LEU B 191 0.79 -3.65 -21.62
C LEU B 191 1.53 -2.35 -21.87
N ASN B 192 1.75 -1.59 -20.80
CA ASN B 192 2.38 -0.28 -20.94
C ASN B 192 3.84 -0.39 -21.35
N GLN B 193 4.53 -1.46 -20.95
CA GLN B 193 5.97 -1.57 -21.19
C GLN B 193 6.36 -2.97 -21.67
N TYR B 194 5.48 -3.64 -22.41
CA TYR B 194 5.80 -4.96 -22.93
C TYR B 194 4.96 -5.22 -24.18
N HIS B 195 5.46 -6.13 -25.01
CA HIS B 195 4.77 -6.60 -26.20
C HIS B 195 4.52 -8.10 -26.08
N LEU B 196 3.30 -8.52 -26.36
CA LEU B 196 2.93 -9.94 -26.31
C LEU B 196 3.19 -10.53 -27.69
N MET B 197 4.41 -11.01 -27.90
CA MET B 197 4.80 -11.51 -29.21
C MET B 197 4.00 -12.74 -29.60
N GLY B 198 3.79 -13.66 -28.66
CA GLY B 198 3.06 -14.88 -28.97
C GLY B 198 2.92 -15.75 -27.74
N GLN B 199 2.36 -16.93 -27.96
CA GLN B 199 2.09 -17.89 -26.91
C GLN B 199 2.56 -19.28 -27.34
N THR B 200 2.83 -20.13 -26.35
CA THR B 200 3.23 -21.50 -26.59
C THR B 200 2.69 -22.38 -25.48
N VAL B 201 2.62 -23.68 -25.76
CA VAL B 201 2.11 -24.66 -24.80
C VAL B 201 3.07 -25.83 -24.75
N GLY B 202 2.93 -26.63 -23.69
CA GLY B 202 3.80 -27.78 -23.51
C GLY B 202 3.27 -28.70 -22.43
N THR B 203 3.93 -29.84 -22.29
CA THR B 203 3.55 -30.83 -21.30
C THR B 203 4.80 -31.55 -20.82
N GLU B 204 4.68 -32.19 -19.66
CA GLU B 204 5.77 -32.96 -19.08
C GLU B 204 5.24 -33.71 -17.86
N ASN B 205 6.07 -34.62 -17.37
CA ASN B 205 5.76 -35.41 -16.18
C ASN B 205 6.78 -35.14 -15.10
N ILE B 206 6.35 -35.24 -13.84
CA ILE B 206 7.21 -35.07 -12.69
C ILE B 206 6.95 -36.21 -11.72
N SER B 207 8.02 -36.76 -11.16
CA SER B 207 7.95 -37.86 -10.20
C SER B 207 8.26 -37.33 -8.81
N THR B 208 7.41 -37.67 -7.85
CA THR B 208 7.55 -37.22 -6.48
C THR B 208 7.27 -38.40 -5.56
N SER B 209 7.26 -38.13 -4.25
CA SER B 209 7.01 -39.19 -3.28
C SER B 209 5.62 -39.79 -3.45
N THR B 210 4.62 -38.93 -3.68
CA THR B 210 3.24 -39.43 -3.82
C THR B 210 3.02 -40.17 -5.13
N GLY B 211 3.86 -39.93 -6.14
CA GLY B 211 3.76 -40.59 -7.43
C GLY B 211 3.97 -39.61 -8.55
N GLU B 212 3.79 -40.10 -9.78
CA GLU B 212 3.97 -39.28 -10.96
C GLU B 212 2.75 -38.41 -11.22
N TYR B 213 2.98 -37.23 -11.77
CA TYR B 213 1.92 -36.29 -12.10
C TYR B 213 2.18 -35.72 -13.49
N THR B 214 1.11 -35.28 -14.13
CA THR B 214 1.19 -34.65 -15.44
C THR B 214 1.09 -33.14 -15.27
N ILE B 215 1.98 -32.41 -15.93
CA ILE B 215 2.07 -30.96 -15.80
C ILE B 215 1.81 -30.35 -17.17
N MET B 216 0.89 -29.39 -17.21
CA MET B 216 0.57 -28.64 -18.42
C MET B 216 1.17 -27.25 -18.29
N THR B 217 2.00 -26.87 -19.24
CA THR B 217 2.76 -25.62 -19.19
C THR B 217 2.42 -24.76 -20.38
N ALA B 218 2.20 -23.48 -20.12
CA ALA B 218 1.95 -22.48 -21.16
C ALA B 218 2.88 -21.30 -20.93
N HIS B 219 3.58 -20.88 -21.97
CA HIS B 219 4.55 -19.78 -21.89
C HIS B 219 4.07 -18.61 -22.74
N PHE B 220 4.28 -17.40 -22.22
CA PHE B 220 3.97 -16.17 -22.93
C PHE B 220 5.26 -15.42 -23.21
N HIS B 221 5.50 -15.10 -24.46
CA HIS B 221 6.70 -14.39 -24.87
C HIS B 221 6.49 -12.89 -24.73
N LEU B 222 7.38 -12.24 -23.98
CA LEU B 222 7.30 -10.81 -23.74
C LEU B 222 8.56 -10.14 -24.27
N LYS B 223 8.37 -9.08 -25.05
CA LYS B 223 9.47 -8.29 -25.60
C LYS B 223 9.30 -6.86 -25.11
N ARG B 224 10.23 -6.40 -24.28
CA ARG B 224 10.11 -5.07 -23.71
C ARG B 224 10.19 -4.02 -24.80
N LYS B 225 9.31 -3.03 -24.72
CA LYS B 225 9.26 -1.92 -25.67
C LYS B 225 10.07 -0.77 -25.11
N ILE B 226 11.07 -0.33 -25.87
CA ILE B 226 11.92 0.76 -25.43
C ILE B 226 11.28 2.09 -25.81
N GLY B 227 11.67 3.14 -25.08
CA GLY B 227 11.15 4.47 -25.34
C GLY B 227 10.87 5.24 -24.07
N TYR B 228 10.48 4.54 -23.01
CA TYR B 228 10.33 5.20 -21.72
C TYR B 228 11.69 5.49 -21.10
N PHE B 229 12.62 4.54 -21.20
CA PHE B 229 13.95 4.75 -20.64
C PHE B 229 14.76 5.73 -21.47
N VAL B 230 14.50 5.81 -22.77
CA VAL B 230 15.19 6.77 -23.62
C VAL B 230 14.87 8.19 -23.17
N ILE B 231 13.59 8.46 -22.90
CA ILE B 231 13.18 9.79 -22.44
C ILE B 231 13.51 10.03 -20.99
N GLN B 232 13.83 8.99 -20.23
CA GLN B 232 14.03 9.09 -18.78
C GLN B 232 15.49 9.05 -18.38
N THR B 233 16.29 8.15 -18.96
CA THR B 233 17.67 7.94 -18.52
C THR B 233 18.69 8.25 -19.61
N TYR B 234 18.49 7.74 -20.82
CA TYR B 234 19.51 7.88 -21.85
C TYR B 234 19.72 9.33 -22.26
N LEU B 235 18.63 10.04 -22.58
CA LEU B 235 18.77 11.41 -23.06
C LEU B 235 19.43 12.32 -22.04
N PRO B 236 19.01 12.34 -20.76
CA PRO B 236 19.70 13.20 -19.80
C PRO B 236 21.19 12.93 -19.71
N CYS B 237 21.60 11.66 -19.78
CA CYS B 237 23.02 11.34 -19.79
C CYS B 237 23.68 11.87 -21.05
N ILE B 238 23.03 11.74 -22.21
CA ILE B 238 23.63 12.19 -23.47
C ILE B 238 23.79 13.70 -23.45
N MET B 239 22.75 14.43 -23.01
CA MET B 239 22.84 15.88 -22.98
C MET B 239 23.83 16.36 -21.93
N THR B 240 23.96 15.63 -20.83
CA THR B 240 24.91 16.02 -19.79
C THR B 240 26.34 15.99 -20.33
N VAL B 241 26.67 14.96 -21.13
CA VAL B 241 28.01 14.87 -21.71
C VAL B 241 28.27 16.06 -22.62
N ILE B 242 27.29 16.43 -23.44
CA ILE B 242 27.46 17.55 -24.36
C ILE B 242 27.71 18.83 -23.56
N LEU B 243 27.04 18.98 -22.42
CA LEU B 243 27.24 20.17 -21.61
C LEU B 243 28.69 20.28 -21.13
N SER B 244 29.29 19.17 -20.73
CA SER B 244 30.66 19.20 -20.23
C SER B 244 31.63 19.64 -21.31
N GLN B 245 31.43 19.17 -22.54
CA GLN B 245 32.36 19.50 -23.63
C GLN B 245 32.41 20.99 -23.92
N VAL B 246 31.37 21.73 -23.54
CA VAL B 246 31.36 23.18 -23.78
C VAL B 246 32.50 23.85 -23.03
N SER B 247 32.92 23.27 -21.91
CA SER B 247 34.01 23.87 -21.14
C SER B 247 35.30 23.96 -21.95
N PHE B 248 35.49 23.05 -22.91
CA PHE B 248 36.70 23.07 -23.71
C PHE B 248 36.80 24.35 -24.52
N TRP B 249 35.69 24.80 -25.11
CA TRP B 249 35.70 25.99 -25.94
C TRP B 249 35.96 27.26 -25.14
N LEU B 250 35.84 27.21 -23.82
CA LEU B 250 36.11 28.39 -23.00
C LEU B 250 37.61 28.59 -22.85
N ASN B 251 37.98 29.79 -22.42
CA ASN B 251 39.38 30.16 -22.25
C ASN B 251 39.95 29.53 -20.99
N ARG B 252 41.26 29.26 -21.02
CA ARG B 252 41.92 28.65 -19.87
C ARG B 252 41.90 29.56 -18.65
N GLU B 253 42.13 30.86 -18.84
CA GLU B 253 42.22 31.77 -17.71
C GLU B 253 40.93 31.83 -16.91
N SER B 254 39.79 31.48 -17.52
CA SER B 254 38.51 31.46 -16.81
C SER B 254 38.42 30.15 -16.01
N VAL B 255 39.22 30.10 -14.95
CA VAL B 255 39.31 28.88 -14.14
C VAL B 255 37.96 28.58 -13.49
N ALA B 256 37.33 29.60 -12.92
CA ALA B 256 36.07 29.39 -12.22
C ALA B 256 34.99 28.87 -13.16
N ALA B 257 34.90 29.45 -14.36
CA ALA B 257 33.84 29.06 -15.29
C ALA B 257 33.94 27.59 -15.66
N ARG B 258 35.13 27.14 -16.08
CA ARG B 258 35.29 25.75 -16.48
C ARG B 258 35.11 24.81 -15.30
N THR B 259 35.43 25.27 -14.08
CA THR B 259 35.26 24.42 -12.91
C THR B 259 33.79 24.09 -12.68
N VAL B 260 32.90 25.07 -12.86
CA VAL B 260 31.48 24.85 -12.60
C VAL B 260 30.94 23.75 -13.52
N PHE B 261 31.29 23.81 -14.80
CA PHE B 261 30.80 22.82 -15.75
C PHE B 261 31.18 21.41 -15.31
N GLY B 262 32.45 21.20 -14.96
CA GLY B 262 32.88 19.86 -14.59
C GLY B 262 32.24 19.35 -13.31
N VAL B 263 32.19 20.21 -12.29
CA VAL B 263 31.69 19.78 -10.99
C VAL B 263 30.20 19.47 -11.06
N THR B 264 29.42 20.39 -11.64
CA THR B 264 27.98 20.20 -11.69
C THR B 264 27.59 18.97 -12.49
N THR B 265 28.26 18.76 -13.63
CA THR B 265 27.92 17.62 -14.49
C THR B 265 28.21 16.30 -13.79
N VAL B 266 29.33 16.21 -13.08
CA VAL B 266 29.67 14.96 -12.39
C VAL B 266 28.61 14.62 -11.37
N LEU B 267 28.19 15.60 -10.58
CA LEU B 267 27.14 15.37 -9.59
C LEU B 267 25.83 14.99 -10.26
N THR B 268 25.51 15.63 -11.39
CA THR B 268 24.27 15.32 -12.08
C THR B 268 24.24 13.86 -12.53
N MET B 269 25.35 13.35 -13.05
CA MET B 269 25.39 11.96 -13.46
C MET B 269 25.22 11.04 -12.26
N THR B 270 25.81 11.39 -11.12
CA THR B 270 25.72 10.54 -9.94
C THR B 270 24.26 10.36 -9.50
N THR B 271 23.50 11.45 -9.45
CA THR B 271 22.12 11.36 -9.00
C THR B 271 21.24 10.60 -9.99
N LEU B 272 21.54 10.70 -11.29
CA LEU B 272 20.76 9.96 -12.27
C LEU B 272 20.88 8.46 -12.05
N SER B 273 22.09 7.99 -11.73
CA SER B 273 22.27 6.56 -11.47
C SER B 273 21.44 6.11 -10.27
N ILE B 274 21.42 6.91 -9.21
CA ILE B 274 20.65 6.55 -8.03
C ILE B 274 19.17 6.54 -8.34
N SER B 275 18.67 7.60 -8.97
CA SER B 275 17.24 7.68 -9.27
C SER B 275 16.83 6.62 -10.28
N ALA B 276 17.68 6.34 -11.27
CA ALA B 276 17.31 5.39 -12.31
C ALA B 276 17.06 4.01 -11.74
N ARG B 277 17.91 3.56 -10.80
CA ARG B 277 17.79 2.22 -10.26
C ARG B 277 16.76 2.09 -9.15
N ASN B 278 16.18 3.21 -8.69
CA ASN B 278 15.16 3.11 -7.66
C ASN B 278 13.95 2.33 -8.15
N SER B 279 13.53 2.57 -9.39
CA SER B 279 12.43 1.80 -9.96
C SER B 279 12.85 0.40 -10.36
N LEU B 280 14.09 0.24 -10.82
CA LEU B 280 14.58 -1.06 -11.24
C LEU B 280 14.69 -1.99 -10.03
N PRO B 281 14.44 -3.29 -10.22
CA PRO B 281 14.58 -4.22 -9.10
C PRO B 281 16.00 -4.25 -8.57
N LYS B 282 16.12 -4.52 -7.28
CA LYS B 282 17.42 -4.58 -6.59
C LYS B 282 18.11 -5.88 -6.98
N VAL B 283 18.84 -5.84 -8.08
CA VAL B 283 19.56 -6.99 -8.61
C VAL B 283 21.05 -6.76 -8.40
N ALA B 284 21.75 -7.78 -7.89
CA ALA B 284 23.17 -7.66 -7.57
C ALA B 284 24.06 -8.04 -8.76
N TYR B 285 23.81 -7.40 -9.90
CA TYR B 285 24.70 -7.54 -11.05
C TYR B 285 24.47 -6.35 -11.98
N ALA B 286 25.43 -6.13 -12.86
CA ALA B 286 25.41 -4.97 -13.74
C ALA B 286 24.54 -5.23 -14.96
N THR B 287 23.79 -4.20 -15.35
CA THR B 287 22.94 -4.24 -16.54
C THR B 287 23.58 -3.43 -17.66
N ALA B 288 22.97 -3.52 -18.84
CA ALA B 288 23.46 -2.75 -19.98
C ALA B 288 23.36 -1.26 -19.70
N MET B 289 22.26 -0.84 -19.06
CA MET B 289 22.10 0.57 -18.75
C MET B 289 23.20 1.07 -17.82
N ASP B 290 23.59 0.23 -16.85
CA ASP B 290 24.64 0.63 -15.93
C ASP B 290 25.96 0.87 -16.64
N TRP B 291 26.32 0.01 -17.59
CA TRP B 291 27.55 0.22 -18.34
C TRP B 291 27.49 1.52 -19.14
N PHE B 292 26.34 1.82 -19.73
CA PHE B 292 26.20 3.07 -20.47
C PHE B 292 26.39 4.27 -19.55
N ILE B 293 25.81 4.21 -18.35
CA ILE B 293 25.97 5.31 -17.40
C ILE B 293 27.43 5.44 -17.00
N ALA B 294 28.10 4.32 -16.73
CA ALA B 294 29.50 4.38 -16.31
C ALA B 294 30.38 5.02 -17.37
N VAL B 295 30.17 4.65 -18.63
CA VAL B 295 30.96 5.24 -19.71
C VAL B 295 30.74 6.74 -19.77
N CYS B 296 29.47 7.17 -19.70
CA CYS B 296 29.18 8.60 -19.70
C CYS B 296 29.79 9.28 -18.48
N TYR B 297 29.86 8.58 -17.35
CA TYR B 297 30.49 9.16 -16.16
C TYR B 297 31.97 9.41 -16.39
N ALA B 298 32.64 8.51 -17.13
CA ALA B 298 34.06 8.69 -17.39
C ALA B 298 34.32 9.92 -18.23
N PHE B 299 33.49 10.18 -19.24
CA PHE B 299 33.70 11.33 -20.11
C PHE B 299 33.69 12.63 -19.32
N VAL B 300 32.64 12.84 -18.53
CA VAL B 300 32.55 14.07 -17.74
C VAL B 300 33.69 14.14 -16.74
N PHE B 301 34.01 13.03 -16.08
CA PHE B 301 35.12 13.01 -15.15
C PHE B 301 36.44 13.25 -15.87
N SER B 302 36.62 12.62 -17.04
CA SER B 302 37.85 12.80 -17.79
C SER B 302 38.04 14.24 -18.22
N ALA B 303 36.96 14.89 -18.66
CA ALA B 303 37.07 16.29 -19.06
C ALA B 303 37.57 17.16 -17.91
N LEU B 304 37.06 16.90 -16.70
CA LEU B 304 37.53 17.65 -15.54
C LEU B 304 39.02 17.42 -15.29
N LEU B 305 39.48 16.18 -15.45
CA LEU B 305 40.90 15.89 -15.29
C LEU B 305 41.72 16.64 -16.32
N GLU B 306 41.23 16.73 -17.55
CA GLU B 306 41.97 17.44 -18.59
C GLU B 306 42.17 18.90 -18.23
N PHE B 307 41.14 19.55 -17.69
CA PHE B 307 41.28 20.94 -17.28
C PHE B 307 42.31 21.09 -16.17
N ALA B 308 42.28 20.19 -15.19
CA ALA B 308 43.24 20.26 -14.10
C ALA B 308 44.67 20.11 -14.61
N PHE B 309 44.89 19.14 -15.52
CA PHE B 309 46.21 18.96 -16.08
C PHE B 309 46.66 20.19 -16.87
N VAL B 310 45.75 20.77 -17.66
CA VAL B 310 46.08 21.95 -18.43
C VAL B 310 46.43 23.11 -17.51
N ASN B 311 45.61 23.35 -16.49
CA ASN B 311 45.86 24.45 -15.57
C ASN B 311 47.11 24.24 -14.74
N TYR B 312 47.61 23.01 -14.67
CA TYR B 312 48.81 22.72 -13.88
C TYR B 312 50.10 22.96 -14.65
N ILE B 313 50.02 23.17 -15.97
CA ILE B 313 51.21 23.38 -16.78
C ILE B 313 51.05 24.61 -17.66
N THR B 314 50.02 25.42 -17.37
CA THR B 314 49.76 26.60 -18.17
C THR B 314 50.82 27.67 -18.01
N LYS B 315 51.71 27.54 -17.03
CA LYS B 315 52.78 28.51 -16.80
C LYS B 315 54.11 28.08 -17.39
N SER B 316 54.56 26.86 -17.08
CA SER B 316 55.88 26.42 -17.53
C SER B 316 55.92 26.27 -19.04
N GLN B 317 54.96 25.54 -19.61
CA GLN B 317 54.93 25.25 -21.05
C GLN B 317 53.54 25.55 -21.59
N PRO B 318 53.20 26.82 -21.77
CA PRO B 318 51.88 27.16 -22.32
C PRO B 318 51.65 26.60 -23.71
N ALA B 319 52.72 26.36 -24.47
CA ALA B 319 52.55 25.90 -25.85
C ALA B 319 51.82 24.56 -25.92
N ARG B 320 52.19 23.62 -25.06
CA ARG B 320 51.56 22.30 -25.09
C ARG B 320 50.13 22.37 -24.60
N ALA B 321 49.83 23.27 -23.67
CA ALA B 321 48.47 23.38 -23.14
C ALA B 321 47.48 23.73 -24.23
N ALA B 322 47.84 24.67 -25.10
CA ALA B 322 46.91 25.08 -26.17
C ALA B 322 46.61 23.92 -27.11
N LYS B 323 47.63 23.14 -27.45
CA LYS B 323 47.41 22.00 -28.34
C LYS B 323 46.45 21.00 -27.73
N ILE B 324 46.61 20.71 -26.44
CA ILE B 324 45.75 19.75 -25.77
C ILE B 324 44.30 20.23 -25.79
N ASP B 325 44.09 21.50 -25.46
CA ASP B 325 42.73 22.03 -25.42
C ASP B 325 42.07 21.98 -26.80
N LYS B 326 42.81 22.37 -27.84
CA LYS B 326 42.26 22.32 -29.19
C LYS B 326 41.93 20.89 -29.59
N MET B 327 42.83 19.95 -29.28
CA MET B 327 42.62 18.56 -29.66
C MET B 327 41.39 17.97 -28.96
N SER B 328 41.19 18.32 -27.69
CA SER B 328 40.09 17.75 -26.93
C SER B 328 38.74 18.11 -27.54
N ARG B 329 38.64 19.27 -28.19
CA ARG B 329 37.37 19.67 -28.79
C ARG B 329 36.92 18.71 -29.89
N ILE B 330 37.84 17.93 -30.45
CA ILE B 330 37.53 17.03 -31.56
C ILE B 330 37.53 15.57 -31.10
N VAL B 331 38.48 15.18 -30.26
CA VAL B 331 38.61 13.78 -29.89
C VAL B 331 37.38 13.31 -29.11
N PHE B 332 36.99 14.06 -28.08
CA PHE B 332 35.93 13.59 -27.20
C PHE B 332 34.61 13.39 -27.92
N PRO B 333 34.11 14.33 -28.72
CA PRO B 333 32.85 14.08 -29.43
C PRO B 333 32.88 12.85 -30.32
N ILE B 334 34.01 12.60 -30.98
CA ILE B 334 34.10 11.45 -31.87
C ILE B 334 33.97 10.15 -31.09
N LEU B 335 34.68 10.05 -29.96
CA LEU B 335 34.61 8.82 -29.17
C LEU B 335 33.19 8.56 -28.67
N PHE B 336 32.51 9.60 -28.18
CA PHE B 336 31.16 9.42 -27.67
C PHE B 336 30.22 8.97 -28.79
N GLY B 337 30.33 9.55 -29.97
CA GLY B 337 29.50 9.13 -31.08
C GLY B 337 29.79 7.70 -31.50
N THR B 338 31.07 7.33 -31.56
CA THR B 338 31.44 5.96 -31.93
C THR B 338 30.91 4.96 -30.92
N PHE B 339 30.99 5.30 -29.62
CA PHE B 339 30.54 4.37 -28.59
C PHE B 339 29.06 4.06 -28.72
N ASN B 340 28.24 5.08 -29.01
CA ASN B 340 26.81 4.86 -29.10
C ASN B 340 26.47 3.86 -30.21
N LEU B 341 27.14 3.99 -31.36
CA LEU B 341 26.87 3.06 -32.46
C LEU B 341 27.16 1.62 -32.05
N VAL B 342 28.29 1.40 -31.39
CA VAL B 342 28.64 0.06 -30.94
C VAL B 342 27.64 -0.44 -29.91
N TYR B 343 27.28 0.41 -28.94
CA TYR B 343 26.39 -0.02 -27.87
C TYR B 343 25.01 -0.38 -28.41
N TRP B 344 24.40 0.53 -29.18
CA TRP B 344 23.06 0.27 -29.68
C TRP B 344 23.06 -0.89 -30.67
N ALA B 345 24.06 -0.96 -31.55
CA ALA B 345 24.13 -2.04 -32.52
C ALA B 345 24.28 -3.39 -31.82
N THR B 346 25.09 -3.44 -30.75
CA THR B 346 25.35 -4.70 -30.08
C THR B 346 24.07 -5.29 -29.50
N TYR B 347 23.24 -4.47 -28.87
CA TYR B 347 22.04 -4.97 -28.20
C TYR B 347 20.80 -4.96 -29.10
N LEU B 348 20.80 -4.17 -30.16
CA LEU B 348 19.68 -4.14 -31.10
C LEU B 348 19.87 -5.04 -32.31
N ASN B 349 20.98 -5.79 -32.36
CA ASN B 349 21.24 -6.67 -33.49
C ASN B 349 22.23 -7.77 -33.10
N ASN C 14 -54.01 -11.93 11.26
CA ASN C 14 -54.25 -11.46 9.90
C ASN C 14 -52.99 -11.61 9.05
N ILE C 15 -51.83 -11.38 9.67
CA ILE C 15 -50.56 -11.49 8.95
C ILE C 15 -50.29 -12.91 8.48
N THR C 16 -50.90 -13.92 9.12
CA THR C 16 -50.62 -15.30 8.77
C THR C 16 -50.96 -15.61 7.32
N ILE C 17 -51.85 -14.83 6.70
CA ILE C 17 -52.21 -15.09 5.31
C ILE C 17 -50.98 -14.97 4.41
N PHE C 18 -50.15 -13.95 4.66
CA PHE C 18 -48.96 -13.76 3.84
C PHE C 18 -48.01 -14.95 3.96
N THR C 19 -47.89 -15.51 5.17
CA THR C 19 -46.99 -16.65 5.36
C THR C 19 -47.40 -17.83 4.50
N ARG C 20 -48.71 -18.11 4.41
CA ARG C 20 -49.16 -19.23 3.59
C ARG C 20 -48.84 -19.01 2.12
N ILE C 21 -48.96 -17.76 1.65
CA ILE C 21 -48.69 -17.49 0.24
C ILE C 21 -47.26 -17.82 -0.12
N LEU C 22 -46.31 -17.44 0.73
CA LEU C 22 -44.91 -17.69 0.43
C LEU C 22 -44.62 -19.18 0.32
N ASP C 23 -45.17 -19.98 1.22
CA ASP C 23 -44.94 -21.42 1.17
C ASP C 23 -45.51 -22.02 -0.10
N GLY C 24 -46.68 -21.56 -0.53
CA GLY C 24 -47.27 -22.09 -1.74
C GLY C 24 -46.40 -21.88 -2.96
N LEU C 25 -45.82 -20.68 -3.10
CA LEU C 25 -44.97 -20.40 -4.24
C LEU C 25 -43.73 -21.30 -4.25
N LEU C 26 -43.12 -21.49 -3.08
CA LEU C 26 -41.92 -22.32 -3.00
C LEU C 26 -42.21 -23.79 -3.28
N ASP C 27 -43.45 -24.23 -3.11
CA ASP C 27 -43.79 -25.62 -3.36
C ASP C 27 -43.57 -25.95 -4.83
N GLY C 28 -42.86 -27.05 -5.08
CA GLY C 28 -42.59 -27.46 -6.45
C GLY C 28 -41.82 -26.42 -7.25
N TYR C 29 -40.89 -25.73 -6.61
CA TYR C 29 -40.10 -24.69 -7.25
C TYR C 29 -38.65 -25.16 -7.37
N ASP C 30 -38.13 -25.15 -8.59
CA ASP C 30 -36.75 -25.55 -8.87
C ASP C 30 -35.96 -24.31 -9.24
N ASN C 31 -35.08 -23.87 -8.33
CA ASN C 31 -34.28 -22.68 -8.56
C ASN C 31 -33.22 -22.87 -9.62
N ARG C 32 -32.96 -24.11 -10.05
CA ARG C 32 -31.94 -24.40 -11.04
C ARG C 32 -32.45 -24.29 -12.47
N LEU C 33 -33.74 -24.08 -12.68
CA LEU C 33 -34.34 -24.00 -14.00
C LEU C 33 -34.96 -22.64 -14.20
N ARG C 34 -34.61 -21.99 -15.31
CA ARG C 34 -35.15 -20.68 -15.62
C ARG C 34 -36.62 -20.79 -16.01
N PRO C 35 -37.40 -19.73 -15.82
CA PRO C 35 -38.80 -19.76 -16.24
C PRO C 35 -38.93 -19.92 -17.75
N GLY C 36 -39.98 -20.62 -18.16
CA GLY C 36 -40.22 -20.83 -19.58
C GLY C 36 -39.11 -21.58 -20.27
N LEU C 37 -38.57 -22.61 -19.62
CA LEU C 37 -37.50 -23.41 -20.23
C LEU C 37 -38.07 -24.25 -21.37
N GLY C 38 -37.39 -24.22 -22.51
CA GLY C 38 -37.81 -25.00 -23.65
C GLY C 38 -39.15 -24.60 -24.23
N GLU C 39 -39.64 -23.41 -23.89
CA GLU C 39 -40.92 -22.92 -24.38
C GLU C 39 -40.82 -21.56 -25.05
N ARG C 40 -39.97 -20.68 -24.55
CA ARG C 40 -39.82 -19.34 -25.10
C ARG C 40 -38.45 -18.81 -24.70
N ILE C 41 -38.24 -17.51 -24.89
CA ILE C 41 -36.98 -16.85 -24.59
C ILE C 41 -37.22 -15.85 -23.47
N THR C 42 -36.45 -15.97 -22.39
CA THR C 42 -36.57 -15.04 -21.28
C THR C 42 -36.05 -13.67 -21.66
N GLN C 43 -36.70 -12.63 -21.16
CA GLN C 43 -36.34 -11.25 -21.43
C GLN C 43 -36.09 -10.54 -20.11
N VAL C 44 -34.98 -9.80 -20.03
CA VAL C 44 -34.55 -9.13 -18.81
C VAL C 44 -34.36 -7.66 -19.11
N ARG C 45 -34.90 -6.80 -18.24
CA ARG C 45 -34.79 -5.35 -18.37
C ARG C 45 -33.85 -4.84 -17.29
N THR C 46 -32.84 -4.08 -17.69
CA THR C 46 -31.79 -3.61 -16.80
C THR C 46 -31.82 -2.10 -16.72
N ASP C 47 -31.76 -1.57 -15.50
CA ASP C 47 -31.62 -0.14 -15.25
C ASP C 47 -30.54 0.08 -14.20
N MET C 48 -29.85 1.20 -14.31
CA MET C 48 -28.68 1.49 -13.48
C MET C 48 -28.78 2.89 -12.91
N TYR C 49 -28.22 3.06 -11.72
CA TYR C 49 -28.09 4.37 -11.07
C TYR C 49 -26.71 4.45 -10.45
N VAL C 50 -25.94 5.46 -10.83
CA VAL C 50 -24.57 5.62 -10.36
C VAL C 50 -24.60 6.51 -9.12
N ASN C 51 -24.43 5.91 -7.95
CA ASN C 51 -24.40 6.68 -6.71
C ASN C 51 -23.22 7.64 -6.67
N SER C 52 -22.05 7.17 -7.11
CA SER C 52 -20.86 8.00 -7.13
C SER C 52 -19.85 7.39 -8.08
N PHE C 53 -19.19 8.26 -8.86
CA PHE C 53 -18.15 7.83 -9.78
C PHE C 53 -16.80 7.91 -9.08
N GLY C 54 -16.11 6.78 -9.00
CA GLY C 54 -14.89 6.71 -8.24
C GLY C 54 -13.72 7.33 -8.95
N PRO C 55 -12.58 7.37 -8.25
CA PRO C 55 -11.38 7.95 -8.85
C PRO C 55 -10.88 7.14 -10.03
N VAL C 56 -10.24 7.82 -10.97
CA VAL C 56 -9.66 7.22 -12.16
C VAL C 56 -8.15 7.19 -11.99
N SER C 57 -7.56 6.01 -12.01
CA SER C 57 -6.13 5.82 -11.84
C SER C 57 -5.51 5.60 -13.22
N ASP C 58 -4.82 6.63 -13.73
CA ASP C 58 -4.18 6.51 -15.03
C ASP C 58 -3.08 5.45 -15.01
N THR C 59 -2.31 5.39 -13.92
CA THR C 59 -1.22 4.43 -13.84
C THR C 59 -1.73 3.00 -13.95
N GLU C 60 -2.82 2.67 -13.25
CA GLU C 60 -3.39 1.34 -13.27
C GLU C 60 -4.48 1.18 -14.32
N MET C 61 -4.84 2.24 -15.02
CA MET C 61 -5.85 2.18 -16.09
C MET C 61 -7.15 1.56 -15.59
N GLU C 62 -7.56 1.96 -14.38
CA GLU C 62 -8.79 1.46 -13.80
C GLU C 62 -9.57 2.61 -13.19
N TYR C 63 -10.89 2.43 -13.12
CA TYR C 63 -11.79 3.41 -12.53
C TYR C 63 -12.80 2.69 -11.64
N THR C 64 -13.02 3.24 -10.46
CA THR C 64 -13.98 2.68 -9.52
C THR C 64 -15.34 3.35 -9.69
N ILE C 65 -16.40 2.60 -9.40
CA ILE C 65 -17.76 3.11 -9.54
C ILE C 65 -18.66 2.32 -8.61
N ASP C 66 -19.67 3.00 -8.06
CA ASP C 66 -20.67 2.40 -7.20
C ASP C 66 -22.05 2.63 -7.83
N ILE C 67 -22.82 1.56 -7.96
CA ILE C 67 -24.11 1.60 -8.66
C ILE C 67 -25.15 0.79 -7.89
N PHE C 68 -26.41 1.05 -8.22
CA PHE C 68 -27.55 0.28 -7.74
C PHE C 68 -28.09 -0.49 -8.94
N PHE C 69 -27.53 -1.67 -9.19
CA PHE C 69 -27.92 -2.46 -10.35
C PHE C 69 -29.29 -3.09 -10.11
N ALA C 70 -30.17 -2.95 -11.09
CA ALA C 70 -31.53 -3.47 -11.01
C ALA C 70 -31.84 -4.30 -12.24
N GLN C 71 -32.52 -5.42 -12.02
CA GLN C 71 -32.89 -6.34 -13.09
C GLN C 71 -34.35 -6.73 -12.92
N THR C 72 -35.09 -6.72 -14.04
CA THR C 72 -36.49 -7.07 -14.05
C THR C 72 -36.72 -8.17 -15.09
N TRP C 73 -37.53 -9.16 -14.73
CA TRP C 73 -37.85 -10.25 -15.63
C TRP C 73 -39.25 -10.75 -15.29
N LYS C 74 -39.59 -11.91 -15.84
CA LYS C 74 -40.92 -12.50 -15.69
C LYS C 74 -40.78 -13.94 -15.22
N ASP C 75 -41.68 -14.36 -14.33
CA ASP C 75 -41.68 -15.73 -13.81
C ASP C 75 -43.12 -16.11 -13.54
N GLU C 76 -43.65 -17.05 -14.33
CA GLU C 76 -45.04 -17.45 -14.17
C GLU C 76 -45.26 -18.27 -12.90
N ARG C 77 -44.22 -18.96 -12.43
CA ARG C 77 -44.37 -19.82 -11.27
C ARG C 77 -44.63 -19.04 -9.98
N LEU C 78 -44.43 -17.72 -9.98
CA LEU C 78 -44.59 -16.91 -8.78
C LEU C 78 -45.94 -16.22 -8.71
N ARG C 79 -46.86 -16.57 -9.60
CA ARG C 79 -48.20 -15.97 -9.56
C ARG C 79 -48.87 -16.26 -8.24
N PHE C 80 -49.55 -15.24 -7.69
CA PHE C 80 -50.24 -15.38 -6.42
C PHE C 80 -51.44 -14.44 -6.41
N LYS C 81 -52.38 -14.74 -5.50
CA LYS C 81 -53.58 -13.94 -5.34
C LYS C 81 -53.69 -13.53 -3.87
N GLY C 82 -53.92 -12.25 -3.63
CA GLY C 82 -54.04 -11.73 -2.29
C GLY C 82 -54.47 -10.27 -2.26
N PRO C 83 -54.78 -9.77 -1.06
CA PRO C 83 -55.22 -8.37 -0.97
C PRO C 83 -54.19 -7.37 -1.45
N MET C 84 -52.91 -7.64 -1.25
CA MET C 84 -51.85 -6.70 -1.60
C MET C 84 -51.24 -7.08 -2.95
N GLN C 85 -51.05 -6.09 -3.81
CA GLN C 85 -50.47 -6.31 -5.13
C GLN C 85 -48.95 -6.35 -5.11
N ARG C 86 -48.32 -5.99 -4.00
CA ARG C 86 -46.87 -5.96 -3.88
C ARG C 86 -46.45 -6.66 -2.59
N LEU C 87 -45.28 -7.30 -2.64
CA LEU C 87 -44.73 -8.05 -1.51
C LEU C 87 -43.28 -7.62 -1.30
N PRO C 88 -43.05 -6.50 -0.62
CA PRO C 88 -41.67 -6.13 -0.28
C PRO C 88 -41.01 -7.21 0.57
N LEU C 89 -39.74 -7.47 0.29
CA LEU C 89 -39.01 -8.53 0.97
C LEU C 89 -37.54 -8.12 1.06
N ASN C 90 -36.69 -9.09 1.39
CA ASN C 90 -35.27 -8.84 1.59
C ASN C 90 -34.49 -9.98 0.93
N ASN C 91 -33.20 -10.05 1.24
CA ASN C 91 -32.31 -11.05 0.63
C ASN C 91 -32.63 -12.47 1.06
N LEU C 92 -33.46 -12.65 2.10
CA LEU C 92 -33.71 -13.99 2.61
C LEU C 92 -34.34 -14.88 1.54
N LEU C 93 -35.30 -14.36 0.78
CA LEU C 93 -35.97 -15.14 -0.25
C LEU C 93 -35.21 -15.15 -1.57
N ALA C 94 -34.20 -14.31 -1.73
CA ALA C 94 -33.49 -14.25 -3.01
C ALA C 94 -32.80 -15.57 -3.33
N SER C 95 -32.19 -16.19 -2.33
CA SER C 95 -31.45 -17.44 -2.55
C SER C 95 -32.36 -18.62 -2.86
N LYS C 96 -33.67 -18.49 -2.65
CA LYS C 96 -34.59 -19.59 -2.83
C LYS C 96 -35.26 -19.61 -4.21
N ILE C 97 -34.89 -18.69 -5.10
CA ILE C 97 -35.48 -18.61 -6.42
C ILE C 97 -34.36 -18.47 -7.45
N TRP C 98 -34.76 -18.33 -8.72
CA TRP C 98 -33.82 -18.23 -9.83
C TRP C 98 -33.53 -16.78 -10.14
N THR C 99 -32.25 -16.45 -10.30
CA THR C 99 -31.80 -15.12 -10.68
C THR C 99 -30.77 -15.24 -11.78
N PRO C 100 -30.68 -14.24 -12.65
CA PRO C 100 -29.71 -14.31 -13.75
C PRO C 100 -28.27 -14.26 -13.24
N ASP C 101 -27.39 -14.92 -13.99
CA ASP C 101 -25.97 -14.97 -13.66
C ASP C 101 -25.21 -13.85 -14.35
N THR C 102 -25.65 -12.62 -14.15
CA THR C 102 -25.03 -11.46 -14.77
C THR C 102 -23.63 -11.23 -14.19
N PHE C 103 -22.72 -10.78 -15.05
CA PHE C 103 -21.37 -10.48 -14.64
C PHE C 103 -20.79 -9.43 -15.57
N PHE C 104 -19.70 -8.81 -15.13
CA PHE C 104 -19.03 -7.75 -15.86
C PHE C 104 -17.77 -8.30 -16.51
N HIS C 105 -17.71 -8.21 -17.84
CA HIS C 105 -16.58 -8.78 -18.58
C HIS C 105 -15.29 -8.08 -18.23
N ASN C 106 -15.31 -6.74 -18.10
CA ASN C 106 -14.12 -5.96 -17.87
C ASN C 106 -13.89 -5.65 -16.39
N GLY C 107 -14.70 -6.22 -15.49
CA GLY C 107 -14.54 -5.98 -14.08
C GLY C 107 -13.40 -6.78 -13.48
N LYS C 108 -12.30 -6.10 -13.15
CA LYS C 108 -11.15 -6.79 -12.58
C LYS C 108 -11.48 -7.38 -11.21
N LYS C 109 -12.19 -6.61 -10.38
CA LYS C 109 -12.50 -7.07 -9.02
C LYS C 109 -13.74 -6.31 -8.56
N SER C 110 -14.84 -7.03 -8.37
CA SER C 110 -16.10 -6.46 -7.91
C SER C 110 -16.46 -7.05 -6.57
N PHE C 111 -16.78 -6.19 -5.61
CA PHE C 111 -17.20 -6.60 -4.28
C PHE C 111 -18.51 -5.91 -3.92
N ALA C 112 -19.33 -6.59 -3.14
CA ALA C 112 -20.62 -6.09 -2.71
C ALA C 112 -20.52 -5.48 -1.32
N HIS C 113 -21.62 -4.93 -0.86
CA HIS C 113 -21.72 -4.28 0.45
C HIS C 113 -22.63 -5.11 1.35
N TRP C 114 -22.19 -5.34 2.59
CA TRP C 114 -22.88 -6.23 3.50
C TRP C 114 -23.51 -5.53 4.69
N MET C 115 -22.74 -4.75 5.45
CA MET C 115 -23.27 -4.11 6.63
C MET C 115 -24.19 -2.95 6.26
N THR C 116 -25.21 -2.72 7.07
CA THR C 116 -25.58 -3.48 8.26
C THR C 116 -26.26 -4.79 7.87
N THR C 117 -27.04 -4.73 6.79
CA THR C 117 -27.74 -5.88 6.25
C THR C 117 -27.47 -5.95 4.76
N PRO C 118 -27.35 -7.16 4.19
CA PRO C 118 -27.06 -7.26 2.75
C PRO C 118 -27.97 -6.39 1.90
N ASN C 119 -27.36 -5.48 1.14
CA ASN C 119 -28.10 -4.48 0.37
C ASN C 119 -28.74 -5.15 -0.85
N ARG C 120 -29.90 -5.73 -0.63
CA ARG C 120 -30.65 -6.39 -1.70
C ARG C 120 -32.13 -6.25 -1.42
N MET C 121 -32.92 -6.26 -2.49
CA MET C 121 -34.37 -6.18 -2.39
C MET C 121 -34.99 -7.15 -3.38
N LEU C 122 -36.19 -7.61 -3.06
CA LEU C 122 -36.91 -8.56 -3.91
C LEU C 122 -38.40 -8.24 -3.81
N ARG C 123 -38.98 -7.81 -4.93
CA ARG C 123 -40.39 -7.46 -5.00
C ARG C 123 -41.08 -8.33 -6.05
N ILE C 124 -42.27 -8.80 -5.71
CA ILE C 124 -43.03 -9.71 -6.56
C ILE C 124 -44.46 -9.20 -6.68
N TRP C 125 -45.00 -9.25 -7.89
CA TRP C 125 -46.36 -8.85 -8.18
C TRP C 125 -47.19 -10.07 -8.56
N ASN C 126 -48.51 -9.86 -8.67
CA ASN C 126 -49.41 -10.96 -8.97
C ASN C 126 -49.11 -11.57 -10.34
N ASP C 127 -48.82 -10.73 -11.33
CA ASP C 127 -48.55 -11.22 -12.67
C ASP C 127 -47.26 -12.03 -12.76
N GLY C 128 -46.42 -11.99 -11.73
CA GLY C 128 -45.16 -12.69 -11.73
C GLY C 128 -43.95 -11.82 -11.99
N ARG C 129 -44.15 -10.55 -12.32
CA ARG C 129 -43.02 -9.64 -12.55
C ARG C 129 -42.17 -9.55 -11.28
N VAL C 130 -40.85 -9.56 -11.46
CA VAL C 130 -39.90 -9.56 -10.36
C VAL C 130 -38.94 -8.39 -10.52
N LEU C 131 -38.66 -7.70 -9.42
CA LEU C 131 -37.72 -6.60 -9.41
C LEU C 131 -36.61 -6.93 -8.41
N TYR C 132 -35.43 -7.23 -8.92
CA TYR C 132 -34.26 -7.57 -8.10
C TYR C 132 -33.21 -6.49 -8.29
N THR C 133 -32.77 -5.90 -7.18
CA THR C 133 -31.79 -4.83 -7.19
C THR C 133 -30.62 -5.19 -6.29
N LEU C 134 -29.45 -4.66 -6.62
CA LEU C 134 -28.23 -4.99 -5.93
C LEU C 134 -27.28 -3.81 -5.98
N ARG C 135 -26.48 -3.66 -4.93
CA ARG C 135 -25.49 -2.59 -4.83
C ARG C 135 -24.10 -3.19 -5.00
N LEU C 136 -23.30 -2.58 -5.87
CA LEU C 136 -22.00 -3.13 -6.25
C LEU C 136 -20.98 -2.01 -6.37
N THR C 137 -19.71 -2.41 -6.25
CA THR C 137 -18.57 -1.55 -6.53
C THR C 137 -17.68 -2.27 -7.53
N ILE C 138 -17.40 -1.62 -8.66
CA ILE C 138 -16.73 -2.24 -9.78
C ILE C 138 -15.40 -1.53 -10.01
N SER C 139 -14.31 -2.28 -9.94
CA SER C 139 -12.98 -1.77 -10.28
C SER C 139 -12.66 -2.23 -11.70
N ALA C 140 -13.26 -1.56 -12.67
CA ALA C 140 -13.10 -1.91 -14.07
C ALA C 140 -11.80 -1.31 -14.61
N GLU C 141 -11.51 -1.61 -15.87
CA GLU C 141 -10.31 -1.13 -16.54
C GLU C 141 -10.70 -0.23 -17.70
N CYS C 142 -9.99 0.90 -17.83
CA CYS C 142 -10.27 1.91 -18.85
C CYS C 142 -9.00 2.15 -19.67
N PRO C 143 -8.83 1.46 -20.80
CA PRO C 143 -7.68 1.76 -21.65
C PRO C 143 -7.72 3.18 -22.18
N MET C 144 -6.55 3.78 -22.31
CA MET C 144 -6.43 5.18 -22.72
C MET C 144 -5.26 5.33 -23.69
N ASP C 145 -5.34 6.37 -24.51
CA ASP C 145 -4.29 6.73 -25.45
C ASP C 145 -3.81 8.13 -25.11
N LEU C 146 -2.71 8.22 -24.37
CA LEU C 146 -2.18 9.50 -23.90
C LEU C 146 -1.30 10.18 -24.95
N GLU C 147 -1.85 10.35 -26.16
CA GLU C 147 -1.11 11.02 -27.23
C GLU C 147 -1.25 12.53 -27.16
N ASP C 148 -2.40 13.03 -26.72
CA ASP C 148 -2.63 14.47 -26.57
C ASP C 148 -2.65 14.88 -25.10
N PHE C 149 -2.02 14.09 -24.23
CA PHE C 149 -2.02 14.41 -22.81
C PHE C 149 -1.37 15.77 -22.58
N PRO C 150 -1.92 16.60 -21.69
CA PRO C 150 -3.11 16.39 -20.86
C PRO C 150 -4.42 16.72 -21.57
N MET C 151 -4.39 17.28 -22.78
CA MET C 151 -5.62 17.59 -23.51
C MET C 151 -6.12 16.32 -24.20
N ASP C 152 -6.65 15.42 -23.37
CA ASP C 152 -7.12 14.11 -23.83
C ASP C 152 -8.54 13.88 -23.37
N GLU C 153 -9.34 13.25 -24.24
CA GLU C 153 -10.69 12.84 -23.93
C GLU C 153 -10.75 11.32 -23.89
N GLN C 154 -11.31 10.78 -22.81
CA GLN C 154 -11.32 9.35 -22.58
C GLN C 154 -12.75 8.83 -22.59
N ASN C 155 -12.90 7.58 -23.03
CA ASN C 155 -14.20 6.91 -23.12
C ASN C 155 -14.09 5.60 -22.33
N CYS C 156 -14.38 5.67 -21.04
CA CYS C 156 -14.28 4.49 -20.19
C CYS C 156 -15.56 3.68 -20.28
N PRO C 157 -15.52 2.42 -20.75
CA PRO C 157 -16.76 1.65 -20.92
C PRO C 157 -17.14 0.84 -19.69
N LEU C 158 -18.26 0.14 -19.78
CA LEU C 158 -18.71 -0.76 -18.72
C LEU C 158 -19.58 -1.83 -19.38
N LYS C 159 -19.02 -3.03 -19.53
CA LYS C 159 -19.67 -4.12 -20.23
C LYS C 159 -20.12 -5.19 -19.25
N PHE C 160 -21.33 -5.71 -19.45
CA PHE C 160 -21.84 -6.78 -18.62
C PHE C 160 -22.81 -7.63 -19.44
N GLY C 161 -23.00 -8.85 -18.99
CA GLY C 161 -23.89 -9.77 -19.68
C GLY C 161 -23.92 -11.10 -18.97
N SER C 162 -24.67 -12.03 -19.56
CA SER C 162 -24.80 -13.35 -18.99
C SER C 162 -23.52 -14.16 -19.17
N TYR C 163 -23.35 -15.16 -18.30
CA TYR C 163 -22.17 -16.03 -18.32
C TYR C 163 -22.48 -17.39 -18.93
N ALA C 164 -23.59 -18.01 -18.55
CA ALA C 164 -23.93 -19.35 -18.98
C ALA C 164 -25.13 -19.44 -19.90
N TYR C 165 -25.95 -18.39 -19.97
CA TYR C 165 -27.16 -18.43 -20.77
C TYR C 165 -26.92 -17.73 -22.10
N PRO C 166 -26.93 -18.43 -23.23
CA PRO C 166 -26.66 -17.79 -24.52
C PRO C 166 -27.72 -16.76 -24.90
N ASN C 167 -27.53 -16.15 -26.07
CA ASN C 167 -28.49 -15.15 -26.56
C ASN C 167 -29.82 -15.76 -26.94
N SER C 168 -29.88 -17.08 -27.11
CA SER C 168 -31.12 -17.75 -27.50
C SER C 168 -32.04 -18.03 -26.32
N GLU C 169 -31.58 -17.78 -25.09
CA GLU C 169 -32.38 -18.02 -23.90
C GLU C 169 -32.63 -16.77 -23.07
N VAL C 170 -31.61 -15.91 -22.92
CA VAL C 170 -31.72 -14.70 -22.11
C VAL C 170 -31.24 -13.52 -22.96
N VAL C 171 -32.04 -12.46 -22.96
CA VAL C 171 -31.72 -11.25 -23.72
C VAL C 171 -31.83 -10.05 -22.78
N TYR C 172 -30.84 -9.17 -22.83
CA TYR C 172 -30.81 -7.97 -22.01
C TYR C 172 -31.15 -6.76 -22.86
N VAL C 173 -32.13 -5.99 -22.41
CA VAL C 173 -32.57 -4.79 -23.11
C VAL C 173 -32.79 -3.68 -22.10
N TRP C 174 -32.30 -2.48 -22.41
CA TRP C 174 -32.50 -1.35 -21.53
C TRP C 174 -33.97 -0.96 -21.48
N THR C 175 -34.42 -0.52 -20.30
CA THR C 175 -35.82 -0.15 -20.11
C THR C 175 -36.01 1.33 -20.41
N ASN C 176 -37.11 1.64 -21.08
CA ASN C 176 -37.44 3.02 -21.44
C ASN C 176 -36.29 3.58 -22.28
N GLY C 177 -36.10 4.90 -22.26
CA GLY C 177 -35.07 5.53 -23.04
C GLY C 177 -33.70 5.43 -22.40
N SER C 178 -32.70 5.95 -23.12
CA SER C 178 -31.33 5.91 -22.63
C SER C 178 -31.17 6.74 -21.36
N THR C 179 -31.80 7.91 -21.31
CA THR C 179 -31.65 8.79 -20.15
C THR C 179 -32.20 8.13 -18.89
N LYS C 180 -33.36 7.49 -18.99
CA LYS C 180 -33.92 6.80 -17.83
C LYS C 180 -33.14 5.55 -17.47
N SER C 181 -32.55 4.89 -18.48
CA SER C 181 -31.84 3.65 -18.21
C SER C 181 -30.64 3.88 -17.30
N VAL C 182 -29.87 4.95 -17.55
CA VAL C 182 -28.68 5.27 -16.78
C VAL C 182 -28.87 6.65 -16.16
N VAL C 183 -28.67 6.74 -14.85
CA VAL C 183 -28.81 7.98 -14.11
C VAL C 183 -27.56 8.19 -13.26
N VAL C 184 -27.04 9.41 -13.27
CA VAL C 184 -25.84 9.77 -12.53
C VAL C 184 -26.20 10.88 -11.56
N ALA C 185 -25.87 10.69 -10.29
CA ALA C 185 -26.14 11.71 -9.28
C ALA C 185 -25.25 12.93 -9.50
N GLU C 186 -25.82 14.10 -9.20
CA GLU C 186 -25.08 15.35 -9.40
C GLU C 186 -23.85 15.40 -8.53
N ASP C 187 -23.96 14.99 -7.26
CA ASP C 187 -22.83 15.03 -6.36
C ASP C 187 -21.81 13.94 -6.67
N GLY C 188 -22.26 12.80 -7.20
CA GLY C 188 -21.34 11.73 -7.50
C GLY C 188 -20.34 12.09 -8.58
N SER C 189 -20.79 12.78 -9.62
CA SER C 189 -19.93 13.15 -10.74
C SER C 189 -19.02 14.33 -10.35
N ARG C 190 -18.12 14.04 -9.41
CA ARG C 190 -17.15 15.02 -8.93
C ARG C 190 -15.79 14.34 -8.86
N LEU C 191 -14.95 14.59 -9.86
CA LEU C 191 -13.60 14.05 -9.90
C LEU C 191 -12.59 15.18 -9.81
N ASN C 192 -11.46 14.90 -9.17
CA ASN C 192 -10.46 15.94 -8.95
C ASN C 192 -9.83 16.40 -10.25
N GLN C 193 -9.71 15.52 -11.24
CA GLN C 193 -8.97 15.84 -12.46
C GLN C 193 -9.71 15.37 -13.71
N TYR C 194 -11.03 15.35 -13.68
CA TYR C 194 -11.81 14.96 -14.85
C TYR C 194 -13.18 15.60 -14.79
N HIS C 195 -13.80 15.72 -15.97
CA HIS C 195 -15.16 16.21 -16.10
C HIS C 195 -16.02 15.11 -16.73
N LEU C 196 -17.19 14.87 -16.15
CA LEU C 196 -18.12 13.87 -16.67
C LEU C 196 -19.05 14.56 -17.66
N MET C 197 -18.62 14.61 -18.92
CA MET C 197 -19.37 15.33 -19.94
C MET C 197 -20.74 14.71 -20.18
N GLY C 198 -20.82 13.38 -20.22
CA GLY C 198 -22.08 12.72 -20.47
C GLY C 198 -21.92 11.22 -20.45
N GLN C 199 -23.03 10.54 -20.78
CA GLN C 199 -23.09 9.09 -20.78
C GLN C 199 -23.75 8.60 -22.06
N THR C 200 -23.45 7.35 -22.41
CA THR C 200 -24.04 6.72 -23.58
C THR C 200 -24.20 5.24 -23.30
N VAL C 201 -25.06 4.59 -24.08
CA VAL C 201 -25.36 3.18 -23.94
C VAL C 201 -25.32 2.53 -25.32
N GLY C 202 -25.21 1.20 -25.31
CA GLY C 202 -25.14 0.45 -26.55
C GLY C 202 -25.34 -1.02 -26.31
N THR C 203 -25.42 -1.76 -27.42
CA THR C 203 -25.62 -3.21 -27.37
C THR C 203 -24.90 -3.83 -28.55
N GLU C 204 -24.65 -5.13 -28.44
CA GLU C 204 -24.02 -5.89 -29.50
C GLU C 204 -24.05 -7.37 -29.13
N ASN C 205 -23.72 -8.21 -30.10
CA ASN C 205 -23.65 -9.66 -29.92
C ASN C 205 -22.23 -10.14 -30.17
N ILE C 206 -21.86 -11.22 -29.48
CA ILE C 206 -20.56 -11.85 -29.65
C ILE C 206 -20.76 -13.35 -29.78
N SER C 207 -20.03 -13.95 -30.70
CA SER C 207 -20.11 -15.39 -30.96
C SER C 207 -18.84 -16.05 -30.43
N THR C 208 -19.02 -17.13 -29.66
CA THR C 208 -17.91 -17.85 -29.05
C THR C 208 -18.18 -19.34 -29.20
N SER C 209 -17.30 -20.15 -28.59
CA SER C 209 -17.46 -21.60 -28.69
C SER C 209 -18.77 -22.05 -28.05
N THR C 210 -19.10 -21.50 -26.88
CA THR C 210 -20.31 -21.91 -26.18
C THR C 210 -21.58 -21.43 -26.87
N GLY C 211 -21.49 -20.39 -27.70
CA GLY C 211 -22.62 -19.86 -28.44
C GLY C 211 -22.62 -18.36 -28.42
N GLU C 212 -23.68 -17.77 -28.97
CA GLU C 212 -23.82 -16.33 -29.03
C GLU C 212 -24.31 -15.77 -27.71
N TYR C 213 -23.85 -14.56 -27.39
CA TYR C 213 -24.26 -13.87 -26.17
C TYR C 213 -24.58 -12.42 -26.51
N THR C 214 -25.41 -11.82 -25.67
CA THR C 214 -25.78 -10.41 -25.80
C THR C 214 -24.97 -9.60 -24.81
N ILE C 215 -24.39 -8.49 -25.29
CA ILE C 215 -23.52 -7.64 -24.48
C ILE C 215 -24.14 -6.26 -24.40
N MET C 216 -24.27 -5.75 -23.18
CA MET C 216 -24.78 -4.41 -22.92
C MET C 216 -23.60 -3.53 -22.52
N THR C 217 -23.40 -2.44 -23.27
CA THR C 217 -22.25 -1.58 -23.09
C THR C 217 -22.70 -0.16 -22.76
N ALA C 218 -22.04 0.43 -21.76
CA ALA C 218 -22.27 1.81 -21.37
C ALA C 218 -20.94 2.53 -21.31
N HIS C 219 -20.87 3.69 -21.95
CA HIS C 219 -19.64 4.48 -22.01
C HIS C 219 -19.82 5.79 -21.27
N PHE C 220 -18.77 6.21 -20.57
CA PHE C 220 -18.74 7.48 -19.87
C PHE C 220 -17.67 8.38 -20.51
N HIS C 221 -18.07 9.57 -20.92
CA HIS C 221 -17.16 10.50 -21.56
C HIS C 221 -16.45 11.32 -20.49
N LEU C 222 -15.12 11.32 -20.53
CA LEU C 222 -14.29 12.04 -19.59
C LEU C 222 -13.45 13.06 -20.33
N LYS C 223 -13.46 14.30 -19.84
CA LYS C 223 -12.66 15.38 -20.41
C LYS C 223 -11.76 15.91 -19.29
N ARG C 224 -10.45 15.70 -19.44
CA ARG C 224 -9.52 16.12 -18.41
C ARG C 224 -9.56 17.63 -18.22
N LYS C 225 -9.57 18.07 -16.97
CA LYS C 225 -9.57 19.48 -16.63
C LYS C 225 -8.14 19.93 -16.40
N ILE C 226 -7.69 20.93 -17.15
CA ILE C 226 -6.34 21.43 -17.02
C ILE C 226 -6.28 22.47 -15.91
N GLY C 227 -5.09 22.65 -15.35
CA GLY C 227 -4.87 23.62 -14.30
C GLY C 227 -3.95 23.12 -13.22
N TYR C 228 -3.95 21.81 -12.97
CA TYR C 228 -2.97 21.24 -12.05
C TYR C 228 -1.59 21.17 -12.69
N PHE C 229 -1.54 20.78 -13.98
CA PHE C 229 -0.26 20.68 -14.67
C PHE C 229 0.29 22.07 -15.00
N VAL C 230 -0.58 23.05 -15.19
CA VAL C 230 -0.13 24.42 -15.44
C VAL C 230 0.67 24.93 -14.24
N ILE C 231 0.14 24.71 -13.04
CA ILE C 231 0.80 25.16 -11.82
C ILE C 231 1.97 24.26 -11.44
N GLN C 232 2.06 23.07 -12.02
CA GLN C 232 3.08 22.09 -11.62
C GLN C 232 4.23 21.98 -12.62
N THR C 233 3.94 21.97 -13.92
CA THR C 233 4.96 21.70 -14.92
C THR C 233 5.16 22.87 -15.89
N TYR C 234 4.08 23.43 -16.43
CA TYR C 234 4.23 24.45 -17.47
C TYR C 234 4.88 25.71 -16.92
N LEU C 235 4.36 26.24 -15.81
CA LEU C 235 4.89 27.50 -15.30
C LEU C 235 6.36 27.42 -14.92
N PRO C 236 6.82 26.41 -14.17
CA PRO C 236 8.26 26.35 -13.88
C PRO C 236 9.12 26.33 -15.13
N CYS C 237 8.69 25.63 -16.18
CA CYS C 237 9.43 25.65 -17.43
C CYS C 237 9.43 27.04 -18.05
N ILE C 238 8.28 27.72 -18.02
CA ILE C 238 8.18 29.05 -18.63
C ILE C 238 9.08 30.04 -17.88
N MET C 239 9.03 30.01 -16.55
CA MET C 239 9.84 30.94 -15.77
C MET C 239 11.32 30.60 -15.88
N THR C 240 11.67 29.32 -16.03
CA THR C 240 13.06 28.93 -16.18
C THR C 240 13.65 29.53 -17.45
N VAL C 241 12.89 29.53 -18.55
CA VAL C 241 13.37 30.10 -19.80
C VAL C 241 13.64 31.60 -19.62
N ILE C 242 12.73 32.30 -18.96
CA ILE C 242 12.91 33.74 -18.74
C ILE C 242 14.17 34.00 -17.95
N LEU C 243 14.46 33.13 -16.98
CA LEU C 243 15.66 33.31 -16.17
C LEU C 243 16.92 33.25 -17.03
N SER C 244 16.96 32.32 -17.98
CA SER C 244 18.14 32.17 -18.82
C SER C 244 18.39 33.42 -19.67
N GLN C 245 17.31 34.02 -20.20
CA GLN C 245 17.46 35.18 -21.07
C GLN C 245 18.09 36.36 -20.35
N VAL C 246 18.03 36.40 -19.02
CA VAL C 246 18.63 37.51 -18.27
C VAL C 246 20.13 37.54 -18.49
N SER C 247 20.74 36.39 -18.76
CA SER C 247 22.18 36.35 -18.99
C SER C 247 22.60 37.22 -20.16
N PHE C 248 21.71 37.39 -21.15
CA PHE C 248 22.05 38.19 -22.32
C PHE C 248 22.31 39.64 -21.94
N TRP C 249 21.49 40.19 -21.04
CA TRP C 249 21.64 41.58 -20.64
C TRP C 249 22.92 41.84 -19.85
N LEU C 250 23.56 40.80 -19.34
CA LEU C 250 24.80 40.97 -18.61
C LEU C 250 25.96 41.20 -19.57
N ASN C 251 27.07 41.72 -19.01
CA ASN C 251 28.24 42.03 -19.80
C ASN C 251 29.00 40.76 -20.17
N ARG C 252 29.70 40.82 -21.31
CA ARG C 252 30.45 39.66 -21.77
C ARG C 252 31.60 39.33 -20.83
N GLU C 253 32.31 40.34 -20.33
CA GLU C 253 33.48 40.09 -19.49
C GLU C 253 33.13 39.33 -18.22
N SER C 254 31.87 39.39 -17.77
CA SER C 254 31.44 38.65 -16.59
C SER C 254 31.16 37.20 -16.99
N VAL C 255 32.25 36.47 -17.28
CA VAL C 255 32.14 35.11 -17.76
C VAL C 255 31.49 34.22 -16.71
N ALA C 256 31.93 34.35 -15.45
CA ALA C 256 31.41 33.49 -14.40
C ALA C 256 29.91 33.71 -14.20
N ALA C 257 29.47 34.96 -14.20
CA ALA C 257 28.06 35.26 -13.94
C ALA C 257 27.16 34.61 -14.98
N ARG C 258 27.46 34.82 -16.26
CA ARG C 258 26.62 34.25 -17.31
C ARG C 258 26.69 32.73 -17.31
N THR C 259 27.82 32.15 -16.89
CA THR C 259 27.94 30.71 -16.85
C THR C 259 26.95 30.10 -15.86
N VAL C 260 26.78 30.72 -14.70
CA VAL C 260 25.89 30.18 -13.67
C VAL C 260 24.47 30.09 -14.20
N PHE C 261 24.00 31.15 -14.86
CA PHE C 261 22.64 31.14 -15.38
C PHE C 261 22.41 29.96 -16.31
N GLY C 262 23.31 29.75 -17.26
CA GLY C 262 23.11 28.68 -18.23
C GLY C 262 23.17 27.31 -17.60
N VAL C 263 24.15 27.07 -16.74
CA VAL C 263 24.34 25.74 -16.17
C VAL C 263 23.19 25.37 -15.25
N THR C 264 22.83 26.28 -14.34
CA THR C 264 21.78 25.98 -13.38
C THR C 264 20.44 25.74 -14.07
N THR C 265 20.11 26.56 -15.06
CA THR C 265 18.83 26.43 -15.75
C THR C 265 18.72 25.10 -16.48
N VAL C 266 19.80 24.67 -17.14
CA VAL C 266 19.77 23.41 -17.87
C VAL C 266 19.49 22.25 -16.93
N LEU C 267 20.18 22.23 -15.79
CA LEU C 267 19.95 21.18 -14.81
C LEU C 267 18.53 21.24 -14.26
N THR C 268 18.01 22.45 -14.03
CA THR C 268 16.66 22.59 -13.51
C THR C 268 15.64 21.98 -14.47
N MET C 269 15.80 22.22 -15.77
CA MET C 269 14.88 21.64 -16.74
C MET C 269 14.97 20.11 -16.72
N THR C 270 16.18 19.57 -16.58
CA THR C 270 16.35 18.13 -16.60
C THR C 270 15.58 17.46 -15.48
N THR C 271 15.67 18.02 -14.26
CA THR C 271 14.99 17.40 -13.12
C THR C 271 13.48 17.53 -13.23
N LEU C 272 12.98 18.61 -13.84
CA LEU C 272 11.54 18.76 -14.00
C LEU C 272 10.97 17.66 -14.88
N SER C 273 11.68 17.29 -15.94
CA SER C 273 11.22 16.21 -16.80
C SER C 273 11.14 14.90 -16.03
N ILE C 274 12.14 14.61 -15.21
CA ILE C 274 12.13 13.37 -14.44
C ILE C 274 10.99 13.36 -13.43
N SER C 275 10.86 14.46 -12.67
CA SER C 275 9.81 14.52 -11.66
C SER C 275 8.42 14.52 -12.29
N ALA C 276 8.26 15.22 -13.42
CA ALA C 276 6.95 15.35 -14.04
C ALA C 276 6.40 13.98 -14.45
N ARG C 277 7.25 13.12 -15.01
CA ARG C 277 6.79 11.83 -15.52
C ARG C 277 6.70 10.77 -14.45
N ASN C 278 7.16 11.04 -13.21
CA ASN C 278 7.04 10.06 -12.15
C ASN C 278 5.58 9.74 -11.87
N SER C 279 4.72 10.76 -11.82
CA SER C 279 3.29 10.53 -11.63
C SER C 279 2.63 10.00 -12.88
N LEU C 280 3.08 10.44 -14.05
CA LEU C 280 2.48 9.99 -15.29
C LEU C 280 2.75 8.50 -15.51
N PRO C 281 1.83 7.77 -16.13
CA PRO C 281 2.07 6.34 -16.38
C PRO C 281 3.28 6.14 -17.29
N LYS C 282 3.95 5.01 -17.10
CA LYS C 282 5.14 4.67 -17.88
C LYS C 282 4.69 4.22 -19.26
N VAL C 283 4.57 5.19 -20.17
CA VAL C 283 4.13 4.96 -21.54
C VAL C 283 5.34 5.18 -22.45
N ALA C 284 5.55 4.25 -23.38
CA ALA C 284 6.70 4.29 -24.28
C ALA C 284 6.41 5.07 -25.55
N TYR C 285 5.93 6.31 -25.39
CA TYR C 285 5.78 7.22 -26.51
C TYR C 285 5.72 8.64 -25.99
N ALA C 286 5.95 9.59 -26.88
CA ALA C 286 6.02 10.99 -26.50
C ALA C 286 4.64 11.62 -26.39
N THR C 287 4.46 12.45 -25.38
CA THR C 287 3.24 13.19 -25.16
C THR C 287 3.42 14.65 -25.56
N ALA C 288 2.31 15.39 -25.55
CA ALA C 288 2.38 16.82 -25.86
C ALA C 288 3.23 17.55 -24.83
N MET C 289 3.10 17.18 -23.55
CA MET C 289 3.91 17.83 -22.52
C MET C 289 5.39 17.60 -22.76
N ASP C 290 5.77 16.40 -23.20
CA ASP C 290 7.17 16.11 -23.45
C ASP C 290 7.74 17.01 -24.54
N TRP C 291 6.98 17.23 -25.62
CA TRP C 291 7.46 18.11 -26.67
C TRP C 291 7.63 19.53 -26.16
N PHE C 292 6.71 20.00 -25.32
CA PHE C 292 6.85 21.33 -24.75
C PHE C 292 8.11 21.44 -23.91
N ILE C 293 8.39 20.41 -23.10
CA ILE C 293 9.60 20.42 -22.28
C ILE C 293 10.84 20.43 -23.16
N ALA C 294 10.84 19.62 -24.22
CA ALA C 294 12.01 19.54 -25.09
C ALA C 294 12.30 20.88 -25.73
N VAL C 295 11.26 21.57 -26.22
CA VAL C 295 11.46 22.88 -26.85
C VAL C 295 12.05 23.86 -25.83
N CYS C 296 11.50 23.88 -24.62
CA CYS C 296 12.05 24.75 -23.58
C CYS C 296 13.48 24.37 -23.24
N TYR C 297 13.82 23.07 -23.32
CA TYR C 297 15.18 22.64 -23.05
C TYR C 297 16.13 23.20 -24.10
N ALA C 298 15.69 23.28 -25.36
CA ALA C 298 16.54 23.80 -26.42
C ALA C 298 16.87 25.28 -26.19
N PHE C 299 15.89 26.07 -25.76
CA PHE C 299 16.13 27.50 -25.56
C PHE C 299 17.24 27.73 -24.54
N VAL C 300 17.12 27.11 -23.36
CA VAL C 300 18.14 27.29 -22.33
C VAL C 300 19.48 26.76 -22.82
N PHE C 301 19.48 25.59 -23.47
CA PHE C 301 20.72 25.06 -24.00
C PHE C 301 21.28 25.95 -25.10
N SER C 302 20.40 26.45 -25.98
CA SER C 302 20.86 27.32 -27.06
C SER C 302 21.49 28.59 -26.52
N ALA C 303 20.89 29.18 -25.48
CA ALA C 303 21.44 30.40 -24.90
C ALA C 303 22.86 30.16 -24.40
N LEU C 304 23.09 29.01 -23.77
CA LEU C 304 24.43 28.69 -23.29
C LEU C 304 25.42 28.58 -24.46
N LEU C 305 24.98 27.97 -25.56
CA LEU C 305 25.85 27.88 -26.74
C LEU C 305 26.17 29.27 -27.27
N GLU C 306 25.20 30.18 -27.27
CA GLU C 306 25.45 31.52 -27.77
C GLU C 306 26.54 32.21 -26.97
N PHE C 307 26.50 32.07 -25.63
CA PHE C 307 27.55 32.68 -24.81
C PHE C 307 28.91 32.09 -25.13
N ALA C 308 28.99 30.77 -25.29
CA ALA C 308 30.27 30.14 -25.61
C ALA C 308 30.81 30.64 -26.94
N PHE C 309 29.95 30.74 -27.95
CA PHE C 309 30.38 31.25 -29.25
C PHE C 309 30.85 32.69 -29.13
N VAL C 310 30.12 33.52 -28.38
CA VAL C 310 30.50 34.92 -28.22
C VAL C 310 31.85 35.02 -27.52
N ASN C 311 32.02 34.28 -26.42
CA ASN C 311 33.26 34.34 -25.67
C ASN C 311 34.44 33.76 -26.46
N TYR C 312 34.18 32.99 -27.51
CA TYR C 312 35.23 32.39 -28.31
C TYR C 312 35.76 33.32 -29.40
N ILE C 313 35.06 34.44 -29.66
CA ILE C 313 35.48 35.37 -30.71
C ILE C 313 35.51 36.78 -30.17
N THR C 314 35.43 36.94 -28.85
CA THR C 314 35.41 38.26 -28.25
C THR C 314 36.73 38.99 -28.39
N LYS C 315 37.80 38.30 -28.80
CA LYS C 315 39.11 38.91 -28.96
C LYS C 315 39.40 39.27 -30.41
N SER C 316 39.26 38.33 -31.34
CA SER C 316 39.62 38.58 -32.73
C SER C 316 38.71 39.63 -33.36
N GLN C 317 37.40 39.45 -33.23
CA GLN C 317 36.42 40.34 -33.86
C GLN C 317 35.37 40.72 -32.83
N PRO C 318 35.70 41.62 -31.90
CA PRO C 318 34.70 42.06 -30.91
C PRO C 318 33.48 42.71 -31.52
N ALA C 319 33.61 43.28 -32.72
CA ALA C 319 32.49 44.01 -33.32
C ALA C 319 31.29 43.09 -33.55
N ARG C 320 31.54 41.90 -34.08
CA ARG C 320 30.43 40.99 -34.37
C ARG C 320 29.82 40.43 -33.08
N ALA C 321 30.62 40.28 -32.03
CA ALA C 321 30.11 39.74 -30.79
C ALA C 321 29.03 40.63 -30.20
N ALA C 322 29.24 41.94 -30.22
CA ALA C 322 28.26 42.87 -29.66
C ALA C 322 26.93 42.79 -30.40
N LYS C 323 26.99 42.70 -31.73
CA LYS C 323 25.76 42.61 -32.51
C LYS C 323 24.97 41.35 -32.17
N ILE C 324 25.67 40.22 -32.01
CA ILE C 324 24.99 38.97 -31.69
C ILE C 324 24.30 39.08 -30.34
N ASP C 325 25.01 39.61 -29.34
CA ASP C 325 24.43 39.71 -28.00
C ASP C 325 23.20 40.61 -28.00
N LYS C 326 23.28 41.76 -28.68
CA LYS C 326 22.13 42.67 -28.75
C LYS C 326 20.95 42.01 -29.46
N MET C 327 21.22 41.30 -30.56
CA MET C 327 20.15 40.66 -31.32
C MET C 327 19.47 39.58 -30.50
N SER C 328 20.25 38.81 -29.73
CA SER C 328 19.67 37.71 -28.96
C SER C 328 18.64 38.19 -27.96
N ARG C 329 18.79 39.41 -27.45
CA ARG C 329 17.85 39.94 -26.46
C ARG C 329 16.45 40.06 -27.04
N ILE C 330 16.32 40.14 -28.36
CA ILE C 330 15.03 40.34 -29.01
C ILE C 330 14.53 39.07 -29.69
N VAL C 331 15.44 38.32 -30.34
CA VAL C 331 15.00 37.16 -31.12
C VAL C 331 14.41 36.10 -30.21
N PHE C 332 15.12 35.74 -29.14
CA PHE C 332 14.70 34.61 -28.31
C PHE C 332 13.33 34.83 -27.68
N PRO C 333 13.04 35.96 -27.04
CA PRO C 333 11.70 36.14 -26.46
C PRO C 333 10.58 36.03 -27.49
N ILE C 334 10.81 36.54 -28.70
CA ILE C 334 9.77 36.49 -29.73
C ILE C 334 9.46 35.04 -30.11
N LEU C 335 10.50 34.23 -30.31
CA LEU C 335 10.28 32.84 -30.70
C LEU C 335 9.53 32.08 -29.62
N PHE C 336 9.90 32.29 -28.36
CA PHE C 336 9.22 31.58 -27.27
C PHE C 336 7.75 31.98 -27.20
N GLY C 337 7.46 33.27 -27.34
CA GLY C 337 6.07 33.70 -27.34
C GLY C 337 5.28 33.14 -28.51
N THR C 338 5.89 33.15 -29.70
CA THR C 338 5.21 32.61 -30.87
C THR C 338 4.93 31.12 -30.70
N PHE C 339 5.88 30.37 -30.14
CA PHE C 339 5.71 28.93 -29.99
C PHE C 339 4.52 28.61 -29.09
N ASN C 340 4.35 29.35 -28.01
CA ASN C 340 3.26 29.07 -27.08
C ASN C 340 1.90 29.22 -27.77
N LEU C 341 1.75 30.26 -28.59
CA LEU C 341 0.47 30.45 -29.27
C LEU C 341 0.15 29.27 -30.18
N VAL C 342 1.15 28.79 -30.93
CA VAL C 342 0.93 27.65 -31.82
C VAL C 342 0.62 26.40 -31.00
N TYR C 343 1.37 26.17 -29.93
CA TYR C 343 1.19 24.96 -29.14
C TYR C 343 -0.19 24.93 -28.50
N TRP C 344 -0.56 25.98 -27.78
CA TRP C 344 -1.84 25.99 -27.08
C TRP C 344 -3.00 26.00 -28.07
N ALA C 345 -2.87 26.77 -29.15
CA ALA C 345 -3.94 26.81 -30.15
C ALA C 345 -4.13 25.45 -30.81
N THR C 346 -3.04 24.74 -31.08
CA THR C 346 -3.14 23.46 -31.76
C THR C 346 -3.94 22.45 -30.95
N TYR C 347 -3.70 22.37 -29.65
CA TYR C 347 -4.35 21.38 -28.80
C TYR C 347 -5.65 21.86 -28.17
N LEU C 348 -5.85 23.17 -28.08
CA LEU C 348 -7.08 23.72 -27.53
C LEU C 348 -8.10 24.08 -28.60
N ASN C 349 -7.81 23.81 -29.87
CA ASN C 349 -8.73 24.13 -30.95
C ASN C 349 -8.44 23.28 -32.19
N ASN D 14 -34.49 -24.30 37.50
CA ASN D 14 -35.17 -23.02 37.49
C ASN D 14 -34.93 -22.28 36.17
N ILE D 15 -33.71 -22.43 35.63
CA ILE D 15 -33.36 -21.76 34.39
C ILE D 15 -34.17 -22.28 33.21
N THR D 16 -34.72 -23.49 33.32
CA THR D 16 -35.46 -24.08 32.20
C THR D 16 -36.66 -23.23 31.80
N ILE D 17 -37.18 -22.40 32.70
CA ILE D 17 -38.33 -21.58 32.35
C ILE D 17 -37.99 -20.63 31.21
N PHE D 18 -36.79 -20.05 31.24
CA PHE D 18 -36.39 -19.13 30.19
C PHE D 18 -36.32 -19.83 28.84
N THR D 19 -35.86 -21.09 28.82
CA THR D 19 -35.74 -21.82 27.58
C THR D 19 -37.11 -21.99 26.91
N ARG D 20 -38.13 -22.30 27.70
CA ARG D 20 -39.47 -22.48 27.14
C ARG D 20 -39.98 -21.18 26.53
N ILE D 21 -39.69 -20.05 27.17
CA ILE D 21 -40.18 -18.77 26.66
C ILE D 21 -39.63 -18.50 25.26
N LEU D 22 -38.33 -18.75 25.06
CA LEU D 22 -37.73 -18.47 23.76
C LEU D 22 -38.39 -19.29 22.66
N ASP D 23 -38.63 -20.58 22.93
CA ASP D 23 -39.25 -21.42 21.91
C ASP D 23 -40.65 -20.93 21.57
N GLY D 24 -41.41 -20.49 22.57
CA GLY D 24 -42.76 -20.01 22.30
C GLY D 24 -42.78 -18.82 21.37
N LEU D 25 -41.86 -17.87 21.57
CA LEU D 25 -41.82 -16.69 20.70
C LEU D 25 -41.49 -17.08 19.27
N LEU D 26 -40.53 -17.98 19.08
CA LEU D 26 -40.14 -18.40 17.74
C LEU D 26 -41.25 -19.16 17.03
N ASP D 27 -42.18 -19.77 17.77
CA ASP D 27 -43.25 -20.52 17.14
C ASP D 27 -44.11 -19.59 16.29
N GLY D 28 -44.36 -20.00 15.05
CA GLY D 28 -45.18 -19.19 14.16
C GLY D 28 -44.61 -17.81 13.92
N TYR D 29 -43.28 -17.71 13.81
CA TYR D 29 -42.60 -16.44 13.59
C TYR D 29 -41.98 -16.43 12.20
N ASP D 30 -42.33 -15.43 11.40
CA ASP D 30 -41.81 -15.27 10.05
C ASP D 30 -40.87 -14.07 10.05
N ASN D 31 -39.57 -14.35 9.94
CA ASN D 31 -38.58 -13.28 9.94
C ASN D 31 -38.59 -12.45 8.67
N ARG D 32 -39.31 -12.88 7.63
CA ARG D 32 -39.35 -12.16 6.37
C ARG D 32 -40.44 -11.09 6.34
N LEU D 33 -41.28 -11.01 7.37
CA LEU D 33 -42.38 -10.05 7.41
C LEU D 33 -42.18 -9.11 8.59
N ARG D 34 -42.25 -7.81 8.33
CA ARG D 34 -42.10 -6.82 9.38
C ARG D 34 -43.32 -6.82 10.29
N PRO D 35 -43.17 -6.40 11.54
CA PRO D 35 -44.33 -6.32 12.43
C PRO D 35 -45.35 -5.31 11.93
N GLY D 36 -46.62 -5.60 12.19
CA GLY D 36 -47.68 -4.70 11.78
C GLY D 36 -47.76 -4.50 10.28
N LEU D 37 -47.57 -5.56 9.51
CA LEU D 37 -47.64 -5.46 8.05
C LEU D 37 -49.08 -5.23 7.61
N GLY D 38 -49.27 -4.25 6.73
CA GLY D 38 -50.60 -3.95 6.23
C GLY D 38 -51.57 -3.45 7.26
N GLU D 39 -51.09 -3.03 8.42
CA GLU D 39 -51.94 -2.54 9.50
C GLU D 39 -51.55 -1.15 9.97
N ARG D 40 -50.26 -0.83 10.00
CA ARG D 40 -49.80 0.47 10.47
C ARG D 40 -48.41 0.71 9.88
N ILE D 41 -47.72 1.72 10.40
CA ILE D 41 -46.40 2.11 9.93
C ILE D 41 -45.40 1.87 11.06
N THR D 42 -44.36 1.11 10.77
CA THR D 42 -43.32 0.83 11.76
C THR D 42 -42.50 2.08 12.02
N GLN D 43 -42.10 2.26 13.27
CA GLN D 43 -41.32 3.41 13.70
C GLN D 43 -40.03 2.91 14.36
N VAL D 44 -38.90 3.49 13.98
CA VAL D 44 -37.59 3.06 14.44
C VAL D 44 -36.88 4.27 15.04
N ARG D 45 -36.29 4.08 16.22
CA ARG D 45 -35.55 5.12 16.92
C ARG D 45 -34.07 4.77 16.87
N THR D 46 -33.26 5.72 16.41
CA THR D 46 -31.84 5.51 16.19
C THR D 46 -31.02 6.42 17.10
N ASP D 47 -30.02 5.84 17.75
CA ASP D 47 -29.06 6.59 18.56
C ASP D 47 -27.66 6.10 18.22
N MET D 48 -26.69 7.01 18.31
CA MET D 48 -25.33 6.74 17.88
C MET D 48 -24.34 7.21 18.93
N TYR D 49 -23.22 6.50 19.01
CA TYR D 49 -22.10 6.87 19.88
C TYR D 49 -20.82 6.66 19.10
N VAL D 50 -20.03 7.72 18.96
CA VAL D 50 -18.78 7.67 18.19
C VAL D 50 -17.64 7.31 19.14
N ASN D 51 -17.18 6.07 19.04
CA ASN D 51 -16.06 5.63 19.89
C ASN D 51 -14.80 6.40 19.55
N SER D 52 -14.54 6.61 18.26
CA SER D 52 -13.34 7.33 17.84
C SER D 52 -13.55 7.82 16.41
N PHE D 53 -13.11 9.04 16.15
CA PHE D 53 -13.20 9.63 14.82
C PHE D 53 -11.89 9.37 14.09
N GLY D 54 -11.98 8.68 12.95
CA GLY D 54 -10.80 8.24 12.24
C GLY D 54 -10.13 9.35 11.48
N PRO D 55 -8.99 9.03 10.89
CA PRO D 55 -8.25 10.03 10.11
C PRO D 55 -9.03 10.47 8.88
N VAL D 56 -8.78 11.72 8.48
CA VAL D 56 -9.40 12.30 7.30
C VAL D 56 -8.34 12.39 6.21
N SER D 57 -8.59 11.74 5.09
CA SER D 57 -7.67 11.71 3.96
C SER D 57 -8.16 12.70 2.91
N ASP D 58 -7.47 13.84 2.81
CA ASP D 58 -7.86 14.85 1.82
C ASP D 58 -7.69 14.33 0.41
N THR D 59 -6.61 13.57 0.16
CA THR D 59 -6.35 13.06 -1.18
C THR D 59 -7.48 12.16 -1.65
N GLU D 60 -7.95 11.26 -0.79
CA GLU D 60 -9.02 10.33 -1.13
C GLU D 60 -10.40 10.85 -0.75
N MET D 61 -10.48 12.01 -0.11
CA MET D 61 -11.77 12.62 0.25
C MET D 61 -12.63 11.65 1.05
N GLU D 62 -12.01 10.93 1.99
CA GLU D 62 -12.73 9.98 2.82
C GLU D 62 -12.30 10.15 4.27
N TYR D 63 -13.20 9.78 5.17
CA TYR D 63 -12.93 9.83 6.60
C TYR D 63 -13.46 8.55 7.25
N THR D 64 -12.65 7.97 8.12
CA THR D 64 -13.02 6.76 8.84
C THR D 64 -13.64 7.11 10.18
N ILE D 65 -14.54 6.26 10.65
CA ILE D 65 -15.24 6.48 11.91
C ILE D 65 -15.70 5.13 12.46
N ASP D 66 -15.68 5.02 13.78
CA ASP D 66 -16.15 3.82 14.48
C ASP D 66 -17.27 4.23 15.43
N ILE D 67 -18.40 3.52 15.36
CA ILE D 67 -19.59 3.88 16.11
C ILE D 67 -20.25 2.64 16.68
N PHE D 68 -21.10 2.86 17.67
CA PHE D 68 -21.97 1.84 18.25
C PHE D 68 -23.40 2.16 17.82
N PHE D 69 -23.77 1.68 16.63
CA PHE D 69 -25.09 1.98 16.10
C PHE D 69 -26.16 1.20 16.84
N ALA D 70 -27.22 1.88 17.26
CA ALA D 70 -28.30 1.29 18.01
C ALA D 70 -29.63 1.63 17.36
N GLN D 71 -30.52 0.65 17.29
CA GLN D 71 -31.84 0.80 16.70
C GLN D 71 -32.88 0.21 17.62
N THR D 72 -33.98 0.94 17.82
CA THR D 72 -35.08 0.51 18.66
C THR D 72 -36.37 0.56 17.87
N TRP D 73 -37.20 -0.47 18.03
CA TRP D 73 -38.48 -0.54 17.34
C TRP D 73 -39.45 -1.33 18.22
N LYS D 74 -40.59 -1.71 17.63
CA LYS D 74 -41.64 -2.41 18.34
C LYS D 74 -42.04 -3.66 17.57
N ASP D 75 -42.32 -4.74 18.31
CA ASP D 75 -42.73 -6.00 17.70
C ASP D 75 -43.70 -6.68 18.65
N GLU D 76 -44.97 -6.75 18.26
CA GLU D 76 -45.99 -7.34 19.12
C GLU D 76 -45.82 -8.85 19.25
N ARG D 77 -45.25 -9.50 18.23
CA ARG D 77 -45.12 -10.94 18.23
C ARG D 77 -44.17 -11.46 19.31
N LEU D 78 -43.35 -10.58 19.91
CA LEU D 78 -42.36 -10.99 20.89
C LEU D 78 -42.83 -10.81 22.33
N ARG D 79 -44.11 -10.50 22.52
CA ARG D 79 -44.63 -10.34 23.87
C ARG D 79 -44.46 -11.63 24.66
N PHE D 80 -44.07 -11.49 25.93
CA PHE D 80 -43.87 -12.64 26.79
C PHE D 80 -44.14 -12.23 28.23
N LYS D 81 -44.39 -13.23 29.07
CA LYS D 81 -44.66 -13.04 30.48
C LYS D 81 -43.69 -13.89 31.29
N GLY D 82 -43.04 -13.29 32.28
CA GLY D 82 -42.08 -13.98 33.10
C GLY D 82 -41.61 -13.14 34.26
N PRO D 83 -40.86 -13.75 35.18
CA PRO D 83 -40.38 -13.01 36.35
C PRO D 83 -39.46 -11.84 35.99
N MET D 84 -38.67 -11.97 34.94
CA MET D 84 -37.70 -10.95 34.55
C MET D 84 -38.27 -10.10 33.43
N GLN D 85 -38.14 -8.78 33.57
CA GLN D 85 -38.63 -7.84 32.57
C GLN D 85 -37.65 -7.65 31.41
N ARG D 86 -36.43 -8.15 31.52
CA ARG D 86 -35.42 -8.00 30.48
C ARG D 86 -34.76 -9.35 30.20
N LEU D 87 -34.38 -9.55 28.94
CA LEU D 87 -33.77 -10.80 28.48
C LEU D 87 -32.50 -10.48 27.71
N PRO D 88 -31.38 -10.22 28.40
CA PRO D 88 -30.11 -10.03 27.69
C PRO D 88 -29.77 -11.27 26.87
N LEU D 89 -29.24 -11.03 25.67
CA LEU D 89 -28.93 -12.11 24.74
C LEU D 89 -27.72 -11.69 23.90
N ASN D 90 -27.48 -12.43 22.82
CA ASN D 90 -26.32 -12.21 21.96
C ASN D 90 -26.78 -12.33 20.51
N ASN D 91 -25.82 -12.40 19.60
CA ASN D 91 -26.11 -12.45 18.16
C ASN D 91 -26.80 -13.74 17.74
N LEU D 92 -26.84 -14.76 18.60
CA LEU D 92 -27.41 -16.04 18.19
C LEU D 92 -28.86 -15.90 17.80
N LEU D 93 -29.65 -15.14 18.57
CA LEU D 93 -31.06 -14.96 18.29
C LEU D 93 -31.34 -13.87 17.27
N ALA D 94 -30.34 -13.04 16.93
CA ALA D 94 -30.57 -11.94 16.01
C ALA D 94 -31.00 -12.44 14.63
N SER D 95 -30.35 -13.50 14.14
CA SER D 95 -30.64 -14.02 12.82
C SER D 95 -32.01 -14.68 12.72
N LYS D 96 -32.67 -14.95 13.83
CA LYS D 96 -33.94 -15.67 13.84
C LYS D 96 -35.14 -14.74 13.88
N ILE D 97 -34.95 -13.42 13.83
CA ILE D 97 -36.03 -12.46 13.88
C ILE D 97 -35.82 -11.43 12.78
N TRP D 98 -36.73 -10.46 12.73
CA TRP D 98 -36.71 -9.42 11.71
C TRP D 98 -35.94 -8.20 12.22
N THR D 99 -35.04 -7.68 11.39
CA THR D 99 -34.30 -6.47 11.69
C THR D 99 -34.30 -5.56 10.47
N PRO D 100 -34.23 -4.25 10.67
CA PRO D 100 -34.27 -3.33 9.55
C PRO D 100 -33.03 -3.46 8.67
N ASP D 101 -33.23 -3.19 7.38
CA ASP D 101 -32.15 -3.24 6.39
C ASP D 101 -31.48 -1.89 6.22
N THR D 102 -31.01 -1.33 7.34
CA THR D 102 -30.38 -0.03 7.31
C THR D 102 -29.03 -0.10 6.60
N PHE D 103 -28.70 0.97 5.88
CA PHE D 103 -27.44 1.07 5.17
C PHE D 103 -27.04 2.53 5.03
N PHE D 104 -25.78 2.75 4.71
CA PHE D 104 -25.22 4.09 4.56
C PHE D 104 -25.07 4.42 3.09
N HIS D 105 -25.74 5.48 2.65
CA HIS D 105 -25.72 5.84 1.23
C HIS D 105 -24.32 6.23 0.77
N ASN D 106 -23.59 6.98 1.59
CA ASN D 106 -22.28 7.49 1.23
C ASN D 106 -21.14 6.60 1.72
N GLY D 107 -21.44 5.45 2.31
CA GLY D 107 -20.41 4.56 2.80
C GLY D 107 -19.75 3.77 1.69
N LYS D 108 -18.51 4.12 1.35
CA LYS D 108 -17.80 3.42 0.30
C LYS D 108 -17.53 1.97 0.67
N LYS D 109 -17.12 1.72 1.91
CA LYS D 109 -16.80 0.36 2.34
C LYS D 109 -16.93 0.31 3.86
N SER D 110 -17.90 -0.46 4.33
CA SER D 110 -18.16 -0.62 5.76
C SER D 110 -17.94 -2.08 6.14
N PHE D 111 -17.16 -2.29 7.20
CA PHE D 111 -16.89 -3.62 7.72
C PHE D 111 -17.17 -3.64 9.21
N ALA D 112 -17.61 -4.80 9.70
CA ALA D 112 -17.93 -4.98 11.10
C ALA D 112 -16.76 -5.64 11.83
N HIS D 113 -16.93 -5.80 13.14
CA HIS D 113 -15.92 -6.37 14.01
C HIS D 113 -16.43 -7.72 14.51
N TRP D 114 -15.56 -8.73 14.48
CA TRP D 114 -15.94 -10.10 14.79
C TRP D 114 -15.31 -10.64 16.06
N MET D 115 -13.98 -10.59 16.18
CA MET D 115 -13.32 -11.16 17.35
C MET D 115 -13.52 -10.27 18.57
N THR D 116 -13.60 -10.89 19.74
CA THR D 116 -13.56 -12.34 19.98
C THR D 116 -14.89 -12.98 19.61
N THR D 117 -15.97 -12.24 19.87
CA THR D 117 -17.32 -12.68 19.56
C THR D 117 -18.03 -11.56 18.81
N PRO D 118 -18.89 -11.89 17.84
CA PRO D 118 -19.58 -10.82 17.09
C PRO D 118 -20.19 -9.76 17.99
N ASN D 119 -19.77 -8.52 17.80
CA ASN D 119 -20.17 -7.40 18.66
C ASN D 119 -21.61 -7.01 18.34
N ARG D 120 -22.54 -7.73 18.97
CA ARG D 120 -23.96 -7.46 18.80
C ARG D 120 -24.69 -7.80 20.08
N MET D 121 -25.81 -7.12 20.31
CA MET D 121 -26.64 -7.36 21.48
C MET D 121 -28.10 -7.34 21.05
N LEU D 122 -28.93 -8.06 21.80
CA LEU D 122 -30.36 -8.14 21.52
C LEU D 122 -31.10 -8.23 22.85
N ARG D 123 -31.89 -7.20 23.16
CA ARG D 123 -32.65 -7.14 24.39
C ARG D 123 -34.13 -7.01 24.07
N ILE D 124 -34.96 -7.76 24.81
CA ILE D 124 -36.39 -7.81 24.58
C ILE D 124 -37.11 -7.60 25.89
N TRP D 125 -38.17 -6.81 25.86
CA TRP D 125 -39.02 -6.55 27.02
C TRP D 125 -40.39 -7.17 26.82
N ASN D 126 -41.19 -7.15 27.89
CA ASN D 126 -42.51 -7.77 27.83
C ASN D 126 -43.41 -7.08 26.81
N ASP D 127 -43.35 -5.75 26.74
CA ASP D 127 -44.19 -5.01 25.81
C ASP D 127 -43.82 -5.27 24.36
N GLY D 128 -42.67 -5.89 24.09
CA GLY D 128 -42.23 -6.15 22.74
C GLY D 128 -41.14 -5.21 22.25
N ARG D 129 -40.81 -4.17 23.00
CA ARG D 129 -39.74 -3.27 22.60
C ARG D 129 -38.44 -4.02 22.44
N VAL D 130 -37.70 -3.69 21.39
CA VAL D 130 -36.46 -4.38 21.04
C VAL D 130 -35.34 -3.36 20.93
N LEU D 131 -34.18 -3.71 21.47
CA LEU D 131 -32.98 -2.86 21.41
C LEU D 131 -31.89 -3.66 20.72
N TYR D 132 -31.56 -3.29 19.48
CA TYR D 132 -30.53 -3.95 18.70
C TYR D 132 -29.40 -2.96 18.46
N THR D 133 -28.19 -3.35 18.83
CA THR D 133 -27.01 -2.50 18.70
C THR D 133 -25.94 -3.24 17.92
N LEU D 134 -25.09 -2.46 17.24
CA LEU D 134 -24.08 -3.01 16.36
C LEU D 134 -22.89 -2.07 16.30
N ARG D 135 -21.70 -2.65 16.14
CA ARG D 135 -20.47 -1.89 16.03
C ARG D 135 -19.98 -1.93 14.59
N LEU D 136 -19.64 -0.76 14.05
CA LEU D 136 -19.31 -0.63 12.64
C LEU D 136 -18.14 0.32 12.47
N THR D 137 -17.46 0.17 11.32
CA THR D 137 -16.44 1.10 10.87
C THR D 137 -16.81 1.53 9.46
N ILE D 138 -16.94 2.84 9.25
CA ILE D 138 -17.46 3.39 8.00
C ILE D 138 -16.37 4.21 7.34
N SER D 139 -16.01 3.85 6.11
CA SER D 139 -15.09 4.63 5.29
C SER D 139 -15.92 5.45 4.31
N ALA D 140 -16.52 6.52 4.84
CA ALA D 140 -17.39 7.38 4.04
C ALA D 140 -16.56 8.38 3.23
N GLU D 141 -17.23 9.16 2.41
CA GLU D 141 -16.60 10.16 1.56
C GLU D 141 -17.04 11.56 1.98
N CYS D 142 -16.08 12.48 2.06
CA CYS D 142 -16.30 13.85 2.49
C CYS D 142 -15.84 14.82 1.41
N PRO D 143 -16.72 15.26 0.51
CA PRO D 143 -16.32 16.26 -0.47
C PRO D 143 -15.90 17.56 0.21
N MET D 144 -14.92 18.22 -0.38
CA MET D 144 -14.36 19.44 0.18
C MET D 144 -14.08 20.44 -0.92
N ASP D 145 -14.05 21.71 -0.55
CA ASP D 145 -13.74 22.82 -1.45
C ASP D 145 -12.51 23.52 -0.88
N LEU D 146 -11.34 23.19 -1.42
CA LEU D 146 -10.07 23.75 -0.93
C LEU D 146 -9.76 25.10 -1.56
N GLU D 147 -10.71 26.03 -1.46
CA GLU D 147 -10.49 27.37 -1.98
C GLU D 147 -9.76 28.27 -0.99
N ASP D 148 -10.00 28.10 0.30
CA ASP D 148 -9.32 28.87 1.34
C ASP D 148 -8.29 28.02 2.09
N PHE D 149 -7.79 26.96 1.45
CA PHE D 149 -6.83 26.09 2.10
C PHE D 149 -5.58 26.88 2.47
N PRO D 150 -5.00 26.67 3.66
CA PRO D 150 -5.40 25.73 4.71
C PRO D 150 -6.48 26.27 5.65
N MET D 151 -6.86 27.54 5.54
CA MET D 151 -7.91 28.11 6.39
C MET D 151 -9.27 27.73 5.82
N ASP D 152 -9.61 26.45 5.98
CA ASP D 152 -10.84 25.90 5.42
C ASP D 152 -11.63 25.19 6.52
N GLU D 153 -12.94 25.32 6.46
CA GLU D 153 -13.86 24.62 7.36
C GLU D 153 -14.64 23.61 6.54
N GLN D 154 -14.67 22.36 7.00
CA GLN D 154 -15.29 21.27 6.28
C GLN D 154 -16.48 20.72 7.05
N ASN D 155 -17.47 20.23 6.32
CA ASN D 155 -18.70 19.67 6.87
C ASN D 155 -18.86 18.26 6.31
N CYS D 156 -18.27 17.28 7.00
CA CYS D 156 -18.33 15.90 6.53
C CYS D 156 -19.63 15.26 7.01
N PRO D 157 -20.51 14.82 6.10
CA PRO D 157 -21.79 14.27 6.53
C PRO D 157 -21.76 12.76 6.76
N LEU D 158 -22.89 12.21 7.19
CA LEU D 158 -23.05 10.76 7.35
C LEU D 158 -24.53 10.45 7.17
N LYS D 159 -24.87 9.88 6.02
CA LYS D 159 -26.25 9.61 5.65
C LYS D 159 -26.53 8.11 5.71
N PHE D 160 -27.68 7.75 6.26
CA PHE D 160 -28.10 6.36 6.30
C PHE D 160 -29.62 6.29 6.27
N GLY D 161 -30.13 5.13 5.88
CA GLY D 161 -31.56 4.93 5.79
C GLY D 161 -31.86 3.54 5.29
N SER D 162 -33.16 3.27 5.12
CA SER D 162 -33.60 1.97 4.66
C SER D 162 -33.29 1.79 3.18
N TYR D 163 -33.19 0.53 2.77
CA TYR D 163 -32.90 0.16 1.39
C TYR D 163 -34.14 -0.31 0.64
N ALA D 164 -34.96 -1.16 1.25
CA ALA D 164 -36.11 -1.75 0.58
C ALA D 164 -37.45 -1.29 1.14
N TYR D 165 -37.48 -0.69 2.33
CA TYR D 165 -38.73 -0.29 2.94
C TYR D 165 -38.96 1.19 2.71
N PRO D 166 -39.98 1.59 1.94
CA PRO D 166 -40.20 3.02 1.68
C PRO D 166 -40.58 3.81 2.92
N ASN D 167 -40.80 5.11 2.76
CA ASN D 167 -41.17 5.97 3.86
C ASN D 167 -42.57 5.66 4.40
N SER D 168 -43.38 4.93 3.63
CA SER D 168 -44.73 4.62 4.06
C SER D 168 -44.80 3.41 4.98
N GLU D 169 -43.69 2.71 5.19
CA GLU D 169 -43.65 1.53 6.05
C GLU D 169 -42.70 1.68 7.22
N VAL D 170 -41.52 2.26 7.00
CA VAL D 170 -40.52 2.42 8.04
C VAL D 170 -40.08 3.88 8.07
N VAL D 171 -40.04 4.45 9.27
CA VAL D 171 -39.64 5.84 9.48
C VAL D 171 -38.56 5.88 10.55
N TYR D 172 -37.50 6.63 10.29
CA TYR D 172 -36.40 6.78 11.23
C TYR D 172 -36.49 8.15 11.89
N VAL D 173 -36.46 8.16 13.22
CA VAL D 173 -36.53 9.40 14.00
C VAL D 173 -35.52 9.30 15.13
N TRP D 174 -34.77 10.38 15.34
CA TRP D 174 -33.81 10.41 16.43
C TRP D 174 -34.53 10.39 17.77
N THR D 175 -33.93 9.73 18.75
CA THR D 175 -34.52 9.60 20.08
C THR D 175 -34.05 10.75 20.97
N ASN D 176 -34.98 11.29 21.74
CA ASN D 176 -34.69 12.40 22.66
C ASN D 176 -34.15 13.56 21.83
N GLY D 177 -33.32 14.42 22.45
CA GLY D 177 -32.79 15.57 21.77
C GLY D 177 -31.59 15.23 20.91
N SER D 178 -31.09 16.26 20.22
CA SER D 178 -29.95 16.07 19.32
C SER D 178 -28.70 15.68 20.10
N THR D 179 -28.47 16.30 21.26
CA THR D 179 -27.27 16.00 22.03
C THR D 179 -27.25 14.54 22.48
N LYS D 180 -28.38 14.03 22.96
CA LYS D 180 -28.44 12.64 23.40
C LYS D 180 -28.37 11.69 22.20
N SER D 181 -28.91 12.10 21.05
CA SER D 181 -28.93 11.22 19.89
C SER D 181 -27.52 10.86 19.42
N VAL D 182 -26.62 11.84 19.38
CA VAL D 182 -25.25 11.65 18.92
C VAL D 182 -24.31 12.05 20.05
N VAL D 183 -23.40 11.14 20.40
CA VAL D 183 -22.43 11.36 21.47
C VAL D 183 -21.04 11.04 20.92
N VAL D 184 -20.09 11.91 21.23
CA VAL D 184 -18.70 11.77 20.78
C VAL D 184 -17.81 11.71 22.01
N ALA D 185 -16.98 10.67 22.07
CA ALA D 185 -16.06 10.52 23.19
C ALA D 185 -14.99 11.60 23.15
N GLU D 186 -14.57 12.04 24.35
CA GLU D 186 -13.58 13.10 24.44
C GLU D 186 -12.26 12.66 23.82
N ASP D 187 -11.82 11.43 24.10
CA ASP D 187 -10.55 10.96 23.58
C ASP D 187 -10.64 10.65 22.09
N GLY D 188 -11.82 10.25 21.61
CA GLY D 188 -11.95 9.92 20.20
C GLY D 188 -11.73 11.12 19.30
N SER D 189 -12.26 12.27 19.68
CA SER D 189 -12.15 13.49 18.87
C SER D 189 -10.74 14.08 18.98
N ARG D 190 -9.78 13.33 18.46
CA ARG D 190 -8.38 13.74 18.45
C ARG D 190 -7.81 13.45 17.07
N LEU D 191 -7.71 14.50 16.25
CA LEU D 191 -7.15 14.39 14.91
C LEU D 191 -5.86 15.20 14.84
N ASN D 192 -4.91 14.71 14.04
CA ASN D 192 -3.61 15.35 13.95
C ASN D 192 -3.70 16.73 13.30
N GLN D 193 -4.64 16.93 12.37
CA GLN D 193 -4.69 18.17 11.60
C GLN D 193 -6.11 18.69 11.46
N TYR D 194 -6.97 18.46 12.46
CA TYR D 194 -8.32 18.97 12.42
C TYR D 194 -8.85 19.13 13.85
N HIS D 195 -9.85 19.99 13.99
CA HIS D 195 -10.55 20.21 15.24
C HIS D 195 -12.01 19.85 15.05
N LEU D 196 -12.57 19.07 15.98
CA LEU D 196 -13.98 18.69 15.94
C LEU D 196 -14.77 19.74 16.70
N MET D 197 -15.20 20.78 15.98
CA MET D 197 -15.88 21.90 16.62
C MET D 197 -17.22 21.46 17.21
N GLY D 198 -17.97 20.64 16.49
CA GLY D 198 -19.27 20.22 16.98
C GLY D 198 -19.94 19.26 16.02
N GLN D 199 -21.18 18.91 16.34
CA GLN D 199 -21.96 17.96 15.57
C GLN D 199 -23.36 18.52 15.36
N THR D 200 -24.01 18.03 14.30
CA THR D 200 -25.38 18.41 14.00
C THR D 200 -26.09 17.22 13.36
N VAL D 201 -27.42 17.26 13.39
CA VAL D 201 -28.25 16.20 12.84
C VAL D 201 -29.34 16.82 11.98
N GLY D 202 -29.96 15.99 11.15
CA GLY D 202 -31.00 16.47 10.26
C GLY D 202 -31.75 15.31 9.65
N THR D 203 -32.81 15.65 8.91
CA THR D 203 -33.65 14.67 8.26
C THR D 203 -34.19 15.26 6.96
N GLU D 204 -34.63 14.37 6.07
CA GLU D 204 -35.22 14.79 4.80
C GLU D 204 -35.79 13.55 4.12
N ASN D 205 -36.55 13.80 3.05
CA ASN D 205 -37.15 12.75 2.25
C ASN D 205 -36.63 12.84 0.83
N ILE D 206 -36.54 11.69 0.16
CA ILE D 206 -36.13 11.60 -1.23
C ILE D 206 -37.11 10.71 -1.98
N SER D 207 -37.48 11.14 -3.18
CA SER D 207 -38.41 10.40 -4.03
C SER D 207 -37.63 9.76 -5.17
N THR D 208 -37.86 8.47 -5.40
CA THR D 208 -37.18 7.71 -6.44
C THR D 208 -38.20 6.83 -7.13
N SER D 209 -37.72 5.99 -8.05
CA SER D 209 -38.61 5.11 -8.79
C SER D 209 -39.32 4.13 -7.86
N THR D 210 -38.58 3.57 -6.90
CA THR D 210 -39.18 2.59 -5.99
C THR D 210 -40.14 3.23 -5.00
N GLY D 211 -40.03 4.53 -4.75
CA GLY D 211 -40.90 5.25 -3.84
C GLY D 211 -40.11 6.20 -2.98
N GLU D 212 -40.81 6.83 -2.04
CA GLU D 212 -40.19 7.77 -1.14
C GLU D 212 -39.47 7.06 -0.01
N TYR D 213 -38.37 7.67 0.45
CA TYR D 213 -37.58 7.14 1.55
C TYR D 213 -37.23 8.27 2.51
N THR D 214 -36.99 7.90 3.76
CA THR D 214 -36.57 8.85 4.78
C THR D 214 -35.07 8.75 4.99
N ILE D 215 -34.40 9.89 5.02
CA ILE D 215 -32.95 9.97 5.11
C ILE D 215 -32.58 10.69 6.40
N MET D 216 -31.71 10.08 7.19
CA MET D 216 -31.20 10.67 8.42
C MET D 216 -29.77 11.11 8.18
N THR D 217 -29.51 12.39 8.40
CA THR D 217 -28.22 13.00 8.08
C THR D 217 -27.59 13.58 9.34
N ALA D 218 -26.30 13.31 9.52
CA ALA D 218 -25.51 13.86 10.61
C ALA D 218 -24.25 14.48 10.03
N HIS D 219 -23.96 15.72 10.43
CA HIS D 219 -22.82 16.46 9.94
C HIS D 219 -21.84 16.72 11.07
N PHE D 220 -20.55 16.61 10.76
CA PHE D 220 -19.47 16.91 11.68
C PHE D 220 -18.70 18.11 11.18
N HIS D 221 -18.57 19.13 12.03
CA HIS D 221 -17.86 20.35 11.66
C HIS D 221 -16.38 20.19 11.96
N LEU D 222 -15.55 20.41 10.94
CA LEU D 222 -14.11 20.28 11.04
C LEU D 222 -13.46 21.63 10.75
N LYS D 223 -12.56 22.06 11.62
CA LYS D 223 -11.80 23.29 11.45
C LYS D 223 -10.32 22.93 11.45
N ARG D 224 -9.67 23.11 10.30
CA ARG D 224 -8.27 22.73 10.19
C ARG D 224 -7.41 23.56 11.13
N LYS D 225 -6.50 22.90 11.81
CA LYS D 225 -5.57 23.56 12.73
C LYS D 225 -4.28 23.87 11.98
N ILE D 226 -3.92 25.15 11.98
CA ILE D 226 -2.72 25.57 11.28
C ILE D 226 -1.51 25.42 12.21
N GLY D 227 -0.33 25.30 11.60
CA GLY D 227 0.90 25.15 12.35
C GLY D 227 1.85 24.16 11.73
N TYR D 228 1.32 23.13 11.07
CA TYR D 228 2.18 22.23 10.31
C TYR D 228 2.66 22.87 9.03
N PHE D 229 1.77 23.59 8.33
CA PHE D 229 2.15 24.25 7.09
C PHE D 229 3.02 25.47 7.35
N VAL D 230 2.86 26.11 8.50
CA VAL D 230 3.72 27.24 8.85
C VAL D 230 5.17 26.79 8.96
N ILE D 231 5.40 25.66 9.63
CA ILE D 231 6.75 25.14 9.79
C ILE D 231 7.26 24.46 8.53
N GLN D 232 6.38 24.14 7.58
CA GLN D 232 6.74 23.37 6.40
C GLN D 232 6.87 24.21 5.15
N THR D 233 5.94 25.13 4.91
CA THR D 233 5.89 25.89 3.66
C THR D 233 6.07 27.38 3.86
N TYR D 234 5.36 27.99 4.81
CA TYR D 234 5.38 29.44 4.92
C TYR D 234 6.77 29.95 5.34
N LEU D 235 7.34 29.38 6.40
CA LEU D 235 8.61 29.87 6.90
C LEU D 235 9.73 29.76 5.87
N PRO D 236 9.94 28.62 5.21
CA PRO D 236 10.99 28.56 4.18
C PRO D 236 10.82 29.63 3.11
N CYS D 237 9.59 29.91 2.69
CA CYS D 237 9.37 30.98 1.72
C CYS D 237 9.73 32.34 2.30
N ILE D 238 9.35 32.58 3.57
CA ILE D 238 9.64 33.87 4.19
C ILE D 238 11.13 34.08 4.34
N MET D 239 11.85 33.05 4.80
CA MET D 239 13.29 33.18 4.98
C MET D 239 14.01 33.28 3.63
N THR D 240 13.48 32.61 2.61
CA THR D 240 14.10 32.70 1.29
C THR D 240 14.07 34.12 0.76
N VAL D 241 12.96 34.82 0.96
CA VAL D 241 12.86 36.21 0.51
C VAL D 241 13.89 37.08 1.21
N ILE D 242 14.05 36.89 2.53
CA ILE D 242 15.01 37.67 3.29
C ILE D 242 16.41 37.43 2.75
N LEU D 243 16.71 36.19 2.36
CA LEU D 243 18.04 35.88 1.83
C LEU D 243 18.32 36.68 0.57
N SER D 244 17.33 36.81 -0.32
CA SER D 244 17.54 37.53 -1.57
C SER D 244 17.86 39.00 -1.31
N GLN D 245 17.17 39.61 -0.35
CA GLN D 245 17.37 41.04 -0.10
C GLN D 245 18.80 41.35 0.35
N VAL D 246 19.52 40.36 0.87
CA VAL D 246 20.90 40.60 1.29
C VAL D 246 21.76 41.02 0.12
N SER D 247 21.41 40.58 -1.10
CA SER D 247 22.20 40.94 -2.26
C SER D 247 22.24 42.45 -2.48
N PHE D 248 21.19 43.16 -2.05
CA PHE D 248 21.16 44.60 -2.24
C PHE D 248 22.28 45.29 -1.47
N TRP D 249 22.55 44.84 -0.24
CA TRP D 249 23.59 45.46 0.57
C TRP D 249 24.99 45.22 0.02
N LEU D 250 25.16 44.27 -0.89
CA LEU D 250 26.46 44.01 -1.48
C LEU D 250 26.79 45.06 -2.54
N ASN D 251 28.07 45.14 -2.87
CA ASN D 251 28.55 46.11 -3.85
C ASN D 251 28.18 45.69 -5.26
N ARG D 252 28.01 46.68 -6.14
CA ARG D 252 27.64 46.40 -7.52
C ARG D 252 28.73 45.65 -8.25
N GLU D 253 29.99 46.04 -8.04
CA GLU D 253 31.09 45.42 -8.78
C GLU D 253 31.20 43.93 -8.54
N SER D 254 30.68 43.44 -7.41
CA SER D 254 30.69 42.00 -7.11
C SER D 254 29.53 41.34 -7.86
N VAL D 255 29.70 41.26 -9.18
CA VAL D 255 28.65 40.73 -10.04
C VAL D 255 28.38 39.27 -9.71
N ALA D 256 29.44 38.48 -9.54
CA ALA D 256 29.25 37.05 -9.29
C ALA D 256 28.53 36.81 -7.97
N ALA D 257 28.88 37.55 -6.93
CA ALA D 257 28.27 37.33 -5.62
C ALA D 257 26.76 37.56 -5.66
N ARG D 258 26.34 38.70 -6.19
CA ARG D 258 24.92 39.00 -6.23
C ARG D 258 24.17 38.04 -7.16
N THR D 259 24.85 37.53 -8.19
CA THR D 259 24.21 36.58 -9.09
C THR D 259 23.81 35.30 -8.37
N VAL D 260 24.69 34.81 -7.50
CA VAL D 260 24.42 33.55 -6.81
C VAL D 260 23.17 33.67 -5.96
N PHE D 261 23.02 34.78 -5.22
CA PHE D 261 21.85 34.95 -4.37
C PHE D 261 20.57 34.86 -5.18
N GLY D 262 20.50 35.58 -6.30
CA GLY D 262 19.28 35.60 -7.08
C GLY D 262 18.96 34.26 -7.70
N VAL D 263 19.96 33.60 -8.29
CA VAL D 263 19.72 32.35 -9.00
C VAL D 263 19.31 31.25 -8.03
N THR D 264 20.06 31.10 -6.94
CA THR D 264 19.78 30.01 -6.00
C THR D 264 18.41 30.18 -5.37
N THR D 265 18.06 31.40 -4.98
CA THR D 265 16.77 31.64 -4.33
C THR D 265 15.61 31.32 -5.26
N VAL D 266 15.71 31.71 -6.52
CA VAL D 266 14.62 31.45 -7.47
C VAL D 266 14.38 29.95 -7.61
N LEU D 267 15.46 29.19 -7.75
CA LEU D 267 15.32 27.74 -7.84
C LEU D 267 14.75 27.15 -6.56
N THR D 268 15.17 27.67 -5.41
CA THR D 268 14.66 27.16 -4.13
C THR D 268 13.16 27.34 -4.04
N MET D 269 12.64 28.50 -4.45
CA MET D 269 11.20 28.72 -4.43
C MET D 269 10.48 27.74 -5.35
N THR D 270 11.06 27.48 -6.52
CA THR D 270 10.42 26.59 -7.48
C THR D 270 10.22 25.20 -6.91
N THR D 271 11.25 24.65 -6.26
CA THR D 271 11.15 23.30 -5.72
C THR D 271 10.18 23.23 -4.54
N LEU D 272 10.07 24.30 -3.75
CA LEU D 272 9.13 24.31 -2.65
C LEU D 272 7.70 24.16 -3.14
N SER D 273 7.36 24.85 -4.24
CA SER D 273 6.02 24.73 -4.80
C SER D 273 5.73 23.30 -5.21
N ILE D 274 6.69 22.64 -5.87
CA ILE D 274 6.48 21.27 -6.31
C ILE D 274 6.32 20.34 -5.12
N SER D 275 7.22 20.44 -4.14
CA SER D 275 7.16 19.56 -2.98
C SER D 275 5.91 19.83 -2.15
N ALA D 276 5.54 21.10 -2.00
CA ALA D 276 4.40 21.44 -1.15
C ALA D 276 3.12 20.80 -1.66
N ARG D 277 2.89 20.81 -2.97
CA ARG D 277 1.66 20.29 -3.53
C ARG D 277 1.66 18.78 -3.72
N ASN D 278 2.79 18.11 -3.49
CA ASN D 278 2.80 16.65 -3.61
C ASN D 278 1.86 16.02 -2.60
N SER D 279 1.86 16.51 -1.36
CA SER D 279 0.94 15.99 -0.35
C SER D 279 -0.48 16.49 -0.58
N LEU D 280 -0.62 17.73 -1.05
CA LEU D 280 -1.94 18.29 -1.28
C LEU D 280 -2.65 17.53 -2.40
N PRO D 281 -3.98 17.39 -2.33
CA PRO D 281 -4.70 16.71 -3.42
C PRO D 281 -4.54 17.45 -4.73
N LYS D 282 -4.58 16.68 -5.83
CA LYS D 282 -4.43 17.22 -7.17
C LYS D 282 -5.74 17.92 -7.55
N VAL D 283 -5.84 19.20 -7.20
CA VAL D 283 -7.01 20.02 -7.48
C VAL D 283 -6.64 21.02 -8.55
N ALA D 284 -7.52 21.16 -9.55
CA ALA D 284 -7.26 22.04 -10.69
C ALA D 284 -7.77 23.46 -10.45
N TYR D 285 -7.34 24.04 -9.34
CA TYR D 285 -7.61 25.46 -9.08
C TYR D 285 -6.62 25.96 -8.05
N ALA D 286 -6.49 27.28 -7.97
CA ALA D 286 -5.50 27.91 -7.11
C ALA D 286 -6.01 28.01 -5.69
N THR D 287 -5.12 27.76 -4.73
CA THR D 287 -5.41 27.88 -3.31
C THR D 287 -4.76 29.15 -2.75
N ALA D 288 -5.09 29.44 -1.49
CA ALA D 288 -4.49 30.59 -0.84
C ALA D 288 -2.98 30.43 -0.71
N MET D 289 -2.53 29.21 -0.41
CA MET D 289 -1.10 28.96 -0.29
C MET D 289 -0.39 29.22 -1.61
N ASP D 290 -1.02 28.84 -2.73
CA ASP D 290 -0.40 29.06 -4.04
C ASP D 290 -0.19 30.55 -4.32
N TRP D 291 -1.18 31.37 -3.98
CA TRP D 291 -1.02 32.81 -4.19
C TRP D 291 0.12 33.36 -3.34
N PHE D 292 0.23 32.90 -2.10
CA PHE D 292 1.34 33.34 -1.25
C PHE D 292 2.68 32.96 -1.85
N ILE D 293 2.80 31.73 -2.37
CA ILE D 293 4.04 31.31 -3.00
C ILE D 293 4.34 32.16 -4.22
N ALA D 294 3.32 32.44 -5.04
CA ALA D 294 3.54 33.22 -6.25
C ALA D 294 4.06 34.61 -5.93
N VAL D 295 3.47 35.26 -4.91
CA VAL D 295 3.91 36.59 -4.53
C VAL D 295 5.36 36.55 -4.08
N CYS D 296 5.71 35.57 -3.25
CA CYS D 296 7.10 35.44 -2.82
C CYS D 296 8.01 35.15 -3.99
N TYR D 297 7.52 34.43 -5.00
CA TYR D 297 8.33 34.16 -6.19
C TYR D 297 8.64 35.46 -6.94
N ALA D 298 7.68 36.38 -6.97
CA ALA D 298 7.89 37.65 -7.67
C ALA D 298 8.99 38.46 -7.00
N PHE D 299 9.01 38.50 -5.67
CA PHE D 299 10.01 39.29 -4.96
C PHE D 299 11.42 38.85 -5.32
N VAL D 300 11.70 37.55 -5.20
CA VAL D 300 13.04 37.04 -5.51
C VAL D 300 13.35 37.27 -6.99
N PHE D 301 12.38 37.01 -7.86
CA PHE D 301 12.60 37.25 -9.28
C PHE D 301 12.79 38.74 -9.56
N SER D 302 11.99 39.60 -8.91
CA SER D 302 12.12 41.03 -9.13
C SER D 302 13.49 41.54 -8.68
N ALA D 303 13.99 41.04 -7.55
CA ALA D 303 15.29 41.46 -7.09
C ALA D 303 16.38 41.15 -8.11
N LEU D 304 16.29 39.97 -8.73
CA LEU D 304 17.26 39.61 -9.77
C LEU D 304 17.17 40.57 -10.95
N LEU D 305 15.95 40.94 -11.35
CA LEU D 305 15.79 41.90 -12.44
C LEU D 305 16.41 43.24 -12.08
N GLU D 306 16.26 43.67 -10.82
CA GLU D 306 16.82 44.95 -10.40
C GLU D 306 18.35 44.95 -10.57
N PHE D 307 19.00 43.86 -10.18
CA PHE D 307 20.44 43.79 -10.33
C PHE D 307 20.85 43.85 -11.80
N ALA D 308 20.12 43.15 -12.67
CA ALA D 308 20.45 43.18 -14.09
C ALA D 308 20.30 44.57 -14.66
N PHE D 309 19.21 45.27 -14.30
CA PHE D 309 19.02 46.63 -14.76
C PHE D 309 20.13 47.55 -14.25
N VAL D 310 20.51 47.40 -12.98
CA VAL D 310 21.57 48.23 -12.41
C VAL D 310 22.89 47.98 -13.13
N ASN D 311 23.23 46.71 -13.32
CA ASN D 311 24.49 46.36 -13.98
C ASN D 311 24.50 46.76 -15.44
N TYR D 312 23.34 47.02 -16.03
CA TYR D 312 23.26 47.40 -17.44
C TYR D 312 23.45 48.90 -17.66
N ILE D 313 23.44 49.70 -16.59
CA ILE D 313 23.59 51.15 -16.72
C ILE D 313 24.64 51.66 -15.75
N THR D 314 25.41 50.74 -15.17
CA THR D 314 26.42 51.14 -14.20
C THR D 314 27.58 51.91 -14.83
N LYS D 315 27.68 51.94 -16.16
CA LYS D 315 28.73 52.65 -16.85
C LYS D 315 28.29 54.03 -17.34
N SER D 316 27.18 54.09 -18.08
CA SER D 316 26.76 55.36 -18.68
C SER D 316 26.35 56.36 -17.61
N GLN D 317 25.49 55.96 -16.68
CA GLN D 317 24.96 56.84 -15.64
C GLN D 317 25.07 56.16 -14.29
N PRO D 318 26.28 56.09 -13.72
CA PRO D 318 26.41 55.47 -12.40
C PRO D 318 25.62 56.16 -11.32
N ALA D 319 25.32 57.46 -11.48
CA ALA D 319 24.63 58.19 -10.43
C ALA D 319 23.26 57.60 -10.14
N ARG D 320 22.49 57.28 -11.17
CA ARG D 320 21.15 56.73 -10.96
C ARG D 320 21.20 55.32 -10.38
N ALA D 321 22.24 54.55 -10.73
CA ALA D 321 22.34 53.19 -10.23
C ALA D 321 22.43 53.16 -8.71
N ALA D 322 23.24 54.05 -8.13
CA ALA D 322 23.40 54.07 -6.68
C ALA D 322 22.09 54.38 -5.99
N LYS D 323 21.31 55.33 -6.51
CA LYS D 323 20.04 55.67 -5.90
C LYS D 323 19.08 54.48 -5.92
N ILE D 324 19.04 53.76 -7.03
CA ILE D 324 18.14 52.61 -7.12
C ILE D 324 18.52 51.55 -6.10
N ASP D 325 19.81 51.25 -5.99
CA ASP D 325 20.24 50.22 -5.05
C ASP D 325 19.93 50.61 -3.61
N LYS D 326 20.18 51.87 -3.25
CA LYS D 326 19.86 52.32 -1.90
C LYS D 326 18.37 52.26 -1.62
N MET D 327 17.56 52.68 -2.60
CA MET D 327 16.11 52.68 -2.41
C MET D 327 15.58 51.26 -2.24
N SER D 328 16.12 50.31 -3.00
CA SER D 328 15.61 48.94 -2.94
C SER D 328 15.77 48.34 -1.55
N ARG D 329 16.79 48.76 -0.81
CA ARG D 329 17.00 48.21 0.53
C ARG D 329 15.85 48.51 1.47
N ILE D 330 15.04 49.53 1.16
CA ILE D 330 13.96 49.96 2.02
C ILE D 330 12.60 49.57 1.44
N VAL D 331 12.42 49.73 0.13
CA VAL D 331 11.11 49.51 -0.47
C VAL D 331 10.70 48.04 -0.32
N PHE D 332 11.58 47.12 -0.72
CA PHE D 332 11.19 45.71 -0.76
C PHE D 332 10.78 45.17 0.61
N PRO D 333 11.55 45.37 1.68
CA PRO D 333 11.10 44.84 2.99
C PRO D 333 9.75 45.38 3.41
N ILE D 334 9.46 46.64 3.12
CA ILE D 334 8.19 47.23 3.53
C ILE D 334 7.03 46.55 2.81
N LEU D 335 7.16 46.33 1.50
CA LEU D 335 6.09 45.70 0.74
C LEU D 335 5.82 44.29 1.24
N PHE D 336 6.88 43.52 1.49
CA PHE D 336 6.70 42.16 1.98
C PHE D 336 6.01 42.13 3.32
N GLY D 337 6.39 43.02 4.24
CA GLY D 337 5.72 43.08 5.52
C GLY D 337 4.27 43.50 5.40
N THR D 338 3.98 44.48 4.56
CA THR D 338 2.61 44.91 4.36
C THR D 338 1.75 43.79 3.78
N PHE D 339 2.30 43.03 2.83
CA PHE D 339 1.54 41.98 2.19
C PHE D 339 1.11 40.91 3.20
N ASN D 340 2.01 40.54 4.11
CA ASN D 340 1.68 39.50 5.08
C ASN D 340 0.50 39.91 5.95
N LEU D 341 0.47 41.16 6.40
CA LEU D 341 -0.63 41.62 7.22
C LEU D 341 -1.96 41.49 6.49
N VAL D 342 -1.99 41.90 5.21
CA VAL D 342 -3.23 41.79 4.43
C VAL D 342 -3.61 40.34 4.23
N TYR D 343 -2.63 39.50 3.89
CA TYR D 343 -2.92 38.10 3.60
C TYR D 343 -3.47 37.38 4.83
N TRP D 344 -2.75 37.47 5.94
CA TRP D 344 -3.17 36.76 7.15
C TRP D 344 -4.48 37.33 7.69
N ALA D 345 -4.62 38.66 7.68
CA ALA D 345 -5.84 39.27 8.17
C ALA D 345 -7.05 38.86 7.33
N THR D 346 -6.86 38.77 6.00
CA THR D 346 -7.97 38.46 5.12
C THR D 346 -8.55 37.07 5.41
N TYR D 347 -7.69 36.08 5.63
CA TYR D 347 -8.15 34.72 5.83
C TYR D 347 -8.38 34.36 7.29
N LEU D 348 -7.78 35.09 8.22
CA LEU D 348 -7.96 34.85 9.64
C LEU D 348 -9.04 35.72 10.25
N ASN D 349 -9.72 36.56 9.45
CA ASN D 349 -10.76 37.43 9.97
C ASN D 349 -11.71 37.86 8.86
N ASN E 14 -13.40 -49.03 24.60
CA ASN E 14 -13.17 -48.30 25.84
C ASN E 14 -13.39 -46.81 25.64
N ILE E 15 -12.98 -46.31 24.46
CA ILE E 15 -13.11 -44.89 24.16
C ILE E 15 -14.58 -44.47 24.09
N THR E 16 -15.50 -45.40 23.85
CA THR E 16 -16.90 -45.04 23.69
C THR E 16 -17.48 -44.38 24.93
N ILE E 17 -16.88 -44.61 26.11
CA ILE E 17 -17.38 -43.99 27.33
C ILE E 17 -17.33 -42.48 27.21
N PHE E 18 -16.23 -41.94 26.66
CA PHE E 18 -16.11 -40.49 26.54
C PHE E 18 -17.18 -39.92 25.63
N THR E 19 -17.53 -40.64 24.56
CA THR E 19 -18.56 -40.16 23.64
C THR E 19 -19.90 -39.98 24.34
N ARG E 20 -20.27 -40.93 25.20
CA ARG E 20 -21.53 -40.82 25.92
C ARG E 20 -21.55 -39.60 26.84
N ILE E 21 -20.41 -39.30 27.48
CA ILE E 21 -20.35 -38.18 28.41
C ILE E 21 -20.65 -36.89 27.68
N LEU E 22 -20.06 -36.69 26.50
CA LEU E 22 -20.27 -35.44 25.78
C LEU E 22 -21.73 -35.24 25.43
N ASP E 23 -22.41 -36.30 24.97
CA ASP E 23 -23.82 -36.17 24.61
C ASP E 23 -24.66 -35.81 25.83
N GLY E 24 -24.35 -36.40 26.99
CA GLY E 24 -25.11 -36.09 28.18
C GLY E 24 -25.06 -34.63 28.56
N LEU E 25 -23.86 -34.03 28.49
CA LEU E 25 -23.72 -32.62 28.83
C LEU E 25 -24.53 -31.74 27.88
N LEU E 26 -24.48 -32.03 26.59
CA LEU E 26 -25.20 -31.23 25.61
C LEU E 26 -26.71 -31.35 25.76
N ASP E 27 -27.20 -32.44 26.36
CA ASP E 27 -28.63 -32.61 26.53
C ASP E 27 -29.19 -31.51 27.43
N GLY E 28 -30.26 -30.87 26.96
CA GLY E 28 -30.88 -29.81 27.74
C GLY E 28 -29.94 -28.65 28.01
N TYR E 29 -29.10 -28.31 27.05
CA TYR E 29 -28.13 -27.22 27.19
C TYR E 29 -28.52 -26.09 26.26
N ASP E 30 -28.67 -24.89 26.83
CA ASP E 30 -29.02 -23.70 26.08
C ASP E 30 -27.82 -22.78 26.05
N ASN E 31 -27.18 -22.67 24.88
CA ASN E 31 -25.98 -21.85 24.74
C ASN E 31 -26.29 -20.36 24.80
N ARG E 32 -27.55 -19.97 24.75
CA ARG E 32 -27.94 -18.56 24.78
C ARG E 32 -28.11 -18.02 26.18
N LEU E 33 -28.01 -18.86 27.20
CA LEU E 33 -28.20 -18.45 28.59
C LEU E 33 -26.93 -18.71 29.38
N ARG E 34 -26.46 -17.68 30.08
CA ARG E 34 -25.26 -17.82 30.88
C ARG E 34 -25.53 -18.69 32.12
N PRO E 35 -24.49 -19.33 32.65
CA PRO E 35 -24.70 -20.13 33.87
C PRO E 35 -25.12 -19.26 35.04
N GLY E 36 -25.94 -19.84 35.91
CA GLY E 36 -26.40 -19.11 37.09
C GLY E 36 -27.19 -17.86 36.76
N LEU E 37 -28.06 -17.94 35.75
CA LEU E 37 -28.86 -16.78 35.38
C LEU E 37 -29.92 -16.52 36.43
N GLY E 38 -30.04 -15.26 36.85
CA GLY E 38 -31.04 -14.90 37.85
C GLY E 38 -30.82 -15.51 39.21
N GLU E 39 -29.63 -16.02 39.48
CA GLU E 39 -29.31 -16.65 40.75
C GLU E 39 -28.08 -16.07 41.42
N ARG E 40 -27.08 -15.68 40.64
CA ARG E 40 -25.83 -15.14 41.18
C ARG E 40 -25.15 -14.33 40.09
N ILE E 41 -23.90 -13.97 40.32
CA ILE E 41 -23.11 -13.16 39.38
C ILE E 41 -21.95 -14.02 38.88
N THR E 42 -21.84 -14.12 37.55
CA THR E 42 -20.76 -14.90 36.97
C THR E 42 -19.43 -14.16 37.14
N GLN E 43 -18.37 -14.93 37.37
CA GLN E 43 -17.03 -14.40 37.57
C GLN E 43 -16.09 -15.02 36.55
N VAL E 44 -15.29 -14.18 35.89
CA VAL E 44 -14.40 -14.61 34.83
C VAL E 44 -12.98 -14.17 35.18
N ARG E 45 -12.03 -15.09 35.03
CA ARG E 45 -10.62 -14.84 35.29
C ARG E 45 -9.87 -14.81 33.98
N THR E 46 -9.13 -13.73 33.75
CA THR E 46 -8.45 -13.49 32.48
C THR E 46 -6.94 -13.46 32.70
N ASP E 47 -6.22 -14.17 31.84
CA ASP E 47 -4.77 -14.15 31.81
C ASP E 47 -4.30 -14.00 30.37
N MET E 48 -3.17 -13.33 30.19
CA MET E 48 -2.67 -12.98 28.87
C MET E 48 -1.20 -13.33 28.74
N TYR E 49 -0.79 -13.66 27.52
CA TYR E 49 0.60 -13.90 27.19
C TYR E 49 0.89 -13.26 25.84
N VAL E 50 1.87 -12.36 25.80
CA VAL E 50 2.19 -11.62 24.59
C VAL E 50 3.28 -12.40 23.85
N ASN E 51 2.89 -13.06 22.75
CA ASN E 51 3.85 -13.80 21.96
C ASN E 51 4.87 -12.86 21.32
N SER E 52 4.42 -11.72 20.81
CA SER E 52 5.31 -10.75 20.19
C SER E 52 4.63 -9.40 20.14
N PHE E 53 5.39 -8.35 20.43
CA PHE E 53 4.88 -6.99 20.38
C PHE E 53 5.17 -6.41 19.00
N GLY E 54 4.12 -6.01 18.30
CA GLY E 54 4.25 -5.58 16.93
C GLY E 54 4.81 -4.18 16.80
N PRO E 55 5.05 -3.78 15.57
CA PRO E 55 5.60 -2.44 15.32
C PRO E 55 4.63 -1.35 15.74
N VAL E 56 5.20 -0.21 16.14
CA VAL E 56 4.43 0.96 16.54
C VAL E 56 4.55 2.00 15.44
N SER E 57 3.41 2.39 14.88
CA SER E 57 3.35 3.36 13.79
C SER E 57 2.94 4.71 14.37
N ASP E 58 3.91 5.63 14.48
CA ASP E 58 3.62 6.94 15.01
C ASP E 58 2.66 7.71 14.11
N THR E 59 2.83 7.57 12.79
CA THR E 59 1.97 8.29 11.86
C THR E 59 0.51 7.90 12.03
N GLU E 60 0.24 6.60 12.15
CA GLU E 60 -1.12 6.10 12.32
C GLU E 60 -1.53 5.94 13.77
N MET E 61 -0.61 6.19 14.72
CA MET E 61 -0.93 6.11 16.14
C MET E 61 -1.54 4.76 16.50
N GLU E 62 -0.96 3.69 15.95
CA GLU E 62 -1.44 2.34 16.21
C GLU E 62 -0.25 1.42 16.48
N TYR E 63 -0.51 0.36 17.25
CA TYR E 63 0.50 -0.64 17.55
C TYR E 63 -0.13 -2.02 17.43
N THR E 64 0.59 -2.93 16.78
CA THR E 64 0.13 -4.30 16.61
C THR E 64 0.68 -5.18 17.73
N ILE E 65 -0.09 -6.22 18.07
CA ILE E 65 0.30 -7.12 19.15
C ILE E 65 -0.38 -8.47 18.91
N ASP E 66 0.33 -9.54 19.27
CA ASP E 66 -0.19 -10.90 19.18
C ASP E 66 -0.17 -11.53 20.56
N ILE E 67 -1.30 -12.10 20.98
CA ILE E 67 -1.46 -12.61 22.34
C ILE E 67 -2.19 -13.94 22.31
N PHE E 68 -2.06 -14.67 23.42
CA PHE E 68 -2.82 -15.90 23.67
C PHE E 68 -3.82 -15.58 24.78
N PHE E 69 -4.98 -15.06 24.40
CA PHE E 69 -5.97 -14.66 25.37
C PHE E 69 -6.65 -15.88 25.98
N ALA E 70 -6.73 -15.91 27.30
CA ALA E 70 -7.31 -17.02 28.03
C ALA E 70 -8.36 -16.51 29.01
N GLN E 71 -9.47 -17.23 29.09
CA GLN E 71 -10.58 -16.89 29.97
C GLN E 71 -11.03 -18.12 30.73
N THR E 72 -11.25 -17.96 32.03
CA THR E 72 -11.70 -19.04 32.90
C THR E 72 -12.95 -18.61 33.63
N TRP E 73 -13.93 -19.51 33.72
CA TRP E 73 -15.18 -19.24 34.41
C TRP E 73 -15.72 -20.55 34.98
N LYS E 74 -16.97 -20.53 35.41
CA LYS E 74 -17.61 -21.66 36.05
C LYS E 74 -18.94 -21.95 35.38
N ASP E 75 -19.25 -23.23 35.22
CA ASP E 75 -20.51 -23.65 34.61
C ASP E 75 -20.95 -24.94 35.27
N GLU E 76 -22.03 -24.89 36.04
CA GLU E 76 -22.49 -26.07 36.76
C GLU E 76 -23.09 -27.10 35.82
N ARG E 77 -23.63 -26.67 34.68
CA ARG E 77 -24.29 -27.58 33.76
C ARG E 77 -23.33 -28.57 33.10
N LEU E 78 -22.02 -28.34 33.20
CA LEU E 78 -21.02 -29.18 32.55
C LEU E 78 -20.43 -30.23 33.49
N ARG E 79 -20.98 -30.37 34.70
CA ARG E 79 -20.46 -31.36 35.63
C ARG E 79 -20.58 -32.76 35.03
N PHE E 80 -19.53 -33.56 35.23
CA PHE E 80 -19.49 -34.92 34.70
C PHE E 80 -18.65 -35.78 35.63
N LYS E 81 -18.85 -37.10 35.53
CA LYS E 81 -18.12 -38.08 36.32
C LYS E 81 -17.48 -39.08 35.37
N GLY E 82 -16.18 -39.33 35.56
CA GLY E 82 -15.46 -40.26 34.72
C GLY E 82 -14.06 -40.51 35.23
N PRO E 83 -13.38 -41.50 34.62
CA PRO E 83 -12.02 -41.82 35.08
C PRO E 83 -11.04 -40.67 34.94
N MET E 84 -11.19 -39.83 33.92
CA MET E 84 -10.25 -38.74 33.64
C MET E 84 -10.82 -37.43 34.18
N GLN E 85 -9.97 -36.67 34.88
CA GLN E 85 -10.38 -35.39 35.45
C GLN E 85 -10.31 -34.25 34.44
N ARG E 86 -9.73 -34.48 33.26
CA ARG E 86 -9.59 -33.44 32.25
C ARG E 86 -10.02 -34.00 30.90
N LEU E 87 -10.59 -33.12 30.07
CA LEU E 87 -11.10 -33.48 28.74
C LEU E 87 -10.55 -32.49 27.72
N PRO E 88 -9.32 -32.69 27.25
CA PRO E 88 -8.81 -31.84 26.18
C PRO E 88 -9.68 -31.95 24.94
N LEU E 89 -9.90 -30.82 24.28
CA LEU E 89 -10.79 -30.77 23.12
C LEU E 89 -10.27 -29.68 22.17
N ASN E 90 -11.11 -29.31 21.21
CA ASN E 90 -10.74 -28.35 20.18
C ASN E 90 -11.92 -27.40 19.97
N ASN E 91 -11.86 -26.61 18.90
CA ASN E 91 -12.87 -25.61 18.61
C ASN E 91 -14.23 -26.22 18.24
N LEU E 92 -14.29 -27.53 17.99
CA LEU E 92 -15.54 -28.13 17.55
C LEU E 92 -16.64 -27.96 18.59
N LEU E 93 -16.30 -28.17 19.87
CA LEU E 93 -17.29 -28.06 20.93
C LEU E 93 -17.48 -26.64 21.42
N ALA E 94 -16.61 -25.70 21.03
CA ALA E 94 -16.71 -24.34 21.53
C ALA E 94 -18.02 -23.69 21.10
N SER E 95 -18.43 -23.90 19.85
CA SER E 95 -19.63 -23.28 19.33
C SER E 95 -20.91 -23.83 19.95
N LYS E 96 -20.83 -24.95 20.66
CA LYS E 96 -22.01 -25.61 21.20
C LYS E 96 -22.29 -25.22 22.65
N ILE E 97 -21.52 -24.32 23.24
CA ILE E 97 -21.70 -23.89 24.61
C ILE E 97 -21.66 -22.37 24.68
N TRP E 98 -21.77 -21.85 25.90
CA TRP E 98 -21.80 -20.41 26.14
C TRP E 98 -20.39 -19.90 26.42
N THR E 99 -20.02 -18.81 25.76
CA THR E 99 -18.75 -18.15 25.99
C THR E 99 -18.97 -16.65 26.12
N PRO E 100 -18.13 -15.95 26.88
CA PRO E 100 -18.32 -14.51 27.05
C PRO E 100 -18.10 -13.75 25.75
N ASP E 101 -18.82 -12.63 25.63
CA ASP E 101 -18.71 -11.77 24.45
C ASP E 101 -17.67 -10.67 24.67
N THR E 102 -16.46 -11.08 25.01
CA THR E 102 -15.39 -10.12 25.27
C THR E 102 -14.97 -9.43 23.97
N PHE E 103 -14.61 -8.16 24.09
CA PHE E 103 -14.15 -7.37 22.96
C PHE E 103 -13.23 -6.27 23.46
N PHE E 104 -12.48 -5.69 22.53
CA PHE E 104 -11.51 -4.64 22.82
C PHE E 104 -12.09 -3.30 22.40
N HIS E 105 -12.22 -2.38 23.37
CA HIS E 105 -12.83 -1.09 23.09
C HIS E 105 -11.98 -0.28 22.10
N ASN E 106 -10.67 -0.31 22.25
CA ASN E 106 -9.77 0.49 21.44
C ASN E 106 -9.21 -0.27 20.24
N GLY E 107 -9.68 -1.50 20.01
CA GLY E 107 -9.19 -2.28 18.89
C GLY E 107 -9.80 -1.86 17.57
N LYS E 108 -9.00 -1.19 16.73
CA LYS E 108 -9.51 -0.73 15.44
C LYS E 108 -9.88 -1.91 14.55
N LYS E 109 -9.04 -2.94 14.51
CA LYS E 109 -9.27 -4.08 13.63
C LYS E 109 -8.54 -5.28 14.21
N SER E 110 -9.29 -6.27 14.67
CA SER E 110 -8.73 -7.49 15.24
C SER E 110 -9.11 -8.67 14.37
N PHE E 111 -8.12 -9.49 14.02
CA PHE E 111 -8.34 -10.69 13.23
C PHE E 111 -7.68 -11.87 13.92
N ALA E 112 -8.27 -13.05 13.75
CA ALA E 112 -7.80 -14.27 14.37
C ALA E 112 -6.96 -15.06 13.37
N HIS E 113 -6.40 -16.17 13.84
CA HIS E 113 -5.56 -17.04 13.03
C HIS E 113 -6.28 -18.36 12.82
N TRP E 114 -6.27 -18.85 11.57
CA TRP E 114 -7.05 -20.03 11.19
C TRP E 114 -6.19 -21.23 10.83
N MET E 115 -5.25 -21.09 9.91
CA MET E 115 -4.46 -22.23 9.47
C MET E 115 -3.43 -22.61 10.54
N THR E 116 -3.14 -23.90 10.64
CA THR E 116 -3.71 -25.00 9.86
C THR E 116 -5.11 -25.34 10.37
N THR E 117 -5.28 -25.23 11.68
CA THR E 117 -6.54 -25.48 12.35
C THR E 117 -6.85 -24.31 13.27
N PRO E 118 -8.13 -23.91 13.41
CA PRO E 118 -8.45 -22.77 14.28
C PRO E 118 -7.79 -22.86 15.64
N ASN E 119 -6.99 -21.85 15.97
CA ASN E 119 -6.18 -21.85 17.19
C ASN E 119 -7.09 -21.58 18.39
N ARG E 120 -7.70 -22.65 18.89
CA ARG E 120 -8.57 -22.57 20.05
C ARG E 120 -8.48 -23.87 20.83
N MET E 121 -8.72 -23.77 22.14
CA MET E 121 -8.73 -24.93 23.01
C MET E 121 -9.89 -24.82 23.97
N LEU E 122 -10.37 -25.97 24.44
CA LEU E 122 -11.49 -26.02 25.37
C LEU E 122 -11.26 -27.19 26.32
N ARG E 123 -11.06 -26.88 27.60
CA ARG E 123 -10.82 -27.89 28.63
C ARG E 123 -11.89 -27.79 29.70
N ILE E 124 -12.38 -28.93 30.15
CA ILE E 124 -13.47 -29.02 31.12
C ILE E 124 -13.08 -29.99 32.21
N TRP E 125 -13.37 -29.62 33.46
CA TRP E 125 -13.11 -30.45 34.62
C TRP E 125 -14.43 -30.90 35.23
N ASN E 126 -14.34 -31.82 36.20
CA ASN E 126 -15.53 -32.37 36.82
C ASN E 126 -16.33 -31.29 37.54
N ASP E 127 -15.65 -30.38 38.24
CA ASP E 127 -16.34 -29.34 38.97
C ASP E 127 -17.06 -28.35 38.06
N GLY E 128 -16.79 -28.37 36.76
CA GLY E 128 -17.40 -27.46 35.82
C GLY E 128 -16.51 -26.32 35.38
N ARG E 129 -15.33 -26.17 35.98
CA ARG E 129 -14.41 -25.13 35.56
C ARG E 129 -14.05 -25.30 34.09
N VAL E 130 -14.00 -24.18 33.38
CA VAL E 130 -13.75 -24.18 31.94
C VAL E 130 -12.57 -23.27 31.65
N LEU E 131 -11.69 -23.72 30.75
CA LEU E 131 -10.53 -22.95 30.32
C LEU E 131 -10.62 -22.78 28.81
N TYR E 132 -10.93 -21.56 28.37
CA TYR E 132 -11.05 -21.23 26.95
C TYR E 132 -9.95 -20.25 26.59
N THR E 133 -9.16 -20.59 25.57
CA THR E 133 -8.04 -19.78 25.13
C THR E 133 -8.17 -19.50 23.65
N LEU E 134 -7.62 -18.36 23.23
CA LEU E 134 -7.75 -17.90 21.85
C LEU E 134 -6.53 -17.07 21.49
N ARG E 135 -6.15 -17.14 20.22
CA ARG E 135 -5.03 -16.39 19.68
C ARG E 135 -5.55 -15.25 18.81
N LEU E 136 -5.04 -14.04 19.04
CA LEU E 136 -5.57 -12.86 18.39
C LEU E 136 -4.42 -11.93 18.01
N THR E 137 -4.71 -11.07 17.02
CA THR E 137 -3.83 -9.97 16.64
C THR E 137 -4.65 -8.69 16.69
N ILE E 138 -4.18 -7.72 17.46
CA ILE E 138 -4.94 -6.50 17.76
C ILE E 138 -4.18 -5.32 17.17
N SER E 139 -4.84 -4.57 16.29
CA SER E 139 -4.31 -3.31 15.77
C SER E 139 -4.98 -2.17 16.54
N ALA E 140 -4.52 -1.97 17.77
CA ALA E 140 -5.09 -0.95 18.64
C ALA E 140 -4.50 0.42 18.32
N GLU E 141 -4.99 1.44 19.00
CA GLU E 141 -4.55 2.81 18.81
C GLU E 141 -3.88 3.32 20.08
N CYS E 142 -2.74 4.01 19.90
CA CYS E 142 -1.94 4.52 21.01
C CYS E 142 -1.76 6.02 20.84
N PRO E 143 -2.61 6.84 21.46
CA PRO E 143 -2.39 8.30 21.40
C PRO E 143 -1.08 8.68 22.06
N MET E 144 -0.44 9.70 21.49
CA MET E 144 0.88 10.14 21.96
C MET E 144 0.94 11.66 21.95
N ASP E 145 1.82 12.19 22.78
CA ASP E 145 2.08 13.62 22.87
C ASP E 145 3.55 13.84 22.53
N LEU E 146 3.83 14.22 21.30
CA LEU E 146 5.21 14.38 20.82
C LEU E 146 5.75 15.77 21.15
N GLU E 147 5.68 16.15 22.42
CA GLU E 147 6.21 17.44 22.86
C GLU E 147 7.70 17.38 23.14
N ASP E 148 8.20 16.26 23.66
CA ASP E 148 9.62 16.07 23.93
C ASP E 148 10.26 15.13 22.92
N PHE E 149 9.68 15.00 21.74
CA PHE E 149 10.23 14.10 20.73
C PHE E 149 11.65 14.52 20.38
N PRO E 150 12.58 13.58 20.21
CA PRO E 150 12.44 12.12 20.33
C PRO E 150 12.55 11.60 21.76
N MET E 151 12.91 12.43 22.73
CA MET E 151 13.01 12.00 24.13
C MET E 151 11.61 11.98 24.75
N ASP E 152 10.82 11.00 24.33
CA ASP E 152 9.44 10.87 24.75
C ASP E 152 9.19 9.47 25.29
N GLU E 153 8.37 9.40 26.34
CA GLU E 153 7.93 8.13 26.92
C GLU E 153 6.44 7.98 26.67
N GLN E 154 6.05 6.83 26.13
CA GLN E 154 4.68 6.58 25.73
C GLN E 154 4.07 5.47 26.57
N ASN E 155 2.76 5.56 26.79
CA ASN E 155 2.00 4.60 27.58
C ASN E 155 0.85 4.09 26.71
N CYS E 156 1.12 3.04 25.94
CA CYS E 156 0.11 2.49 25.05
C CYS E 156 -0.79 1.52 25.81
N PRO E 157 -2.10 1.80 25.92
CA PRO E 157 -2.97 0.91 26.70
C PRO E 157 -3.59 -0.21 25.90
N LEU E 158 -4.36 -1.06 26.57
CA LEU E 158 -5.11 -2.14 25.92
C LEU E 158 -6.32 -2.42 26.80
N LYS E 159 -7.50 -1.97 26.35
CA LYS E 159 -8.73 -2.08 27.11
C LYS E 159 -9.64 -3.12 26.47
N PHE E 160 -10.26 -3.94 27.32
CA PHE E 160 -11.22 -4.94 26.86
C PHE E 160 -12.24 -5.18 27.95
N GLY E 161 -13.39 -5.70 27.54
CA GLY E 161 -14.47 -5.98 28.47
C GLY E 161 -15.66 -6.55 27.73
N SER E 162 -16.73 -6.78 28.50
CA SER E 162 -17.93 -7.34 27.94
C SER E 162 -18.67 -6.29 27.11
N TYR E 163 -19.50 -6.78 26.18
CA TYR E 163 -20.29 -5.94 25.28
C TYR E 163 -21.75 -5.85 25.70
N ALA E 164 -22.36 -6.99 26.03
CA ALA E 164 -23.78 -7.03 26.34
C ALA E 164 -24.09 -7.36 27.79
N TYR E 165 -23.13 -7.87 28.55
CA TYR E 165 -23.38 -8.28 29.93
C TYR E 165 -22.90 -7.19 30.87
N PRO E 166 -23.79 -6.51 31.61
CA PRO E 166 -23.34 -5.43 32.50
C PRO E 166 -22.47 -5.92 33.64
N ASN E 167 -22.04 -4.99 34.50
CA ASN E 167 -21.21 -5.33 35.64
C ASN E 167 -21.97 -6.14 36.68
N SER E 168 -23.29 -6.15 36.62
CA SER E 168 -24.09 -6.88 37.60
C SER E 168 -24.23 -8.36 37.28
N GLU E 169 -23.76 -8.80 36.12
CA GLU E 169 -23.85 -10.19 35.69
C GLU E 169 -22.50 -10.84 35.45
N VAL E 170 -21.55 -10.12 34.84
CA VAL E 170 -20.24 -10.65 34.52
C VAL E 170 -19.19 -9.67 35.03
N VAL E 171 -18.19 -10.19 35.72
CA VAL E 171 -17.11 -9.41 36.29
C VAL E 171 -15.79 -10.02 35.87
N TYR E 172 -14.86 -9.18 35.40
CA TYR E 172 -13.54 -9.62 34.97
C TYR E 172 -12.52 -9.26 36.04
N VAL E 173 -11.75 -10.25 36.48
CA VAL E 173 -10.71 -10.05 37.49
C VAL E 173 -9.47 -10.82 37.06
N TRP E 174 -8.31 -10.17 37.18
CA TRP E 174 -7.05 -10.83 36.84
C TRP E 174 -6.77 -11.96 37.82
N THR E 175 -6.17 -13.03 37.31
CA THR E 175 -5.85 -14.19 38.13
C THR E 175 -4.47 -14.06 38.74
N ASN E 176 -4.35 -14.44 40.00
CA ASN E 176 -3.07 -14.37 40.71
C ASN E 176 -2.58 -12.91 40.70
N GLY E 177 -1.27 -12.71 40.77
CA GLY E 177 -0.71 -11.37 40.80
C GLY E 177 -0.60 -10.76 39.42
N SER E 178 -0.15 -9.51 39.40
CA SER E 178 -0.02 -8.79 38.14
C SER E 178 1.01 -9.44 37.22
N THR E 179 2.14 -9.88 37.80
CA THR E 179 3.20 -10.46 36.99
C THR E 179 2.72 -11.73 36.29
N LYS E 180 2.00 -12.59 37.01
CA LYS E 180 1.49 -13.81 36.41
C LYS E 180 0.37 -13.52 35.41
N SER E 181 -0.41 -12.47 35.66
CA SER E 181 -1.54 -12.17 34.79
C SER E 181 -1.08 -11.84 33.38
N VAL E 182 -0.03 -11.03 33.25
CA VAL E 182 0.50 -10.61 31.95
C VAL E 182 1.95 -11.06 31.85
N VAL E 183 2.26 -11.77 30.77
CA VAL E 183 3.60 -12.28 30.53
C VAL E 183 4.03 -11.85 29.12
N VAL E 184 5.26 -11.38 29.00
CA VAL E 184 5.82 -10.93 27.73
C VAL E 184 7.06 -11.77 27.43
N ALA E 185 7.11 -12.35 26.24
CA ALA E 185 8.25 -13.14 25.84
C ALA E 185 9.48 -12.26 25.64
N GLU E 186 10.64 -12.82 25.98
CA GLU E 186 11.88 -12.05 25.86
C GLU E 186 12.16 -11.67 24.42
N ASP E 187 11.96 -12.61 23.48
CA ASP E 187 12.24 -12.32 22.08
C ASP E 187 11.18 -11.42 21.48
N GLY E 188 9.94 -11.49 21.97
CA GLY E 188 8.89 -10.66 21.41
C GLY E 188 9.12 -9.17 21.63
N SER E 189 9.61 -8.80 22.81
CA SER E 189 9.84 -7.40 23.15
C SER E 189 11.11 -6.89 22.47
N ARG E 190 11.06 -6.84 21.14
CA ARG E 190 12.16 -6.35 20.32
C ARG E 190 11.60 -5.41 19.27
N LEU E 191 11.72 -4.11 19.51
CA LEU E 191 11.27 -3.09 18.59
C LEU E 191 12.48 -2.32 18.06
N ASN E 192 12.38 -1.89 16.80
CA ASN E 192 13.50 -1.21 16.16
C ASN E 192 13.78 0.15 16.79
N GLN E 193 12.75 0.83 17.30
CA GLN E 193 12.92 2.20 17.79
C GLN E 193 12.19 2.42 19.11
N TYR E 194 12.09 1.39 19.95
CA TYR E 194 11.46 1.54 21.26
C TYR E 194 12.01 0.50 22.21
N HIS E 195 11.89 0.79 23.50
CA HIS E 195 12.26 -0.12 24.56
C HIS E 195 11.02 -0.43 25.40
N LEU E 196 10.80 -1.71 25.68
CA LEU E 196 9.67 -2.14 26.51
C LEU E 196 10.13 -2.16 27.96
N MET E 197 9.98 -1.02 28.63
CA MET E 197 10.48 -0.89 29.99
C MET E 197 9.73 -1.81 30.95
N GLY E 198 8.42 -1.92 30.80
CA GLY E 198 7.64 -2.75 31.70
C GLY E 198 6.18 -2.74 31.33
N GLN E 199 5.39 -3.40 32.17
CA GLN E 199 3.96 -3.54 31.95
C GLN E 199 3.22 -3.24 33.26
N THR E 200 1.95 -2.85 33.11
CA THR E 200 1.09 -2.58 34.26
C THR E 200 -0.33 -2.98 33.90
N VAL E 201 -1.15 -3.18 34.94
CA VAL E 201 -2.54 -3.57 34.77
C VAL E 201 -3.41 -2.69 35.66
N GLY E 202 -4.71 -2.69 35.37
CA GLY E 202 -5.64 -1.87 36.12
C GLY E 202 -7.07 -2.26 35.82
N THR E 203 -7.99 -1.66 36.56
CA THR E 203 -9.41 -1.93 36.42
C THR E 203 -10.18 -0.65 36.72
N GLU E 204 -11.42 -0.62 36.26
CA GLU E 204 -12.31 0.52 36.50
C GLU E 204 -13.70 0.16 36.00
N ASN E 205 -14.66 0.99 36.36
CA ASN E 205 -16.05 0.85 35.94
C ASN E 205 -16.48 2.05 35.12
N ILE E 206 -17.39 1.82 34.19
CA ILE E 206 -17.95 2.88 33.36
C ILE E 206 -19.47 2.72 33.33
N SER E 207 -20.17 3.85 33.45
CA SER E 207 -21.63 3.87 33.45
C SER E 207 -22.11 4.43 32.12
N THR E 208 -23.05 3.74 31.48
CA THR E 208 -23.59 4.14 30.19
C THR E 208 -25.10 3.95 30.22
N SER E 209 -25.74 4.17 29.07
CA SER E 209 -27.19 4.03 28.99
C SER E 209 -27.61 2.60 29.28
N THR E 210 -26.89 1.62 28.73
CA THR E 210 -27.26 0.23 28.93
C THR E 210 -26.99 -0.26 30.34
N GLY E 211 -26.10 0.41 31.07
CA GLY E 211 -25.78 0.06 32.44
C GLY E 211 -24.29 0.13 32.68
N GLU E 212 -23.89 -0.29 33.87
CA GLU E 212 -22.48 -0.25 34.25
C GLU E 212 -21.74 -1.46 33.68
N TYR E 213 -20.47 -1.25 33.37
CA TYR E 213 -19.62 -2.30 32.84
C TYR E 213 -18.26 -2.24 33.54
N THR E 214 -17.58 -3.38 33.55
CA THR E 214 -16.25 -3.48 34.14
C THR E 214 -15.22 -3.47 33.01
N ILE E 215 -14.17 -2.65 33.18
CA ILE E 215 -13.15 -2.46 32.16
C ILE E 215 -11.82 -2.91 32.73
N MET E 216 -11.12 -3.77 31.99
CA MET E 216 -9.80 -4.25 32.35
C MET E 216 -8.78 -3.55 31.45
N THR E 217 -7.82 -2.86 32.06
CA THR E 217 -6.87 -2.04 31.34
C THR E 217 -5.46 -2.52 31.61
N ALA E 218 -4.66 -2.62 30.55
CA ALA E 218 -3.26 -2.97 30.64
C ALA E 218 -2.44 -1.96 29.85
N HIS E 219 -1.40 -1.42 30.47
CA HIS E 219 -0.56 -0.40 29.87
C HIS E 219 0.84 -0.93 29.65
N PHE E 220 1.44 -0.57 28.53
CA PHE E 220 2.81 -0.91 28.20
C PHE E 220 3.64 0.35 28.13
N HIS E 221 4.73 0.39 28.90
CA HIS E 221 5.61 1.55 28.95
C HIS E 221 6.64 1.45 27.83
N LEU E 222 6.71 2.48 27.00
CA LEU E 222 7.63 2.54 25.88
C LEU E 222 8.57 3.73 26.06
N LYS E 223 9.86 3.48 25.93
CA LYS E 223 10.90 4.51 26.00
C LYS E 223 11.65 4.51 24.69
N ARG E 224 11.52 5.58 23.91
CA ARG E 224 12.15 5.65 22.61
C ARG E 224 13.67 5.60 22.76
N LYS E 225 14.32 4.80 21.90
CA LYS E 225 15.75 4.67 21.90
C LYS E 225 16.33 5.62 20.87
N ILE E 226 17.22 6.50 21.31
CA ILE E 226 17.83 7.48 20.42
C ILE E 226 19.04 6.87 19.74
N GLY E 227 19.39 7.43 18.58
CA GLY E 227 20.53 6.96 17.83
C GLY E 227 20.28 6.94 16.34
N TYR E 228 19.03 6.69 15.93
CA TYR E 228 18.69 6.80 14.52
C TYR E 228 18.60 8.27 14.10
N PHE E 229 18.01 9.11 14.95
CA PHE E 229 17.88 10.53 14.62
C PHE E 229 19.21 11.25 14.74
N VAL E 230 20.10 10.76 15.61
CA VAL E 230 21.43 11.36 15.73
C VAL E 230 22.19 11.21 14.42
N ILE E 231 22.14 10.01 13.83
CA ILE E 231 22.83 9.76 12.57
C ILE E 231 22.09 10.35 11.37
N GLN E 232 20.83 10.73 11.55
CA GLN E 232 20.00 11.17 10.43
C GLN E 232 19.79 12.68 10.40
N THR E 233 19.53 13.31 11.55
CA THR E 233 19.18 14.72 11.60
C THR E 233 20.18 15.56 12.37
N TYR E 234 20.57 15.13 13.57
CA TYR E 234 21.41 15.97 14.42
C TYR E 234 22.79 16.19 13.81
N LEU E 235 23.46 15.12 13.41
CA LEU E 235 24.82 15.25 12.90
C LEU E 235 24.90 16.12 11.66
N PRO E 236 24.07 15.92 10.63
CA PRO E 236 24.14 16.82 9.47
C PRO E 236 23.98 18.28 9.84
N CYS E 237 23.09 18.60 10.78
CA CYS E 237 22.94 19.98 11.23
C CYS E 237 24.20 20.45 11.93
N ILE E 238 24.80 19.60 12.77
CA ILE E 238 26.00 20.01 13.51
C ILE E 238 27.15 20.26 12.55
N MET E 239 27.35 19.36 11.59
CA MET E 239 28.44 19.53 10.64
C MET E 239 28.19 20.71 9.71
N THR E 240 26.93 20.97 9.38
CA THR E 240 26.62 22.12 8.52
C THR E 240 27.04 23.43 9.17
N VAL E 241 26.79 23.56 10.48
CA VAL E 241 27.19 24.77 11.20
C VAL E 241 28.70 24.94 11.15
N ILE E 242 29.45 23.87 11.37
CA ILE E 242 30.90 23.94 11.34
C ILE E 242 31.37 24.40 9.96
N LEU E 243 30.70 23.95 8.91
CA LEU E 243 31.10 24.35 7.56
C LEU E 243 30.97 25.86 7.39
N SER E 244 29.90 26.45 7.90
CA SER E 244 29.70 27.88 7.74
C SER E 244 30.80 28.68 8.41
N GLN E 245 31.22 28.25 9.60
CA GLN E 245 32.23 29.00 10.35
C GLN E 245 33.56 29.08 9.61
N VAL E 246 33.81 28.17 8.67
CA VAL E 246 35.06 28.20 7.92
C VAL E 246 35.16 29.50 7.11
N SER E 247 34.03 30.07 6.73
CA SER E 247 34.05 31.31 5.96
C SER E 247 34.73 32.44 6.71
N PHE E 248 34.67 32.41 8.04
CA PHE E 248 35.28 33.47 8.83
C PHE E 248 36.79 33.50 8.62
N TRP E 249 37.43 32.33 8.59
CA TRP E 249 38.88 32.28 8.43
C TRP E 249 39.34 32.75 7.06
N LEU E 250 38.45 32.84 6.08
CA LEU E 250 38.82 33.32 4.77
C LEU E 250 38.97 34.84 4.76
N ASN E 251 39.64 35.34 3.73
CA ASN E 251 39.90 36.77 3.61
C ASN E 251 38.64 37.51 3.17
N ARG E 252 38.54 38.77 3.57
CA ARG E 252 37.37 39.58 3.23
C ARG E 252 37.28 39.82 1.73
N GLU E 253 38.41 40.09 1.08
CA GLU E 253 38.37 40.43 -0.35
C GLU E 253 37.82 39.30 -1.20
N SER E 254 37.87 38.06 -0.70
CA SER E 254 37.31 36.92 -1.43
C SER E 254 35.80 36.88 -1.19
N VAL E 255 35.12 37.86 -1.81
CA VAL E 255 33.68 38.00 -1.61
C VAL E 255 32.94 36.76 -2.13
N ALA E 256 33.31 36.30 -3.32
CA ALA E 256 32.61 35.16 -3.91
C ALA E 256 32.75 33.91 -3.05
N ALA E 257 33.96 33.66 -2.55
CA ALA E 257 34.20 32.43 -1.79
C ALA E 257 33.33 32.38 -0.54
N ARG E 258 33.34 33.46 0.26
CA ARG E 258 32.55 33.46 1.48
C ARG E 258 31.06 33.43 1.18
N THR E 259 30.65 33.98 0.04
CA THR E 259 29.23 33.96 -0.31
C THR E 259 28.72 32.53 -0.51
N VAL E 260 29.53 31.69 -1.16
CA VAL E 260 29.10 30.32 -1.44
C VAL E 260 28.84 29.56 -0.15
N PHE E 261 29.73 29.70 0.83
CA PHE E 261 29.55 29.00 2.10
C PHE E 261 28.22 29.35 2.73
N GLY E 262 27.92 30.65 2.83
CA GLY E 262 26.70 31.07 3.49
C GLY E 262 25.44 30.62 2.75
N VAL E 263 25.42 30.78 1.44
CA VAL E 263 24.21 30.49 0.67
C VAL E 263 23.94 28.99 0.67
N THR E 264 24.96 28.19 0.37
CA THR E 264 24.75 26.74 0.30
C THR E 264 24.31 26.16 1.63
N THR E 265 24.94 26.62 2.72
CA THR E 265 24.60 26.07 4.03
C THR E 265 23.16 26.38 4.42
N VAL E 266 22.71 27.61 4.14
CA VAL E 266 21.35 27.98 4.49
C VAL E 266 20.34 27.09 3.78
N LEU E 267 20.56 26.87 2.48
CA LEU E 267 19.67 26.00 1.71
C LEU E 267 19.73 24.57 2.24
N THR E 268 20.93 24.10 2.62
CA THR E 268 21.06 22.74 3.13
C THR E 268 20.23 22.55 4.40
N MET E 269 20.26 23.53 5.30
CA MET E 269 19.46 23.43 6.52
C MET E 269 17.98 23.39 6.19
N THR E 270 17.55 24.19 5.21
CA THR E 270 16.14 24.25 4.87
C THR E 270 15.61 22.89 4.42
N THR E 271 16.37 22.21 3.55
CA THR E 271 15.92 20.92 3.04
C THR E 271 15.92 19.85 4.12
N LEU E 272 16.85 19.92 5.07
CA LEU E 272 16.88 18.94 6.16
C LEU E 272 15.60 19.02 6.98
N SER E 273 15.12 20.23 7.25
CA SER E 273 13.88 20.37 8.00
C SER E 273 12.71 19.72 7.27
N ILE E 274 12.63 19.93 5.96
CA ILE E 274 11.53 19.36 5.18
C ILE E 274 11.63 17.84 5.18
N SER E 275 12.82 17.30 4.88
CA SER E 275 12.98 15.86 4.82
C SER E 275 12.80 15.22 6.19
N ALA E 276 13.29 15.87 7.24
CA ALA E 276 13.20 15.28 8.57
C ALA E 276 11.76 15.04 9.00
N ARG E 277 10.88 16.01 8.73
CA ARG E 277 9.50 15.91 9.18
C ARG E 277 8.62 15.07 8.26
N ASN E 278 9.13 14.65 7.11
CA ASN E 278 8.33 13.81 6.22
C ASN E 278 7.97 12.50 6.90
N SER E 279 8.92 11.88 7.59
CA SER E 279 8.64 10.65 8.32
C SER E 279 7.86 10.93 9.60
N LEU E 280 8.12 12.05 10.25
CA LEU E 280 7.44 12.39 11.49
C LEU E 280 5.95 12.63 11.22
N PRO E 281 5.07 12.29 12.15
CA PRO E 281 3.64 12.56 11.95
C PRO E 281 3.37 14.05 11.81
N LYS E 282 2.34 14.36 11.03
CA LYS E 282 1.95 15.76 10.79
C LYS E 282 1.24 16.29 12.03
N VAL E 283 2.05 16.83 12.95
CA VAL E 283 1.55 17.39 14.21
C VAL E 283 1.70 18.90 14.15
N ALA E 284 0.64 19.61 14.54
CA ALA E 284 0.61 21.06 14.47
C ALA E 284 1.14 21.71 15.74
N TYR E 285 2.36 21.32 16.13
CA TYR E 285 3.04 21.99 17.23
C TYR E 285 4.53 21.67 17.11
N ALA E 286 5.34 22.50 17.80
CA ALA E 286 6.78 22.39 17.69
C ALA E 286 7.32 21.31 18.62
N THR E 287 8.30 20.56 18.12
CA THR E 287 8.98 19.54 18.88
C THR E 287 10.36 20.02 19.31
N ALA E 288 11.03 19.22 20.14
CA ALA E 288 12.38 19.55 20.57
C ALA E 288 13.32 19.58 19.38
N MET E 289 13.17 18.63 18.44
CA MET E 289 14.03 18.61 17.27
C MET E 289 13.87 19.88 16.45
N ASP E 290 12.64 20.38 16.33
CA ASP E 290 12.40 21.59 15.56
C ASP E 290 13.14 22.79 16.15
N TRP E 291 13.12 22.92 17.48
CA TRP E 291 13.84 24.02 18.11
C TRP E 291 15.35 23.91 17.84
N PHE E 292 15.89 22.69 17.90
CA PHE E 292 17.30 22.49 17.62
C PHE E 292 17.63 22.91 16.20
N ILE E 293 16.78 22.54 15.24
CA ILE E 293 17.00 22.93 13.84
C ILE E 293 16.94 24.45 13.70
N ALA E 294 15.96 25.09 14.35
CA ALA E 294 15.82 26.52 14.22
C ALA E 294 17.05 27.25 14.74
N VAL E 295 17.58 26.81 15.88
CA VAL E 295 18.77 27.45 16.45
C VAL E 295 19.94 27.31 15.47
N CYS E 296 20.13 26.10 14.94
CA CYS E 296 21.19 25.90 13.96
C CYS E 296 20.97 26.74 12.71
N TYR E 297 19.71 26.96 12.34
CA TYR E 297 19.41 27.81 11.19
C TYR E 297 19.85 29.24 11.44
N ALA E 298 19.69 29.71 12.68
CA ALA E 298 20.09 31.08 13.01
C ALA E 298 21.59 31.28 12.87
N PHE E 299 22.38 30.30 13.32
CA PHE E 299 23.84 30.43 13.26
C PHE E 299 24.32 30.63 11.82
N VAL E 300 23.89 29.74 10.91
CA VAL E 300 24.31 29.86 9.53
C VAL E 300 23.80 31.16 8.92
N PHE E 301 22.53 31.51 9.21
CA PHE E 301 22.00 32.77 8.71
C PHE E 301 22.73 33.96 9.32
N SER E 302 23.02 33.89 10.63
CA SER E 302 23.71 34.99 11.28
C SER E 302 25.11 35.19 10.69
N ALA E 303 25.82 34.09 10.41
CA ALA E 303 27.15 34.22 9.82
C ALA E 303 27.09 34.95 8.49
N LEU E 304 26.08 34.66 7.67
CA LEU E 304 25.93 35.35 6.40
C LEU E 304 25.70 36.84 6.62
N LEU E 305 24.88 37.19 7.61
CA LEU E 305 24.66 38.60 7.91
C LEU E 305 25.95 39.29 8.33
N GLU E 306 26.78 38.59 9.11
CA GLU E 306 28.04 39.18 9.55
C GLU E 306 28.93 39.53 8.36
N PHE E 307 29.00 38.64 7.37
CA PHE E 307 29.81 38.94 6.19
C PHE E 307 29.27 40.15 5.44
N ALA E 308 27.94 40.23 5.29
CA ALA E 308 27.36 41.37 4.59
C ALA E 308 27.66 42.67 5.32
N PHE E 309 27.53 42.67 6.64
CA PHE E 309 27.85 43.87 7.41
C PHE E 309 29.31 44.25 7.27
N VAL E 310 30.21 43.25 7.32
CA VAL E 310 31.64 43.52 7.19
C VAL E 310 31.94 44.09 5.82
N ASN E 311 31.40 43.47 4.76
CA ASN E 311 31.67 43.92 3.41
C ASN E 311 31.06 45.30 3.14
N TYR E 312 30.10 45.73 3.95
CA TYR E 312 29.45 47.02 3.76
C TYR E 312 30.21 48.17 4.40
N ILE E 313 31.22 47.89 5.23
CA ILE E 313 31.98 48.94 5.89
C ILE E 313 33.48 48.69 5.72
N THR E 314 33.83 47.78 4.81
CA THR E 314 35.24 47.46 4.60
C THR E 314 36.02 48.60 3.96
N LYS E 315 35.34 49.64 3.47
CA LYS E 315 36.00 50.78 2.85
C LYS E 315 36.14 51.96 3.79
N SER E 316 35.04 52.38 4.42
CA SER E 316 35.08 53.58 5.26
C SER E 316 35.95 53.37 6.49
N GLN E 317 35.71 52.28 7.23
CA GLN E 317 36.41 51.98 8.47
C GLN E 317 36.89 50.53 8.45
N PRO E 318 37.95 50.26 7.70
CA PRO E 318 38.49 48.88 7.67
C PRO E 318 38.94 48.38 9.05
N ALA E 319 39.32 49.29 9.95
CA ALA E 319 39.86 48.87 11.23
C ALA E 319 38.84 48.06 12.02
N ARG E 320 37.58 48.52 12.06
CA ARG E 320 36.57 47.81 12.83
C ARG E 320 36.20 46.48 12.18
N ALA E 321 36.27 46.41 10.85
CA ALA E 321 35.92 45.16 10.17
C ALA E 321 36.83 44.02 10.59
N ALA E 322 38.13 44.29 10.68
CA ALA E 322 39.07 43.22 11.05
C ALA E 322 38.78 42.69 12.45
N LYS E 323 38.47 43.59 13.40
CA LYS E 323 38.17 43.14 14.76
C LYS E 323 36.94 42.25 14.79
N ILE E 324 35.90 42.62 14.04
CA ILE E 324 34.68 41.82 14.02
C ILE E 324 34.96 40.43 13.48
N ASP E 325 35.71 40.34 12.38
CA ASP E 325 35.99 39.05 11.78
C ASP E 325 36.80 38.17 12.72
N LYS E 326 37.81 38.74 13.37
CA LYS E 326 38.61 37.96 14.31
C LYS E 326 37.77 37.50 15.49
N MET E 327 36.91 38.38 16.01
CA MET E 327 36.09 38.02 17.16
C MET E 327 35.12 36.89 16.82
N SER E 328 34.54 36.94 15.61
CA SER E 328 33.54 35.94 15.23
C SER E 328 34.12 34.54 15.23
N ARG E 329 35.42 34.40 14.95
CA ARG E 329 36.04 33.07 14.92
C ARG E 329 35.98 32.38 16.28
N ILE E 330 35.81 33.15 17.36
CA ILE E 330 35.82 32.61 18.71
C ILE E 330 34.43 32.59 19.32
N VAL E 331 33.64 33.65 19.09
CA VAL E 331 32.35 33.76 19.75
C VAL E 331 31.40 32.65 19.28
N PHE E 332 31.28 32.49 17.96
CA PHE E 332 30.28 31.56 17.44
C PHE E 332 30.51 30.12 17.88
N PRO E 333 31.72 29.56 17.78
CA PRO E 333 31.89 28.17 18.26
C PRO E 333 31.54 27.99 19.72
N ILE E 334 31.84 28.97 20.57
CA ILE E 334 31.57 28.85 21.99
C ILE E 334 30.06 28.78 22.23
N LEU E 335 29.30 29.64 21.57
CA LEU E 335 27.85 29.65 21.77
C LEU E 335 27.23 28.33 21.32
N PHE E 336 27.66 27.81 20.18
CA PHE E 336 27.12 26.54 19.69
C PHE E 336 27.42 25.40 20.66
N GLY E 337 28.64 25.35 21.17
CA GLY E 337 28.98 24.32 22.14
C GLY E 337 28.19 24.45 23.43
N THR E 338 28.03 25.67 23.92
CA THR E 338 27.26 25.89 25.14
C THR E 338 25.80 25.48 24.95
N PHE E 339 25.22 25.79 23.78
CA PHE E 339 23.83 25.48 23.55
C PHE E 339 23.57 23.98 23.59
N ASN E 340 24.49 23.19 23.00
CA ASN E 340 24.28 21.74 22.98
C ASN E 340 24.22 21.18 24.40
N LEU E 341 25.10 21.64 25.28
CA LEU E 341 25.10 21.14 26.65
C LEU E 341 23.76 21.41 27.33
N VAL E 342 23.23 22.62 27.16
CA VAL E 342 21.94 22.95 27.76
C VAL E 342 20.83 22.11 27.16
N TYR E 343 20.84 21.98 25.82
CA TYR E 343 19.76 21.26 25.15
C TYR E 343 19.74 19.79 25.56
N TRP E 344 20.88 19.12 25.44
CA TRP E 344 20.92 17.69 25.76
C TRP E 344 20.69 17.46 27.25
N ALA E 345 21.27 18.29 28.10
CA ALA E 345 21.08 18.13 29.54
C ALA E 345 19.62 18.32 29.92
N THR E 346 18.94 19.29 29.29
CA THR E 346 17.56 19.59 29.66
C THR E 346 16.64 18.39 29.40
N TYR E 347 16.81 17.72 28.26
CA TYR E 347 15.92 16.63 27.88
C TYR E 347 16.42 15.26 28.34
N LEU E 348 17.72 15.12 28.62
CA LEU E 348 18.28 13.86 29.10
C LEU E 348 18.38 13.80 30.62
N ASN E 349 17.92 14.83 31.32
CA ASN E 349 17.99 14.85 32.77
C ASN E 349 16.97 15.82 33.36
#